data_8SM9
#
_entry.id   8SM9
#
_cell.length_a   112.818
_cell.length_b   67.880
_cell.length_c   138.508
_cell.angle_alpha   90.000
_cell.angle_beta   111.740
_cell.angle_gamma   90.000
#
_symmetry.space_group_name_H-M   'P 1 21 1'
#
loop_
_entity.id
_entity.type
_entity.pdbx_description
1 polymer 'Amidohydrolase 2'
2 non-polymer 'FE (III) ION'
3 water water
#
_entity_poly.entity_id   1
_entity_poly.type   'polypeptide(L)'
_entity_poly.pdbx_seq_one_letter_code
;MSETVLSQESAAKKTQFKVIDTDIHHDIASVDDLVPYLSDHWKRYITEYNWKPIKTTPFHQVRSGTKYRGDSFGESKRPP
GSDFELLKKQLLDEHEITYGVLGGWFHEATVATGWFEFAAARAAAYNDYTIEQWLNKDERLLGSITIPADPVAAVREIDR
VGPHPQMVQVMMSIGNFAWGDPRFHPIFEAAERHGLAIGMHLSADITFQGGEFLRYYVAWRAAHPQAYMTQVISLITNGV
FDKYPNLKVALIEGGFEWVPFMMNRMDAAYKGLRQETPWVKRMPSDYFRDNMRFSTQPWHDISAKHFLDIIDMMGSDKML
MFSTDYPHWDFDAPKRTLPPKISDDLKNKILYENARELYNL
;
_entity_poly.pdbx_strand_id   F,B,D,H
#
# COMPACT_ATOMS: atom_id res chain seq x y z
N LYS A 18 -8.98 42.80 -13.75
CA LYS A 18 -7.72 42.82 -12.97
C LYS A 18 -7.53 41.47 -12.24
N VAL A 19 -8.60 40.78 -11.83
CA VAL A 19 -8.33 39.54 -11.09
C VAL A 19 -9.16 38.39 -11.66
N ILE A 20 -8.50 37.26 -11.92
CA ILE A 20 -9.19 35.98 -12.12
C ILE A 20 -8.72 35.02 -11.03
N ASP A 21 -9.65 34.58 -10.20
CA ASP A 21 -9.36 33.68 -9.09
C ASP A 21 -9.53 32.23 -9.53
N THR A 22 -8.45 31.46 -9.49
CA THR A 22 -8.48 30.11 -10.05
C THR A 22 -8.69 29.01 -9.02
N ASP A 23 -8.99 29.35 -7.76
CA ASP A 23 -9.29 28.33 -6.76
C ASP A 23 -10.29 28.87 -5.74
N ILE A 24 -11.57 28.59 -5.96
CA ILE A 24 -12.64 28.93 -5.03
C ILE A 24 -13.40 27.65 -4.70
N HIS A 25 -13.73 27.46 -3.43
CA HIS A 25 -14.27 26.18 -2.96
C HIS A 25 -15.70 26.33 -2.48
N HIS A 26 -16.61 26.51 -3.43
CA HIS A 26 -18.02 26.37 -3.09
C HIS A 26 -18.31 24.94 -2.60
N ASP A 27 -19.42 24.80 -1.89
CA ASP A 27 -19.71 23.51 -1.28
C ASP A 27 -21.22 23.31 -1.28
N ILE A 28 -21.62 22.06 -1.00
CA ILE A 28 -22.98 21.77 -0.59
C ILE A 28 -23.14 22.11 0.89
N ALA A 29 -24.38 22.35 1.32
CA ALA A 29 -24.63 22.61 2.72
C ALA A 29 -24.76 21.32 3.53
N SER A 30 -25.08 20.22 2.86
CA SER A 30 -25.28 18.91 3.44
C SER A 30 -25.60 17.99 2.28
N VAL A 31 -25.42 16.69 2.54
CA VAL A 31 -25.67 15.69 1.53
C VAL A 31 -27.11 15.73 0.98
N ASP A 32 -28.03 16.41 1.66
CA ASP A 32 -29.38 16.51 1.10
C ASP A 32 -29.47 17.44 -0.11
N ASP A 33 -28.45 18.26 -0.36
CA ASP A 33 -28.46 19.04 -1.59
C ASP A 33 -28.33 18.15 -2.81
N LEU A 34 -27.75 16.97 -2.66
CA LEU A 34 -27.59 16.07 -3.81
C LEU A 34 -28.88 15.35 -4.19
N VAL A 35 -29.84 15.19 -3.26
CA VAL A 35 -30.96 14.28 -3.51
C VAL A 35 -31.81 14.73 -4.70
N PRO A 36 -32.12 16.03 -4.89
CA PRO A 36 -32.88 16.40 -6.11
C PRO A 36 -32.20 16.01 -7.41
N TYR A 37 -30.87 15.89 -7.45
CA TYR A 37 -30.17 15.61 -8.70
C TYR A 37 -29.91 14.12 -8.93
N LEU A 38 -30.22 13.24 -7.98
CA LEU A 38 -29.94 11.82 -8.13
C LEU A 38 -31.17 11.06 -8.59
N SER A 39 -30.93 9.95 -9.31
CA SER A 39 -32.03 9.04 -9.62
C SER A 39 -32.61 8.48 -8.33
N ASP A 40 -33.78 7.85 -8.46
CA ASP A 40 -34.43 7.29 -7.27
C ASP A 40 -33.55 6.23 -6.64
N HIS A 41 -32.91 5.38 -7.45
CA HIS A 41 -31.99 4.37 -6.93
C HIS A 41 -30.98 4.98 -5.97
N TRP A 42 -30.27 6.02 -6.41
CA TRP A 42 -29.21 6.58 -5.58
C TRP A 42 -29.73 7.57 -4.54
N LYS A 43 -30.92 8.15 -4.72
CA LYS A 43 -31.49 8.93 -3.64
C LYS A 43 -31.51 8.12 -2.34
N ARG A 44 -31.88 6.84 -2.44
CA ARG A 44 -32.03 5.97 -1.28
C ARG A 44 -30.74 5.86 -0.48
N TYR A 45 -29.58 5.90 -1.17
CA TYR A 45 -28.30 5.81 -0.47
C TYR A 45 -28.12 6.98 0.48
N ILE A 46 -28.73 8.13 0.19
CA ILE A 46 -28.68 9.22 1.14
C ILE A 46 -29.92 9.19 2.04
N THR A 47 -31.06 8.82 1.48
CA THR A 47 -32.30 8.86 2.22
C THR A 47 -32.39 7.74 3.26
N GLU A 48 -32.15 6.50 2.86
CA GLU A 48 -32.35 5.35 3.73
C GLU A 48 -31.05 4.76 4.29
N TYR A 49 -30.02 4.61 3.46
CA TYR A 49 -28.81 3.93 3.87
C TYR A 49 -27.82 4.86 4.57
N ASN A 50 -28.23 6.11 4.79
CA ASN A 50 -27.49 7.15 5.54
C ASN A 50 -26.05 7.33 5.07
N TRP A 51 -25.88 7.58 3.78
CA TRP A 51 -24.53 7.76 3.25
C TRP A 51 -24.01 9.15 3.58
N LYS A 52 -22.72 9.22 3.86
CA LYS A 52 -22.03 10.39 4.30
C LYS A 52 -20.66 10.27 3.64
N PRO A 53 -20.13 11.30 2.99
CA PRO A 53 -18.80 11.17 2.39
C PRO A 53 -17.75 10.91 3.44
N ILE A 54 -16.74 10.15 3.07
CA ILE A 54 -15.63 9.88 3.97
C ILE A 54 -14.40 10.61 3.47
N LYS A 55 -13.62 11.15 4.40
CA LYS A 55 -12.23 11.47 4.16
C LYS A 55 -11.40 10.66 5.15
N THR A 56 -10.15 10.37 4.76
CA THR A 56 -9.29 9.45 5.54
C THR A 56 -8.18 10.17 6.29
N THR A 57 -8.01 11.47 6.06
CA THR A 57 -6.89 12.20 6.70
C THR A 57 -7.07 12.09 8.21
N PRO A 58 -6.04 11.61 8.93
CA PRO A 58 -6.14 11.36 10.36
C PRO A 58 -5.86 12.62 11.19
N PHE A 59 -5.89 13.78 10.55
CA PHE A 59 -5.54 15.03 11.26
C PHE A 59 -6.05 16.24 10.47
N HIS A 60 -5.94 17.43 11.05
CA HIS A 60 -6.32 18.65 10.35
C HIS A 60 -5.71 19.83 11.12
N GLN A 61 -6.04 21.06 10.72
CA GLN A 61 -5.47 22.25 11.34
C GLN A 61 -5.87 22.37 12.81
N VAL A 62 -4.88 22.36 13.69
CA VAL A 62 -5.09 22.48 15.17
C VAL A 62 -5.49 23.93 15.50
N ARG A 63 -6.67 24.32 15.07
CA ARG A 63 -7.10 25.71 15.27
C ARG A 63 -8.62 25.79 15.17
N SER A 64 -9.22 26.68 15.95
CA SER A 64 -10.67 26.89 15.83
C SER A 64 -10.97 27.36 14.42
N GLY A 65 -11.97 26.77 13.76
CA GLY A 65 -12.24 27.12 12.35
C GLY A 65 -11.51 26.17 11.43
N THR A 66 -10.52 25.47 11.97
CA THR A 66 -9.80 24.43 11.19
C THR A 66 -9.26 24.98 9.86
N LYS A 67 -9.80 24.51 8.74
CA LYS A 67 -9.26 24.88 7.43
C LYS A 67 -9.97 26.10 6.84
N TYR A 68 -10.72 26.83 7.65
CA TYR A 68 -11.52 27.93 7.06
C TYR A 68 -11.18 29.27 7.70
N ARG A 69 -11.56 30.36 7.02
CA ARG A 69 -11.34 31.72 7.58
C ARG A 69 -12.37 31.93 8.69
N GLY A 70 -12.00 32.69 9.72
CA GLY A 70 -12.92 32.92 10.85
C GLY A 70 -14.26 33.51 10.45
N ASP A 71 -14.28 34.34 9.40
CA ASP A 71 -15.48 35.06 8.98
C ASP A 71 -16.28 34.32 7.90
N SER A 72 -16.04 33.03 7.70
CA SER A 72 -16.65 32.31 6.56
C SER A 72 -17.90 31.50 6.92
N PHE A 73 -18.19 31.33 8.21
CA PHE A 73 -19.32 30.49 8.61
C PHE A 73 -20.62 31.26 8.72
N GLY A 74 -20.54 32.59 8.88
CA GLY A 74 -21.74 33.37 9.06
C GLY A 74 -22.42 33.06 10.39
N GLU A 75 -23.75 33.18 10.39
CA GLU A 75 -24.53 33.00 11.60
C GLU A 75 -25.62 31.95 11.44
N SER A 76 -25.65 31.23 10.31
CA SER A 76 -26.63 30.17 10.11
C SER A 76 -26.12 28.81 10.53
N LYS A 77 -24.86 28.71 10.98
CA LYS A 77 -24.19 27.40 11.11
C LYS A 77 -24.09 26.76 9.72
N ARG A 78 -24.04 27.58 8.68
CA ARG A 78 -23.91 27.02 7.34
C ARG A 78 -22.46 26.74 6.99
N PRO A 79 -22.20 25.59 6.38
CA PRO A 79 -20.83 25.28 5.94
C PRO A 79 -20.24 26.41 5.10
N PRO A 80 -19.01 26.83 5.40
CA PRO A 80 -18.40 27.93 4.65
C PRO A 80 -18.28 27.60 3.17
N GLY A 81 -18.67 28.55 2.34
CA GLY A 81 -18.66 28.31 0.92
C GLY A 81 -19.89 27.64 0.37
N SER A 82 -20.87 27.31 1.21
CA SER A 82 -22.10 26.71 0.72
C SER A 82 -23.18 27.75 0.53
N ASP A 83 -22.85 29.00 0.82
CA ASP A 83 -23.77 30.14 0.86
C ASP A 83 -23.40 31.06 -0.30
N PHE A 84 -24.15 30.95 -1.40
CA PHE A 84 -23.91 31.80 -2.55
C PHE A 84 -23.80 33.28 -2.17
N GLU A 85 -24.77 33.80 -1.40
CA GLU A 85 -24.78 35.24 -1.14
C GLU A 85 -23.56 35.67 -0.35
N LEU A 86 -23.08 34.86 0.57
CA LEU A 86 -21.89 35.26 1.28
C LEU A 86 -20.66 35.23 0.39
N LEU A 87 -20.56 34.24 -0.48
CA LEU A 87 -19.42 34.16 -1.38
C LEU A 87 -19.40 35.39 -2.27
N LYS A 88 -20.56 35.80 -2.74
CA LYS A 88 -20.63 37.01 -3.55
C LYS A 88 -20.15 38.21 -2.76
N LYS A 89 -20.73 38.45 -1.59
CA LYS A 89 -20.33 39.64 -0.85
C LYS A 89 -18.86 39.55 -0.42
N GLN A 90 -18.47 38.44 0.23
CA GLN A 90 -17.14 38.39 0.86
C GLN A 90 -16.02 38.22 -0.14
N LEU A 91 -16.26 37.55 -1.26
CA LEU A 91 -15.18 37.23 -2.20
C LEU A 91 -15.33 37.97 -3.52
N LEU A 92 -16.38 37.68 -4.31
CA LEU A 92 -16.48 38.28 -5.63
C LEU A 92 -16.56 39.80 -5.52
N ASP A 93 -17.55 40.29 -4.77
CA ASP A 93 -17.72 41.74 -4.60
C ASP A 93 -16.60 42.34 -3.75
N GLU A 94 -16.36 41.78 -2.56
CA GLU A 94 -15.40 42.39 -1.64
C GLU A 94 -14.03 42.58 -2.28
N HIS A 95 -13.52 41.56 -2.97
CA HIS A 95 -12.18 41.66 -3.56
C HIS A 95 -12.23 41.86 -5.08
N GLU A 96 -13.38 42.25 -5.62
CA GLU A 96 -13.47 42.76 -6.98
C GLU A 96 -13.03 41.72 -8.01
N ILE A 97 -13.48 40.49 -7.83
CA ILE A 97 -13.03 39.41 -8.69
C ILE A 97 -13.74 39.48 -10.03
N THR A 98 -12.96 39.50 -11.12
CA THR A 98 -13.53 39.53 -12.45
C THR A 98 -14.10 38.16 -12.83
N TYR A 99 -13.33 37.09 -12.59
CA TYR A 99 -13.79 35.73 -12.85
C TYR A 99 -13.29 34.80 -11.75
N GLY A 100 -14.18 33.95 -11.25
CA GLY A 100 -13.83 32.91 -10.30
C GLY A 100 -14.08 31.53 -10.88
N VAL A 101 -13.07 30.68 -10.79
CA VAL A 101 -13.15 29.29 -11.24
C VAL A 101 -13.52 28.46 -10.02
N LEU A 102 -14.80 28.11 -9.91
CA LEU A 102 -15.26 27.29 -8.79
C LEU A 102 -14.59 25.91 -8.83
N GLY A 103 -13.91 25.53 -7.76
CA GLY A 103 -13.28 24.23 -7.71
C GLY A 103 -14.05 23.20 -6.92
N GLY A 104 -15.06 23.66 -6.18
CA GLY A 104 -15.86 22.80 -5.36
C GLY A 104 -15.10 22.14 -4.23
N TRP A 105 -15.81 21.35 -3.46
CA TRP A 105 -15.22 20.51 -2.44
C TRP A 105 -15.72 19.09 -2.60
N PHE A 106 -15.63 18.59 -3.83
CA PHE A 106 -16.28 17.33 -4.17
C PHE A 106 -15.29 16.26 -4.60
N HIS A 107 -14.01 16.40 -4.25
CA HIS A 107 -13.02 15.42 -4.63
C HIS A 107 -13.33 14.00 -4.12
N GLU A 108 -14.26 13.87 -3.16
CA GLU A 108 -14.56 12.55 -2.61
C GLU A 108 -15.06 11.60 -3.68
N ALA A 109 -15.82 12.12 -4.65
CA ALA A 109 -16.36 11.22 -5.67
C ALA A 109 -15.23 10.69 -6.55
N THR A 110 -14.26 11.56 -6.84
CA THR A 110 -13.17 11.21 -7.76
C THR A 110 -12.16 10.28 -7.12
N VAL A 111 -11.90 10.45 -5.83
CA VAL A 111 -10.89 9.63 -5.17
C VAL A 111 -11.53 8.50 -4.39
N ALA A 112 -12.83 8.27 -4.60
CA ALA A 112 -13.54 7.14 -4.00
C ALA A 112 -12.73 5.86 -4.17
N THR A 113 -12.81 5.00 -3.14
CA THR A 113 -12.09 3.73 -3.11
C THR A 113 -13.01 2.54 -3.19
N GLY A 114 -14.28 2.76 -3.47
CA GLY A 114 -15.26 1.70 -3.57
C GLY A 114 -16.61 2.34 -3.80
N TRP A 115 -17.60 1.51 -4.13
CA TRP A 115 -18.92 2.02 -4.51
C TRP A 115 -18.79 3.02 -5.66
N PHE A 116 -18.19 2.54 -6.75
CA PHE A 116 -17.82 3.42 -7.86
C PHE A 116 -19.05 3.85 -8.68
N GLU A 117 -19.96 2.92 -8.94
CA GLU A 117 -21.21 3.25 -9.63
C GLU A 117 -21.91 4.42 -8.96
N PHE A 118 -22.06 4.36 -7.64
CA PHE A 118 -22.65 5.48 -6.92
C PHE A 118 -21.77 6.74 -7.07
N ALA A 119 -20.44 6.57 -7.05
CA ALA A 119 -19.56 7.73 -7.18
C ALA A 119 -19.77 8.47 -8.50
N ALA A 120 -19.96 7.73 -9.61
CA ALA A 120 -20.30 8.40 -10.86
C ALA A 120 -21.57 9.23 -10.71
N ALA A 121 -22.62 8.65 -10.12
CA ALA A 121 -23.88 9.36 -9.93
C ALA A 121 -23.69 10.64 -9.13
N ARG A 122 -22.85 10.60 -8.09
CA ARG A 122 -22.65 11.80 -7.31
C ARG A 122 -21.94 12.87 -8.15
N ALA A 123 -20.96 12.45 -8.94
CA ALA A 123 -20.25 13.37 -9.81
C ALA A 123 -21.21 14.18 -10.66
N ALA A 124 -22.12 13.50 -11.35
CA ALA A 124 -23.15 14.23 -12.09
C ALA A 124 -23.96 15.13 -11.17
N ALA A 125 -24.38 14.64 -9.99
CA ALA A 125 -25.23 15.45 -9.12
C ALA A 125 -24.48 16.66 -8.61
N TYR A 126 -23.18 16.51 -8.33
CA TYR A 126 -22.37 17.67 -7.96
C TYR A 126 -22.37 18.71 -9.09
N ASN A 127 -22.15 18.27 -10.34
CA ASN A 127 -22.12 19.21 -11.47
C ASN A 127 -23.47 19.88 -11.68
N ASP A 128 -24.56 19.09 -11.59
CA ASP A 128 -25.92 19.62 -11.60
C ASP A 128 -26.12 20.69 -10.52
N TYR A 129 -25.54 20.47 -9.35
CA TYR A 129 -25.63 21.43 -8.27
C TYR A 129 -24.88 22.71 -8.64
N THR A 130 -23.68 22.58 -9.16
CA THR A 130 -22.88 23.74 -9.47
C THR A 130 -23.50 24.54 -10.60
N ILE A 131 -24.01 23.85 -11.59
CA ILE A 131 -24.65 24.54 -12.71
C ILE A 131 -25.88 25.29 -12.23
N GLU A 132 -26.77 24.58 -11.56
CA GLU A 132 -28.10 25.15 -11.29
C GLU A 132 -28.06 26.21 -10.19
N GLN A 133 -27.22 26.03 -9.18
CA GLN A 133 -27.23 26.91 -8.03
C GLN A 133 -26.01 27.82 -7.92
N TRP A 134 -25.06 27.73 -8.83
CA TRP A 134 -23.92 28.64 -8.75
C TRP A 134 -23.61 29.33 -10.07
N LEU A 135 -23.25 28.55 -11.09
CA LEU A 135 -22.92 29.14 -12.38
C LEU A 135 -24.08 29.95 -12.94
N ASN A 136 -25.30 29.43 -12.83
CA ASN A 136 -26.45 30.09 -13.42
C ASN A 136 -26.96 31.24 -12.56
N LYS A 137 -26.22 31.64 -11.53
CA LYS A 137 -26.64 32.70 -10.65
C LYS A 137 -25.69 33.89 -10.62
N ASP A 138 -24.52 33.76 -11.24
CA ASP A 138 -23.57 34.88 -11.35
C ASP A 138 -22.67 34.72 -12.56
N GLU A 139 -22.51 35.77 -13.33
CA GLU A 139 -21.71 35.72 -14.56
C GLU A 139 -20.21 35.75 -14.35
N ARG A 140 -19.77 36.17 -13.19
CA ARG A 140 -18.36 36.15 -12.91
C ARG A 140 -17.88 34.76 -12.51
N LEU A 141 -18.78 33.79 -12.51
CA LEU A 141 -18.41 32.45 -12.07
C LEU A 141 -18.17 31.44 -13.16
N LEU A 142 -17.18 30.60 -12.95
CA LEU A 142 -16.89 29.54 -13.88
C LEU A 142 -16.85 28.25 -13.09
N GLY A 143 -16.90 27.11 -13.76
CA GLY A 143 -17.02 25.86 -13.08
C GLY A 143 -16.00 24.84 -13.53
N SER A 144 -15.74 23.89 -12.64
CA SER A 144 -14.99 22.69 -12.94
C SER A 144 -15.93 21.51 -12.96
N ILE A 145 -15.64 20.54 -13.78
CA ILE A 145 -16.44 19.34 -13.89
C ILE A 145 -15.89 18.30 -12.92
N THR A 146 -16.76 17.86 -11.99
CA THR A 146 -16.46 16.74 -11.12
C THR A 146 -16.64 15.44 -11.89
N ILE A 147 -15.71 14.50 -11.73
CA ILE A 147 -15.74 13.25 -12.49
C ILE A 147 -15.51 12.05 -11.57
N PRO A 148 -16.06 10.88 -11.89
CA PRO A 148 -15.53 9.67 -11.29
C PRO A 148 -14.19 9.34 -11.94
N ALA A 149 -13.42 8.50 -11.26
CA ALA A 149 -12.11 8.11 -11.77
C ALA A 149 -12.24 7.21 -13.00
N ASP A 150 -13.26 6.36 -13.03
CA ASP A 150 -13.47 5.46 -14.16
C ASP A 150 -13.51 6.26 -15.46
N PRO A 151 -12.61 5.98 -16.41
CA PRO A 151 -12.54 6.81 -17.62
C PRO A 151 -13.79 6.74 -18.51
N VAL A 152 -14.51 5.61 -18.57
CA VAL A 152 -15.70 5.54 -19.44
C VAL A 152 -16.76 6.54 -18.97
N ALA A 153 -17.10 6.48 -17.66
CA ALA A 153 -18.13 7.33 -17.08
C ALA A 153 -17.66 8.77 -16.91
N ALA A 154 -16.34 8.98 -16.73
CA ALA A 154 -15.80 10.34 -16.77
C ALA A 154 -16.01 10.99 -18.15
N VAL A 155 -15.83 10.23 -19.24
CA VAL A 155 -16.09 10.79 -20.56
C VAL A 155 -17.57 11.09 -20.72
N ARG A 156 -18.42 10.17 -20.24
CA ARG A 156 -19.86 10.38 -20.28
C ARG A 156 -20.26 11.68 -19.58
N GLU A 157 -19.64 11.96 -18.43
CA GLU A 157 -20.00 13.17 -17.70
C GLU A 157 -19.48 14.42 -18.38
N ILE A 158 -18.25 14.36 -18.92
CA ILE A 158 -17.71 15.53 -19.62
C ILE A 158 -18.59 15.85 -20.84
N ASP A 159 -18.99 14.82 -21.58
CA ASP A 159 -19.87 15.03 -22.71
C ASP A 159 -21.18 15.67 -22.28
N ARG A 160 -21.68 15.31 -21.11
CA ARG A 160 -23.00 15.77 -20.69
C ARG A 160 -22.95 17.23 -20.24
N VAL A 161 -21.97 17.62 -19.42
CA VAL A 161 -21.95 18.96 -18.84
C VAL A 161 -20.86 19.86 -19.41
N GLY A 162 -19.86 19.31 -20.12
CA GLY A 162 -18.84 20.12 -20.73
C GLY A 162 -19.33 21.20 -21.66
N PRO A 163 -20.38 20.96 -22.43
CA PRO A 163 -20.95 22.02 -23.25
C PRO A 163 -21.57 23.16 -22.48
N HIS A 164 -21.61 23.12 -21.15
CA HIS A 164 -22.12 24.28 -20.44
C HIS A 164 -21.18 25.45 -20.68
N PRO A 165 -21.69 26.63 -21.06
CA PRO A 165 -20.81 27.72 -21.49
C PRO A 165 -19.87 28.23 -20.42
N GLN A 166 -20.15 28.00 -19.15
CA GLN A 166 -19.30 28.50 -18.10
C GLN A 166 -18.36 27.46 -17.52
N MET A 167 -18.35 26.25 -18.07
CA MET A 167 -17.49 25.19 -17.55
C MET A 167 -16.22 25.20 -18.37
N VAL A 168 -15.09 25.47 -17.71
CA VAL A 168 -13.82 25.71 -18.38
C VAL A 168 -12.78 24.63 -18.07
N GLN A 169 -13.10 23.70 -17.20
CA GLN A 169 -12.09 22.87 -16.58
C GLN A 169 -12.67 21.49 -16.24
N VAL A 170 -11.91 20.43 -16.51
CA VAL A 170 -12.19 19.11 -15.94
C VAL A 170 -11.33 18.98 -14.69
N MET A 171 -11.97 18.71 -13.54
CA MET A 171 -11.26 18.57 -12.26
C MET A 171 -10.71 17.17 -12.10
N MET A 172 -9.40 17.02 -12.29
CA MET A 172 -8.76 15.70 -12.06
C MET A 172 -8.19 15.73 -10.64
N SER A 173 -9.05 15.44 -9.67
CA SER A 173 -8.67 15.50 -8.25
C SER A 173 -7.47 14.59 -7.96
N ILE A 174 -6.47 15.11 -7.25
CA ILE A 174 -5.22 14.35 -7.00
C ILE A 174 -5.35 13.41 -5.80
N GLY A 175 -5.37 12.11 -6.07
CA GLY A 175 -5.34 11.13 -5.01
C GLY A 175 -4.09 10.26 -5.03
N ASN A 176 -4.26 8.96 -4.83
CA ASN A 176 -3.11 8.06 -4.74
C ASN A 176 -2.90 7.27 -6.02
N PHE A 177 -3.14 7.90 -7.15
CA PHE A 177 -2.83 7.33 -8.44
C PHE A 177 -2.29 8.46 -9.31
N ALA A 178 -1.87 8.12 -10.53
CA ALA A 178 -1.25 9.04 -11.47
C ALA A 178 -2.17 9.20 -12.67
N TRP A 179 -2.61 10.43 -12.93
CA TRP A 179 -3.55 10.66 -14.03
C TRP A 179 -2.92 10.50 -15.41
N GLY A 180 -1.60 10.67 -15.54
CA GLY A 180 -1.01 10.45 -16.85
C GLY A 180 -1.06 9.03 -17.35
N ASP A 181 -1.51 8.09 -16.55
CA ASP A 181 -1.57 6.70 -16.99
C ASP A 181 -2.40 6.60 -18.27
N PRO A 182 -1.94 5.85 -19.27
CA PRO A 182 -2.75 5.63 -20.48
C PRO A 182 -4.17 5.23 -20.19
N ARG A 183 -4.40 4.57 -19.06
CA ARG A 183 -5.77 4.27 -18.65
C ARG A 183 -6.68 5.49 -18.79
N PHE A 184 -6.16 6.67 -18.44
CA PHE A 184 -6.98 7.87 -18.30
C PHE A 184 -7.00 8.74 -19.54
N HIS A 185 -6.21 8.41 -20.56
CA HIS A 185 -6.12 9.26 -21.74
C HIS A 185 -7.46 9.55 -22.41
N PRO A 186 -8.45 8.65 -22.43
CA PRO A 186 -9.77 9.07 -22.91
C PRO A 186 -10.37 10.28 -22.20
N ILE A 187 -10.04 10.53 -20.93
CA ILE A 187 -10.54 11.74 -20.28
C ILE A 187 -9.82 12.96 -20.81
N PHE A 188 -8.49 12.89 -20.92
CA PHE A 188 -7.72 13.97 -21.52
C PHE A 188 -8.25 14.33 -22.91
N GLU A 189 -8.43 13.34 -23.77
CA GLU A 189 -8.96 13.60 -25.11
C GLU A 189 -10.33 14.26 -25.06
N ALA A 190 -11.19 13.82 -24.14
CA ALA A 190 -12.54 14.35 -24.12
C ALA A 190 -12.55 15.79 -23.67
N ALA A 191 -11.61 16.16 -22.79
CA ALA A 191 -11.46 17.57 -22.43
C ALA A 191 -11.05 18.40 -23.63
N GLU A 192 -10.04 17.92 -24.36
CA GLU A 192 -9.56 18.72 -25.47
C GLU A 192 -10.62 18.82 -26.57
N ARG A 193 -11.31 17.72 -26.84
CA ARG A 193 -12.38 17.75 -27.84
C ARG A 193 -13.48 18.75 -27.47
N HIS A 194 -13.68 19.01 -26.17
CA HIS A 194 -14.71 19.95 -25.72
C HIS A 194 -14.17 21.35 -25.44
N GLY A 195 -12.89 21.61 -25.69
CA GLY A 195 -12.28 22.89 -25.37
C GLY A 195 -12.03 23.15 -23.90
N LEU A 196 -11.92 22.12 -23.08
CA LEU A 196 -11.75 22.25 -21.64
C LEU A 196 -10.30 22.00 -21.24
N ALA A 197 -9.83 22.76 -20.24
CA ALA A 197 -8.54 22.49 -19.62
C ALA A 197 -8.66 21.41 -18.56
N ILE A 198 -7.52 21.03 -17.98
CA ILE A 198 -7.48 20.13 -16.83
C ILE A 198 -7.10 20.96 -15.60
N GLY A 199 -7.97 20.92 -14.57
CA GLY A 199 -7.57 21.33 -13.24
C GLY A 199 -7.07 20.13 -12.44
N MET A 200 -6.16 20.38 -11.51
CA MET A 200 -5.61 19.32 -10.64
C MET A 200 -5.40 19.88 -9.23
N HIS A 201 -6.20 19.39 -8.28
CA HIS A 201 -6.23 19.91 -6.92
C HIS A 201 -6.08 18.76 -5.93
N LEU A 202 -5.34 18.99 -4.84
CA LEU A 202 -5.17 17.93 -3.85
C LEU A 202 -6.52 17.45 -3.32
N SER A 203 -6.55 16.20 -2.88
CA SER A 203 -7.57 15.58 -2.06
C SER A 203 -7.15 15.62 -0.61
N ALA A 204 -8.11 15.31 0.25
CA ALA A 204 -7.76 15.06 1.64
C ALA A 204 -6.99 13.76 1.80
N ASP A 205 -6.99 12.89 0.78
CA ASP A 205 -6.66 11.47 0.94
C ASP A 205 -5.26 11.09 0.46
N ILE A 206 -4.43 12.07 0.07
CA ILE A 206 -3.06 11.77 -0.39
C ILE A 206 -2.23 11.17 0.74
N THR A 207 -1.50 10.10 0.43
CA THR A 207 -0.45 9.60 1.32
C THR A 207 0.90 9.63 0.58
N PHE A 208 1.96 9.07 1.20
CA PHE A 208 3.29 9.10 0.61
C PHE A 208 3.92 7.72 0.70
N GLN A 209 5.25 7.63 0.79
CA GLN A 209 5.93 6.33 0.77
C GLN A 209 5.41 5.42 1.86
N GLY A 210 5.17 4.16 1.51
CA GLY A 210 4.55 3.26 2.45
C GLY A 210 3.11 3.58 2.74
N GLY A 211 2.52 4.51 1.99
CA GLY A 211 1.16 4.92 2.28
C GLY A 211 0.97 5.53 3.65
N GLU A 212 2.00 6.15 4.20
CA GLU A 212 1.79 6.79 5.49
C GLU A 212 1.43 8.26 5.34
N PHE A 213 0.83 8.80 6.41
CA PHE A 213 0.33 10.16 6.47
C PHE A 213 1.30 11.11 7.14
N LEU A 214 2.35 10.59 7.81
CA LEU A 214 3.41 11.39 8.42
C LEU A 214 3.01 12.06 9.73
N ARG A 215 2.09 11.44 10.49
CA ARG A 215 1.86 11.68 11.92
C ARG A 215 1.16 12.99 12.28
N TYR A 216 1.47 14.07 11.58
CA TYR A 216 0.98 15.40 11.93
C TYR A 216 0.52 16.10 10.67
N TYR A 217 -0.63 16.75 10.73
CA TYR A 217 -1.09 17.51 9.58
C TYR A 217 -0.03 18.50 9.12
N VAL A 218 0.79 19.02 10.04
CA VAL A 218 1.77 20.00 9.62
C VAL A 218 2.81 19.35 8.71
N ALA A 219 3.20 18.11 8.98
CA ALA A 219 4.02 17.35 8.05
C ALA A 219 3.28 17.06 6.74
N TRP A 220 2.02 16.65 6.82
CA TRP A 220 1.28 16.28 5.62
C TRP A 220 1.13 17.48 4.69
N ARG A 221 0.80 18.64 5.27
CA ARG A 221 0.82 19.89 4.52
C ARG A 221 2.15 20.08 3.80
N ALA A 222 3.25 19.89 4.52
CA ALA A 222 4.56 20.11 3.93
C ALA A 222 4.83 19.16 2.77
N ALA A 223 4.20 17.99 2.74
CA ALA A 223 4.57 16.98 1.77
C ALA A 223 3.67 16.93 0.55
N HIS A 224 2.42 17.39 0.64
CA HIS A 224 1.57 17.07 -0.51
C HIS A 224 1.93 17.77 -1.82
N PRO A 225 2.85 18.76 -1.88
CA PRO A 225 3.34 19.15 -3.21
C PRO A 225 3.97 18.01 -3.99
N GLN A 226 4.57 17.02 -3.30
CA GLN A 226 5.13 15.85 -3.96
C GLN A 226 4.13 15.18 -4.90
N ALA A 227 2.85 15.14 -4.51
CA ALA A 227 1.87 14.48 -5.36
C ALA A 227 1.62 15.27 -6.63
N TYR A 228 1.70 16.60 -6.54
CA TYR A 228 1.67 17.44 -7.73
C TYR A 228 2.84 17.11 -8.63
N MET A 229 4.00 16.83 -8.02
CA MET A 229 5.21 16.55 -8.74
C MET A 229 5.09 15.26 -9.53
N THR A 230 4.40 14.29 -8.98
CA THR A 230 4.23 13.03 -9.65
C THR A 230 3.24 13.18 -10.79
N GLN A 231 2.26 14.04 -10.60
CA GLN A 231 1.28 14.21 -11.68
C GLN A 231 1.94 14.81 -12.91
N VAL A 232 2.81 15.82 -12.75
CA VAL A 232 3.41 16.46 -13.92
C VAL A 232 4.45 15.53 -14.56
N ILE A 233 5.16 14.73 -13.76
CA ILE A 233 6.01 13.69 -14.32
C ILE A 233 5.17 12.70 -15.13
N SER A 234 4.05 12.29 -14.56
CA SER A 234 3.24 11.28 -15.22
C SER A 234 2.69 11.82 -16.53
N LEU A 235 2.28 13.09 -16.53
CA LEU A 235 1.69 13.67 -17.72
C LEU A 235 2.70 13.72 -18.85
N ILE A 236 3.92 14.16 -18.53
CA ILE A 236 4.94 14.34 -19.56
C ILE A 236 5.35 12.97 -20.12
N THR A 237 5.73 12.03 -19.23
CA THR A 237 6.34 10.76 -19.63
C THR A 237 5.37 9.79 -20.27
N ASN A 238 4.10 9.91 -20.00
CA ASN A 238 3.15 9.14 -20.76
C ASN A 238 2.77 9.84 -22.05
N GLY A 239 3.38 10.97 -22.36
CA GLY A 239 3.09 11.68 -23.60
C GLY A 239 1.68 12.24 -23.72
N VAL A 240 1.13 12.80 -22.65
CA VAL A 240 -0.21 13.34 -22.73
C VAL A 240 -0.24 14.57 -23.63
N PHE A 241 0.83 15.37 -23.58
CA PHE A 241 0.89 16.62 -24.32
C PHE A 241 1.42 16.46 -25.74
N ASP A 242 2.16 15.39 -26.02
CA ASP A 242 2.41 15.00 -27.41
C ASP A 242 1.14 14.47 -28.08
N LYS A 243 0.25 13.81 -27.33
CA LYS A 243 -1.02 13.36 -27.89
C LYS A 243 -2.00 14.52 -28.08
N TYR A 244 -2.01 15.48 -27.14
CA TYR A 244 -2.92 16.62 -27.20
C TYR A 244 -2.10 17.87 -26.89
N PRO A 245 -1.45 18.44 -27.91
CA PRO A 245 -0.53 19.58 -27.67
C PRO A 245 -1.19 20.93 -27.39
N ASN A 246 -2.49 21.09 -27.63
CA ASN A 246 -3.22 22.26 -27.14
C ASN A 246 -3.81 22.08 -25.74
N LEU A 247 -3.73 20.88 -25.15
CA LEU A 247 -4.27 20.69 -23.81
C LEU A 247 -3.40 21.36 -22.76
N LYS A 248 -4.01 22.09 -21.85
CA LYS A 248 -3.28 22.74 -20.77
C LYS A 248 -3.77 22.25 -19.41
N VAL A 249 -2.84 22.12 -18.45
CA VAL A 249 -3.13 21.64 -17.10
C VAL A 249 -2.78 22.71 -16.07
N ALA A 250 -3.71 22.91 -15.10
CA ALA A 250 -3.56 23.84 -13.99
C ALA A 250 -3.29 23.06 -12.71
N LEU A 251 -2.11 23.22 -12.19
CA LEU A 251 -1.75 22.63 -10.92
C LEU A 251 -2.15 23.72 -9.96
N ILE A 252 -3.13 23.46 -9.14
CA ILE A 252 -3.76 24.46 -8.30
C ILE A 252 -3.48 24.05 -6.86
N GLU A 253 -2.63 24.83 -6.18
CA GLU A 253 -2.38 24.75 -4.74
C GLU A 253 -1.29 23.73 -4.43
N GLY A 254 -0.47 23.39 -5.41
CA GLY A 254 0.71 22.62 -5.06
C GLY A 254 1.95 23.47 -4.90
N GLY A 255 1.80 24.80 -4.98
CA GLY A 255 2.95 25.70 -5.02
C GLY A 255 3.55 25.80 -6.40
N PHE A 256 4.61 26.61 -6.52
CA PHE A 256 5.36 26.74 -7.76
C PHE A 256 6.87 26.84 -7.57
N GLU A 257 7.38 27.12 -6.37
CA GLU A 257 8.81 27.35 -6.17
C GLU A 257 9.67 26.13 -6.49
N TRP A 258 9.04 24.98 -6.71
CA TRP A 258 9.72 23.73 -7.07
C TRP A 258 9.65 23.46 -8.56
N VAL A 259 8.88 24.26 -9.29
CA VAL A 259 8.80 24.11 -10.74
C VAL A 259 10.18 24.16 -11.39
N PRO A 260 11.06 25.14 -11.10
CA PRO A 260 12.37 25.16 -11.74
C PRO A 260 13.17 23.87 -11.53
N PHE A 261 13.15 23.31 -10.31
CA PHE A 261 13.94 22.09 -10.00
C PHE A 261 13.44 20.91 -10.82
N MET A 262 12.14 20.83 -11.03
CA MET A 262 11.56 19.65 -11.72
C MET A 262 11.79 19.77 -13.23
N MET A 263 11.82 20.99 -13.74
CA MET A 263 12.07 21.21 -15.19
C MET A 263 13.51 20.81 -15.50
N ASN A 264 14.44 21.17 -14.64
CA ASN A 264 15.88 20.86 -14.86
C ASN A 264 16.11 19.37 -14.60
N ARG A 265 15.55 18.83 -13.53
CA ARG A 265 15.70 17.39 -13.26
C ARG A 265 15.15 16.53 -14.40
N MET A 266 13.98 16.87 -14.92
CA MET A 266 13.43 16.10 -16.03
C MET A 266 14.20 16.33 -17.33
N ASP A 267 14.75 17.53 -17.52
CA ASP A 267 15.54 17.80 -18.72
C ASP A 267 16.85 17.03 -18.70
N ALA A 268 17.50 16.96 -17.53
CA ALA A 268 18.74 16.18 -17.40
C ALA A 268 18.47 14.70 -17.59
N ALA A 269 17.39 14.19 -17.00
CA ALA A 269 17.05 12.81 -17.22
C ALA A 269 16.84 12.52 -18.70
N TYR A 270 16.22 13.44 -19.41
CA TYR A 270 15.73 13.08 -20.74
C TYR A 270 16.81 13.13 -21.80
N LYS A 271 17.78 14.04 -21.66
CA LYS A 271 18.92 14.08 -22.59
C LYS A 271 19.54 12.69 -22.76
N GLY A 272 19.57 11.90 -21.68
CA GLY A 272 20.23 10.60 -21.71
C GLY A 272 19.36 9.35 -21.80
N LEU A 273 18.05 9.46 -21.54
CA LEU A 273 17.22 8.27 -21.37
C LEU A 273 15.94 8.32 -22.20
N ARG A 274 15.87 9.18 -23.22
CA ARG A 274 14.60 9.48 -23.88
C ARG A 274 14.05 8.31 -24.69
N GLN A 275 14.92 7.39 -25.14
CA GLN A 275 14.45 6.24 -25.92
C GLN A 275 13.56 5.30 -25.12
N GLU A 276 13.55 5.43 -23.78
CA GLU A 276 12.61 4.65 -22.99
C GLU A 276 11.18 5.10 -23.24
N THR A 277 10.97 6.41 -23.42
CA THR A 277 9.66 6.98 -23.73
C THR A 277 9.74 7.73 -25.06
N PRO A 278 9.82 7.00 -26.18
CA PRO A 278 10.06 7.67 -27.48
C PRO A 278 8.90 8.53 -27.97
N TRP A 279 7.73 8.48 -27.33
CA TRP A 279 6.62 9.33 -27.74
C TRP A 279 6.80 10.77 -27.29
N VAL A 280 7.60 11.00 -26.25
CA VAL A 280 7.88 12.36 -25.79
C VAL A 280 8.81 13.02 -26.81
N LYS A 281 8.25 13.94 -27.60
CA LYS A 281 8.98 14.55 -28.69
C LYS A 281 9.70 15.84 -28.31
N ARG A 282 9.25 16.51 -27.25
CA ARG A 282 9.81 17.80 -26.87
C ARG A 282 10.71 17.64 -25.65
N MET A 283 11.26 18.80 -25.16
CA MET A 283 11.94 18.75 -23.87
C MET A 283 10.92 18.91 -22.74
N PRO A 284 11.07 18.18 -21.63
CA PRO A 284 10.13 18.34 -20.51
C PRO A 284 9.82 19.79 -20.20
N SER A 285 10.85 20.64 -20.13
CA SER A 285 10.58 22.03 -19.80
C SER A 285 9.81 22.77 -20.89
N ASP A 286 9.75 22.25 -22.13
CA ASP A 286 8.85 22.87 -23.10
C ASP A 286 7.39 22.64 -22.72
N TYR A 287 7.08 21.47 -22.16
CA TYR A 287 5.71 21.19 -21.72
C TYR A 287 5.35 22.05 -20.53
N PHE A 288 6.29 22.26 -19.62
CA PHE A 288 6.03 23.14 -18.48
C PHE A 288 5.61 24.52 -18.96
N ARG A 289 6.35 25.08 -19.94
CA ARG A 289 6.07 26.42 -20.43
C ARG A 289 4.80 26.46 -21.27
N ASP A 290 4.59 25.45 -22.11
CA ASP A 290 3.50 25.53 -23.08
C ASP A 290 2.23 24.84 -22.62
N ASN A 291 2.32 23.88 -21.70
CA ASN A 291 1.15 23.10 -21.35
C ASN A 291 0.72 23.20 -19.91
N MET A 292 1.56 23.71 -19.02
CA MET A 292 1.25 23.70 -17.60
C MET A 292 1.19 25.13 -17.03
N ARG A 293 0.22 25.35 -16.14
CA ARG A 293 0.01 26.60 -15.42
C ARG A 293 -0.07 26.30 -13.94
N PHE A 294 0.46 27.18 -13.09
CA PHE A 294 0.54 26.91 -11.66
C PHE A 294 -0.03 28.05 -10.86
N SER A 295 -0.79 27.70 -9.82
CA SER A 295 -1.36 28.69 -8.92
C SER A 295 -0.28 29.23 -7.97
N THR A 296 -0.48 30.47 -7.50
CA THR A 296 0.44 31.04 -6.51
C THR A 296 0.06 30.71 -5.07
N GLN A 297 -1.21 30.41 -4.81
CA GLN A 297 -1.68 30.10 -3.45
C GLN A 297 -1.22 28.69 -3.03
N PRO A 298 -0.61 28.53 -1.86
CA PRO A 298 -0.52 29.50 -0.80
C PRO A 298 0.72 30.37 -0.94
N TRP A 299 0.56 31.66 -0.79
CA TRP A 299 1.67 32.57 -0.94
C TRP A 299 2.46 32.73 0.31
N HIS A 300 3.75 32.54 0.20
CA HIS A 300 4.62 32.75 1.31
C HIS A 300 5.44 33.93 0.93
N ASP A 301 5.79 34.74 1.91
CA ASP A 301 6.59 35.89 1.66
C ASP A 301 7.76 35.51 0.82
N ILE A 302 8.02 36.30 -0.19
CA ILE A 302 9.16 36.03 -1.06
C ILE A 302 9.69 37.37 -1.53
N SER A 303 11.01 37.51 -1.49
CA SER A 303 11.57 38.79 -1.88
C SER A 303 11.30 39.03 -3.36
N ALA A 304 11.31 40.30 -3.74
CA ALA A 304 11.09 40.63 -5.15
C ALA A 304 12.12 39.93 -6.02
N LYS A 305 13.38 39.94 -5.60
CA LYS A 305 14.44 39.40 -6.44
C LYS A 305 14.34 37.88 -6.52
N HIS A 306 14.00 37.22 -5.41
CA HIS A 306 13.85 35.77 -5.42
C HIS A 306 12.68 35.34 -6.29
N PHE A 307 11.58 36.09 -6.23
CA PHE A 307 10.46 35.82 -7.11
C PHE A 307 10.85 35.98 -8.57
N LEU A 308 11.51 37.09 -8.91
CA LEU A 308 11.97 37.28 -10.29
C LEU A 308 13.03 36.26 -10.68
N ASP A 309 13.82 35.78 -9.72
CA ASP A 309 14.77 34.72 -10.06
C ASP A 309 14.05 33.42 -10.37
N ILE A 310 12.95 33.13 -9.68
CA ILE A 310 12.16 31.91 -10.00
C ILE A 310 11.60 32.02 -11.42
N ILE A 311 11.12 33.20 -11.82
CA ILE A 311 10.48 33.36 -13.16
C ILE A 311 11.57 33.28 -14.24
N ASP A 312 12.72 33.88 -13.98
CA ASP A 312 13.84 33.77 -14.95
C ASP A 312 14.19 32.30 -15.08
N MET A 313 14.21 31.60 -13.95
CA MET A 313 14.55 30.18 -14.01
C MET A 313 13.51 29.41 -14.82
N MET A 314 12.29 29.91 -14.90
CA MET A 314 11.28 29.16 -15.61
C MET A 314 11.40 29.39 -17.11
N GLY A 315 11.94 30.52 -17.53
CA GLY A 315 12.02 30.77 -18.94
C GLY A 315 10.75 31.28 -19.57
N SER A 316 9.76 31.64 -18.76
CA SER A 316 8.48 32.12 -19.26
C SER A 316 7.82 32.92 -18.16
N ASP A 317 7.14 34.01 -18.53
CA ASP A 317 6.26 34.70 -17.61
C ASP A 317 4.81 34.30 -17.82
N LYS A 318 4.55 33.21 -18.50
CA LYS A 318 3.19 32.84 -18.79
C LYS A 318 2.68 31.66 -18.00
N MET A 319 3.42 31.24 -16.97
CA MET A 319 3.06 29.97 -16.28
C MET A 319 2.40 30.19 -14.92
N LEU A 320 2.48 31.39 -14.34
CA LEU A 320 1.94 31.58 -12.97
C LEU A 320 0.58 32.27 -13.00
N MET A 321 -0.34 31.80 -12.16
CA MET A 321 -1.68 32.39 -12.07
C MET A 321 -1.95 32.69 -10.60
N PHE A 322 -3.12 33.24 -10.31
CA PHE A 322 -3.41 33.64 -8.95
C PHE A 322 -4.66 32.92 -8.53
N SER A 323 -4.75 32.65 -7.22
CA SER A 323 -6.01 32.22 -6.62
C SER A 323 -6.05 32.67 -5.17
N THR A 324 -7.26 32.79 -4.64
CA THR A 324 -7.43 33.16 -3.24
C THR A 324 -7.53 31.97 -2.32
N ASP A 325 -8.06 30.84 -2.83
CA ASP A 325 -8.39 29.68 -2.03
C ASP A 325 -9.52 29.96 -1.06
N TYR A 326 -10.40 30.89 -1.40
CA TYR A 326 -11.58 31.13 -0.60
C TYR A 326 -12.40 29.85 -0.51
N PRO A 327 -12.86 29.44 0.68
CA PRO A 327 -12.77 30.14 1.96
C PRO A 327 -11.74 29.57 2.96
N HIS A 328 -10.60 29.11 2.48
CA HIS A 328 -9.74 28.39 3.40
C HIS A 328 -8.92 29.33 4.26
N TRP A 329 -8.32 28.76 5.31
CA TRP A 329 -7.68 29.57 6.35
C TRP A 329 -6.47 30.32 5.83
N ASP A 330 -5.80 29.83 4.79
CA ASP A 330 -4.65 30.50 4.19
C ASP A 330 -5.02 31.23 2.90
N PHE A 331 -6.22 31.83 2.91
CA PHE A 331 -6.70 32.71 1.87
C PHE A 331 -5.69 33.80 1.55
N ASP A 332 -5.49 34.05 0.25
CA ASP A 332 -4.65 35.13 -0.26
C ASP A 332 -5.51 36.26 -0.81
N ALA A 333 -5.21 37.50 -0.41
CA ALA A 333 -5.99 38.59 -1.04
C ALA A 333 -5.25 39.17 -2.24
N PRO A 334 -5.93 39.46 -3.34
CA PRO A 334 -5.21 39.90 -4.55
C PRO A 334 -4.44 41.21 -4.38
N LYS A 335 -4.98 42.18 -3.64
CA LYS A 335 -4.21 43.40 -3.47
C LYS A 335 -3.03 43.21 -2.52
N ARG A 336 -2.84 42.02 -1.99
CA ARG A 336 -1.78 41.91 -0.96
C ARG A 336 -0.99 40.60 -1.01
N THR A 337 -0.86 39.97 -2.17
CA THR A 337 0.02 38.78 -2.13
C THR A 337 1.28 38.90 -2.96
N LEU A 338 1.26 39.50 -4.15
CA LEU A 338 2.49 39.48 -4.94
C LEU A 338 3.55 40.41 -4.31
N PRO A 339 4.83 40.21 -4.63
CA PRO A 339 5.88 41.17 -4.18
C PRO A 339 5.56 42.58 -4.66
N PRO A 340 5.47 43.55 -3.74
CA PRO A 340 4.96 44.87 -4.13
C PRO A 340 5.87 45.59 -5.12
N LYS A 341 7.05 45.08 -5.34
CA LYS A 341 7.99 45.70 -6.24
C LYS A 341 7.99 45.20 -7.68
N ILE A 342 7.02 44.40 -8.08
CA ILE A 342 7.09 43.85 -9.43
C ILE A 342 6.33 44.76 -10.38
N SER A 343 6.66 44.62 -11.67
CA SER A 343 6.09 45.47 -12.70
C SER A 343 4.59 45.24 -12.81
N ASP A 344 3.86 46.29 -13.18
CA ASP A 344 2.44 46.16 -13.47
C ASP A 344 2.19 45.14 -14.59
N ASP A 345 3.16 44.97 -15.49
CA ASP A 345 3.06 44.00 -16.58
C ASP A 345 3.03 42.57 -16.04
N LEU A 346 3.95 42.25 -15.12
CA LEU A 346 3.92 40.91 -14.51
C LEU A 346 2.74 40.76 -13.56
N LYS A 347 2.44 41.81 -12.77
CA LYS A 347 1.30 41.76 -11.85
C LYS A 347 0.04 41.44 -12.62
N ASN A 348 -0.17 42.07 -13.78
CA ASN A 348 -1.37 41.81 -14.55
C ASN A 348 -1.33 40.43 -15.19
N LYS A 349 -0.15 39.93 -15.52
CA LYS A 349 -0.08 38.61 -16.13
C LYS A 349 -0.42 37.53 -15.14
N ILE A 350 0.04 37.68 -13.90
CA ILE A 350 -0.24 36.66 -12.88
C ILE A 350 -1.67 36.79 -12.39
N LEU A 351 -2.11 38.00 -12.12
CA LEU A 351 -3.46 38.18 -11.58
C LEU A 351 -4.54 37.89 -12.62
N TYR A 352 -4.23 37.97 -13.91
CA TYR A 352 -5.30 37.98 -14.90
C TYR A 352 -4.96 37.31 -16.22
N GLU A 353 -3.87 37.73 -16.85
CA GLU A 353 -3.73 37.42 -18.27
C GLU A 353 -3.45 35.95 -18.46
N ASN A 354 -2.63 35.37 -17.58
CA ASN A 354 -2.23 33.98 -17.75
C ASN A 354 -3.43 33.06 -17.62
N ALA A 355 -4.29 33.34 -16.63
CA ALA A 355 -5.52 32.57 -16.50
C ALA A 355 -6.50 32.85 -17.64
N ARG A 356 -6.59 34.10 -18.09
CA ARG A 356 -7.52 34.42 -19.17
C ARG A 356 -7.16 33.69 -20.46
N GLU A 357 -5.87 33.57 -20.79
CA GLU A 357 -5.46 32.75 -21.92
C GLU A 357 -5.76 31.28 -21.67
N LEU A 358 -5.52 30.81 -20.44
CA LEU A 358 -5.75 29.41 -20.12
C LEU A 358 -7.20 29.00 -20.35
N TYR A 359 -8.15 29.87 -19.99
CA TYR A 359 -9.56 29.51 -20.04
C TYR A 359 -10.30 30.13 -21.21
N ASN A 360 -9.59 30.61 -22.26
CA ASN A 360 -10.12 31.40 -23.38
C ASN A 360 -11.21 32.34 -22.89
N LEU A 361 -10.83 33.21 -21.97
CA LEU A 361 -11.82 34.07 -21.37
C LEU A 361 -11.80 35.46 -21.92
N LYS B 18 -26.38 -19.89 32.21
CA LYS B 18 -26.54 -20.53 30.92
C LYS B 18 -25.82 -19.84 29.73
N VAL B 19 -25.64 -18.51 29.67
CA VAL B 19 -25.15 -17.88 28.44
C VAL B 19 -24.12 -16.80 28.73
N ILE B 20 -22.98 -16.87 28.07
CA ILE B 20 -21.99 -15.80 28.11
C ILE B 20 -21.86 -15.22 26.72
N ASP B 21 -22.17 -13.93 26.59
CA ASP B 21 -22.13 -13.23 25.31
C ASP B 21 -20.77 -12.55 25.14
N THR B 22 -19.99 -12.98 24.15
CA THR B 22 -18.61 -12.51 24.03
C THR B 22 -18.41 -11.40 23.00
N ASP B 23 -19.49 -10.84 22.42
CA ASP B 23 -19.35 -9.69 21.51
C ASP B 23 -20.58 -8.80 21.62
N ILE B 24 -20.44 -7.72 22.39
CA ILE B 24 -21.50 -6.74 22.57
C ILE B 24 -20.88 -5.37 22.30
N HIS B 25 -21.56 -4.56 21.48
CA HIS B 25 -21.01 -3.27 21.05
C HIS B 25 -21.78 -2.13 21.70
N HIS B 26 -21.36 -1.78 22.92
CA HIS B 26 -21.75 -0.50 23.50
C HIS B 26 -20.99 0.61 22.78
N ASP B 27 -21.52 1.82 22.84
CA ASP B 27 -20.91 2.94 22.15
C ASP B 27 -21.02 4.20 23.01
N ILE B 28 -20.33 5.23 22.57
CA ILE B 28 -20.61 6.59 23.03
C ILE B 28 -21.78 7.13 22.24
N ALA B 29 -22.60 7.96 22.90
CA ALA B 29 -23.67 8.64 22.19
C ALA B 29 -23.13 9.72 21.24
N SER B 30 -22.05 10.38 21.63
CA SER B 30 -21.40 11.35 20.75
C SER B 30 -19.99 11.55 21.27
N VAL B 31 -19.14 12.15 20.42
CA VAL B 31 -17.79 12.43 20.85
C VAL B 31 -17.73 13.34 22.09
N ASP B 32 -18.82 14.02 22.44
CA ASP B 32 -18.87 14.80 23.68
C ASP B 32 -18.80 13.93 24.93
N ASP B 33 -19.08 12.63 24.82
CA ASP B 33 -18.96 11.76 25.99
C ASP B 33 -17.52 11.57 26.43
N LEU B 34 -16.54 11.88 25.57
CA LEU B 34 -15.15 11.69 25.95
C LEU B 34 -14.60 12.88 26.71
N VAL B 35 -15.17 14.06 26.52
CA VAL B 35 -14.55 15.28 27.02
C VAL B 35 -14.32 15.22 28.51
N PRO B 36 -15.26 14.75 29.34
CA PRO B 36 -14.95 14.62 30.78
C PRO B 36 -13.75 13.75 31.10
N TYR B 37 -13.39 12.79 30.24
CA TYR B 37 -12.28 11.90 30.56
C TYR B 37 -10.94 12.33 29.97
N LEU B 38 -10.88 13.45 29.23
CA LEU B 38 -9.64 13.89 28.62
C LEU B 38 -9.01 15.02 29.44
N SER B 39 -7.68 15.11 29.35
CA SER B 39 -6.97 16.27 29.88
C SER B 39 -7.43 17.53 29.15
N ASP B 40 -7.04 18.69 29.72
CA ASP B 40 -7.44 19.96 29.12
C ASP B 40 -6.81 20.15 27.74
N HIS B 41 -5.60 19.64 27.54
CA HIS B 41 -4.98 19.65 26.21
C HIS B 41 -5.91 19.04 25.19
N TRP B 42 -6.29 17.78 25.39
CA TRP B 42 -7.01 17.05 24.36
C TRP B 42 -8.50 17.35 24.33
N LYS B 43 -9.05 17.96 25.38
CA LYS B 43 -10.44 18.40 25.28
C LYS B 43 -10.64 19.33 24.08
N ARG B 44 -9.64 20.19 23.81
CA ARG B 44 -9.71 21.16 22.72
C ARG B 44 -9.86 20.50 21.36
N TYR B 45 -9.25 19.32 21.17
CA TYR B 45 -9.43 18.61 19.90
C TYR B 45 -10.89 18.30 19.60
N ILE B 46 -11.68 18.01 20.62
CA ILE B 46 -13.11 17.83 20.37
C ILE B 46 -13.84 19.15 20.46
N THR B 47 -13.44 20.00 21.40
CA THR B 47 -14.17 21.21 21.76
C THR B 47 -13.99 22.33 20.76
N GLU B 48 -12.76 22.53 20.26
CA GLU B 48 -12.46 23.65 19.39
C GLU B 48 -12.09 23.22 17.98
N TYR B 49 -11.40 22.10 17.82
CA TYR B 49 -10.87 21.70 16.51
C TYR B 49 -11.78 20.72 15.77
N ASN B 50 -13.01 20.52 16.26
CA ASN B 50 -14.05 19.69 15.66
C ASN B 50 -13.55 18.29 15.25
N TRP B 51 -12.81 17.64 16.13
CA TRP B 51 -12.42 16.28 15.84
C TRP B 51 -13.62 15.33 15.90
N LYS B 52 -13.67 14.43 14.92
CA LYS B 52 -14.67 13.40 14.80
C LYS B 52 -13.91 12.18 14.31
N PRO B 53 -14.30 10.97 14.80
CA PRO B 53 -13.64 9.75 14.38
C PRO B 53 -13.82 9.55 12.88
N ILE B 54 -12.84 8.90 12.26
CA ILE B 54 -12.90 8.65 10.80
C ILE B 54 -13.03 7.15 10.55
N LYS B 55 -13.69 6.78 9.46
CA LYS B 55 -13.74 5.36 9.05
C LYS B 55 -13.40 5.35 7.55
N THR B 56 -12.66 4.35 7.08
CA THR B 56 -12.21 4.37 5.68
C THR B 56 -13.10 3.50 4.80
N THR B 57 -14.06 2.78 5.40
CA THR B 57 -14.89 1.86 4.59
C THR B 57 -15.68 2.66 3.55
N PRO B 58 -15.48 2.39 2.24
CA PRO B 58 -16.20 3.12 1.20
C PRO B 58 -17.65 2.68 1.00
N PHE B 59 -18.19 1.83 1.87
CA PHE B 59 -19.54 1.31 1.70
C PHE B 59 -20.03 0.79 3.04
N HIS B 60 -21.27 0.30 3.03
CA HIS B 60 -21.86 -0.40 4.18
C HIS B 60 -23.12 -1.12 3.72
N GLN B 61 -23.86 -1.70 4.67
CA GLN B 61 -25.06 -2.48 4.36
C GLN B 61 -26.10 -1.62 3.66
N VAL B 62 -26.47 -2.01 2.44
CA VAL B 62 -27.51 -1.30 1.70
C VAL B 62 -28.90 -1.70 2.23
N ARG B 63 -29.30 -1.03 3.32
CA ARG B 63 -30.59 -1.25 3.96
C ARG B 63 -30.77 -0.17 5.02
N SER B 64 -32.03 0.15 5.33
CA SER B 64 -32.33 1.04 6.44
C SER B 64 -31.80 0.43 7.74
N GLY B 65 -31.26 1.28 8.61
CA GLY B 65 -30.60 0.81 9.81
C GLY B 65 -29.17 0.37 9.63
N THR B 66 -28.70 0.25 8.38
CA THR B 66 -27.33 -0.16 8.03
C THR B 66 -26.85 -1.35 8.85
N LYS B 67 -25.89 -1.16 9.77
CA LYS B 67 -25.31 -2.30 10.46
C LYS B 67 -26.06 -2.71 11.72
N TYR B 68 -27.21 -2.08 12.01
CA TYR B 68 -27.92 -2.25 13.27
C TYR B 68 -29.22 -3.03 13.10
N ARG B 69 -29.68 -3.59 14.21
CA ARG B 69 -31.05 -4.08 14.33
C ARG B 69 -32.02 -2.90 14.34
N GLY B 70 -33.20 -3.13 13.76
CA GLY B 70 -34.18 -2.05 13.64
C GLY B 70 -34.64 -1.51 14.98
N ASP B 71 -34.86 -2.39 15.96
CA ASP B 71 -35.42 -2.01 17.25
C ASP B 71 -34.39 -1.45 18.24
N SER B 72 -33.17 -1.14 17.78
CA SER B 72 -32.08 -0.73 18.66
C SER B 72 -31.95 0.78 18.79
N PHE B 73 -32.60 1.55 17.92
CA PHE B 73 -32.40 2.99 17.94
C PHE B 73 -33.21 3.68 19.02
N GLY B 74 -34.32 3.07 19.43
CA GLY B 74 -35.20 3.71 20.39
C GLY B 74 -35.83 4.95 19.80
N GLU B 75 -36.28 5.83 20.69
CA GLU B 75 -37.07 7.00 20.33
C GLU B 75 -36.31 8.31 20.50
N SER B 76 -35.11 8.30 21.07
CA SER B 76 -34.37 9.53 21.36
C SER B 76 -33.24 9.77 20.36
N LYS B 77 -33.34 9.22 19.16
CA LYS B 77 -32.34 9.40 18.11
C LYS B 77 -30.93 8.99 18.55
N ARG B 78 -30.82 8.29 19.69
CA ARG B 78 -29.54 7.91 20.25
C ARG B 78 -28.91 6.78 19.44
N PRO B 79 -27.57 6.76 19.34
CA PRO B 79 -26.89 5.67 18.63
C PRO B 79 -27.13 4.34 19.32
N PRO B 80 -27.47 3.31 18.56
CA PRO B 80 -27.73 1.98 19.14
C PRO B 80 -26.52 1.46 19.90
N GLY B 81 -26.71 1.20 21.19
CA GLY B 81 -25.65 0.74 22.04
C GLY B 81 -25.06 1.81 22.94
N SER B 82 -25.46 3.07 22.77
CA SER B 82 -25.05 4.13 23.67
C SER B 82 -25.96 4.27 24.89
N ASP B 83 -27.12 3.57 24.89
CA ASP B 83 -28.11 3.66 25.97
C ASP B 83 -28.04 2.41 26.86
N PHE B 84 -27.46 2.57 28.04
CA PHE B 84 -27.32 1.48 29.00
C PHE B 84 -28.66 0.77 29.27
N GLU B 85 -29.75 1.53 29.44
CA GLU B 85 -31.01 0.88 29.82
C GLU B 85 -31.56 0.02 28.69
N LEU B 86 -31.55 0.53 27.45
CA LEU B 86 -31.98 -0.28 26.30
C LEU B 86 -31.20 -1.58 26.25
N LEU B 87 -29.88 -1.49 26.49
CA LEU B 87 -29.01 -2.69 26.45
C LEU B 87 -29.44 -3.62 27.58
N LYS B 88 -29.64 -3.10 28.78
CA LYS B 88 -30.14 -3.93 29.88
C LYS B 88 -31.41 -4.64 29.46
N LYS B 89 -32.39 -3.88 28.93
CA LYS B 89 -33.70 -4.46 28.61
C LYS B 89 -33.62 -5.42 27.42
N GLN B 90 -33.08 -4.95 26.28
CA GLN B 90 -33.19 -5.72 25.04
C GLN B 90 -32.24 -6.89 25.00
N LEU B 91 -31.06 -6.78 25.61
CA LEU B 91 -30.06 -7.84 25.53
C LEU B 91 -29.91 -8.57 26.86
N LEU B 92 -29.33 -7.92 27.86
CA LEU B 92 -29.07 -8.59 29.14
C LEU B 92 -30.34 -9.23 29.69
N ASP B 93 -31.36 -8.42 29.99
CA ASP B 93 -32.59 -8.93 30.59
C ASP B 93 -33.36 -9.82 29.62
N GLU B 94 -33.80 -9.26 28.51
CA GLU B 94 -34.57 -10.00 27.50
C GLU B 94 -33.96 -11.39 27.25
N HIS B 95 -32.70 -11.47 26.80
CA HIS B 95 -32.12 -12.76 26.42
C HIS B 95 -31.38 -13.47 27.57
N GLU B 96 -31.54 -13.01 28.81
CA GLU B 96 -31.11 -13.74 30.00
C GLU B 96 -29.61 -14.05 29.95
N ILE B 97 -28.82 -13.02 29.71
CA ILE B 97 -27.38 -13.18 29.60
C ILE B 97 -26.78 -13.28 31.00
N THR B 98 -25.93 -14.28 31.20
CA THR B 98 -25.22 -14.39 32.48
C THR B 98 -24.08 -13.37 32.54
N TYR B 99 -23.25 -13.33 31.52
CA TYR B 99 -22.18 -12.33 31.45
C TYR B 99 -22.05 -11.83 30.03
N GLY B 100 -21.95 -10.51 29.88
CA GLY B 100 -21.64 -9.88 28.62
C GLY B 100 -20.23 -9.30 28.64
N VAL B 101 -19.48 -9.58 27.58
CA VAL B 101 -18.16 -8.99 27.37
C VAL B 101 -18.37 -7.82 26.43
N LEU B 102 -18.39 -6.59 26.98
CA LEU B 102 -18.44 -5.38 26.19
C LEU B 102 -17.22 -5.31 25.29
N GLY B 103 -17.44 -5.08 23.99
CA GLY B 103 -16.35 -5.01 23.04
C GLY B 103 -16.20 -3.63 22.42
N GLY B 104 -17.04 -2.69 22.84
CA GLY B 104 -16.97 -1.32 22.39
C GLY B 104 -17.16 -1.12 20.91
N TRP B 105 -17.07 0.12 20.48
CA TRP B 105 -17.02 0.47 19.07
C TRP B 105 -15.96 1.55 18.89
N PHE B 106 -14.81 1.31 19.50
CA PHE B 106 -13.76 2.31 19.64
C PHE B 106 -12.47 1.90 18.95
N HIS B 107 -12.56 0.98 17.99
CA HIS B 107 -11.36 0.53 17.27
C HIS B 107 -10.60 1.66 16.60
N GLU B 108 -11.30 2.75 16.24
CA GLU B 108 -10.67 3.87 15.56
C GLU B 108 -9.42 4.36 16.26
N ALA B 109 -9.37 4.24 17.59
CA ALA B 109 -8.15 4.66 18.28
C ALA B 109 -7.05 3.63 18.05
N THR B 110 -7.43 2.37 17.96
CA THR B 110 -6.40 1.34 17.82
C THR B 110 -5.83 1.35 16.43
N VAL B 111 -6.66 1.58 15.43
CA VAL B 111 -6.22 1.51 14.04
C VAL B 111 -6.01 2.89 13.46
N ALA B 112 -5.99 3.92 14.31
CA ALA B 112 -5.60 5.28 13.94
C ALA B 112 -4.41 5.27 12.97
N THR B 113 -4.39 6.21 12.01
CA THR B 113 -3.33 6.27 11.01
C THR B 113 -2.47 7.52 11.12
N GLY B 114 -2.71 8.31 12.16
CA GLY B 114 -1.94 9.51 12.45
C GLY B 114 -2.51 10.11 13.73
N TRP B 115 -1.88 11.19 14.19
CA TRP B 115 -2.23 11.83 15.46
C TRP B 115 -2.27 10.80 16.58
N PHE B 116 -1.13 10.12 16.75
CA PHE B 116 -1.12 8.94 17.62
C PHE B 116 -1.20 9.32 19.10
N GLU B 117 -0.51 10.39 19.51
CA GLU B 117 -0.59 10.84 20.89
C GLU B 117 -2.04 11.06 21.32
N PHE B 118 -2.81 11.74 20.47
CA PHE B 118 -4.23 11.89 20.74
C PHE B 118 -4.95 10.54 20.74
N ALA B 119 -4.54 9.63 19.85
CA ALA B 119 -5.18 8.32 19.81
C ALA B 119 -5.03 7.61 21.15
N ALA B 120 -3.86 7.74 21.79
CA ALA B 120 -3.68 7.12 23.09
C ALA B 120 -4.60 7.73 24.13
N ALA B 121 -4.77 9.06 24.10
CA ALA B 121 -5.62 9.73 25.09
C ALA B 121 -7.08 9.34 24.91
N ARG B 122 -7.55 9.23 23.67
CA ARG B 122 -8.92 8.71 23.47
C ARG B 122 -9.06 7.31 24.06
N ALA B 123 -8.06 6.44 23.83
CA ALA B 123 -8.12 5.08 24.34
C ALA B 123 -8.42 5.06 25.83
N ALA B 124 -7.64 5.84 26.59
CA ALA B 124 -7.90 6.02 28.01
C ALA B 124 -9.32 6.51 28.25
N ALA B 125 -9.75 7.53 27.50
CA ALA B 125 -11.09 8.08 27.73
C ALA B 125 -12.17 7.06 27.44
N TYR B 126 -11.95 6.17 26.46
CA TYR B 126 -12.92 5.11 26.19
C TYR B 126 -13.02 4.16 27.38
N ASN B 127 -11.88 3.71 27.90
CA ASN B 127 -11.91 2.77 29.00
C ASN B 127 -12.53 3.40 30.25
N ASP B 128 -12.21 4.68 30.51
CA ASP B 128 -12.85 5.42 31.60
C ASP B 128 -14.35 5.48 31.39
N TYR B 129 -14.76 5.82 30.18
CA TYR B 129 -16.19 5.84 29.86
C TYR B 129 -16.82 4.47 30.12
N THR B 130 -16.15 3.41 29.66
CA THR B 130 -16.69 2.03 29.80
C THR B 130 -16.73 1.63 31.28
N ILE B 131 -15.74 2.07 32.05
CA ILE B 131 -15.69 1.70 33.47
C ILE B 131 -16.79 2.41 34.23
N GLU B 132 -16.85 3.74 34.10
CA GLU B 132 -17.71 4.55 34.94
C GLU B 132 -19.17 4.47 34.51
N GLN B 133 -19.43 4.24 33.24
CA GLN B 133 -20.79 4.27 32.72
C GLN B 133 -21.34 2.91 32.32
N TRP B 134 -20.54 1.86 32.34
CA TRP B 134 -21.07 0.55 31.96
C TRP B 134 -20.70 -0.53 32.98
N LEU B 135 -19.42 -0.79 33.17
CA LEU B 135 -19.03 -1.85 34.09
C LEU B 135 -19.57 -1.57 35.48
N ASN B 136 -19.49 -0.30 35.91
CA ASN B 136 -19.88 0.08 37.26
C ASN B 136 -21.38 0.10 37.46
N LYS B 137 -22.17 -0.02 36.41
CA LYS B 137 -23.60 0.09 36.53
C LYS B 137 -24.34 -1.24 36.45
N ASP B 138 -23.62 -2.35 36.24
CA ASP B 138 -24.27 -3.67 36.18
C ASP B 138 -23.24 -4.78 36.33
N GLU B 139 -23.55 -5.77 37.18
CA GLU B 139 -22.62 -6.84 37.53
C GLU B 139 -22.50 -7.92 36.45
N ARG B 140 -23.41 -7.95 35.49
CA ARG B 140 -23.32 -8.92 34.41
C ARG B 140 -22.34 -8.49 33.31
N LEU B 141 -21.77 -7.30 33.38
CA LEU B 141 -20.98 -6.75 32.30
C LEU B 141 -19.50 -6.93 32.58
N LEU B 142 -18.75 -7.26 31.54
CA LEU B 142 -17.30 -7.32 31.56
C LEU B 142 -16.80 -6.41 30.45
N GLY B 143 -15.53 -6.06 30.50
CA GLY B 143 -14.99 -5.04 29.61
C GLY B 143 -13.75 -5.49 28.87
N SER B 144 -13.52 -4.83 27.74
CA SER B 144 -12.26 -4.94 27.00
C SER B 144 -11.53 -3.62 27.05
N ILE B 145 -10.22 -3.68 27.18
CA ILE B 145 -9.40 -2.48 27.23
C ILE B 145 -9.17 -1.97 25.82
N THR B 146 -9.58 -0.72 25.57
CA THR B 146 -9.18 -0.06 24.33
C THR B 146 -7.75 0.43 24.49
N ILE B 147 -6.92 0.19 23.48
CA ILE B 147 -5.50 0.48 23.51
C ILE B 147 -5.09 1.17 22.23
N PRO B 148 -4.12 2.08 22.28
CA PRO B 148 -3.43 2.48 21.06
C PRO B 148 -2.53 1.34 20.60
N ALA B 149 -2.24 1.35 19.30
CA ALA B 149 -1.34 0.35 18.73
C ALA B 149 0.08 0.48 19.29
N ASP B 150 0.47 1.66 19.73
CA ASP B 150 1.83 1.86 20.23
C ASP B 150 2.11 0.99 21.44
N PRO B 151 3.11 0.10 21.39
CA PRO B 151 3.32 -0.84 22.51
C PRO B 151 3.57 -0.15 23.85
N VAL B 152 4.34 0.95 23.87
CA VAL B 152 4.65 1.59 25.14
C VAL B 152 3.38 2.18 25.77
N ALA B 153 2.60 2.93 24.97
CA ALA B 153 1.38 3.54 25.48
C ALA B 153 0.30 2.50 25.72
N ALA B 154 0.35 1.38 24.98
CA ALA B 154 -0.56 0.26 25.25
C ALA B 154 -0.28 -0.39 26.60
N VAL B 155 0.99 -0.63 26.93
CA VAL B 155 1.31 -1.24 28.23
C VAL B 155 0.92 -0.28 29.37
N ARG B 156 1.23 1.01 29.22
CA ARG B 156 0.83 2.02 30.19
C ARG B 156 -0.67 1.98 30.43
N GLU B 157 -1.46 1.77 29.39
CA GLU B 157 -2.89 1.81 29.58
C GLU B 157 -3.42 0.49 30.14
N ILE B 158 -2.83 -0.64 29.74
CA ILE B 158 -3.18 -1.90 30.40
C ILE B 158 -2.83 -1.84 31.88
N ASP B 159 -1.67 -1.28 32.22
CA ASP B 159 -1.30 -1.17 33.62
C ASP B 159 -2.25 -0.29 34.39
N ARG B 160 -2.92 0.64 33.71
CA ARG B 160 -3.74 1.60 34.43
C ARG B 160 -5.13 1.04 34.70
N VAL B 161 -5.80 0.51 33.67
CA VAL B 161 -7.16 0.03 33.89
C VAL B 161 -7.24 -1.48 33.94
N GLY B 162 -6.19 -2.19 33.49
CA GLY B 162 -6.16 -3.63 33.59
C GLY B 162 -6.54 -4.20 34.95
N PRO B 163 -6.13 -3.57 36.06
CA PRO B 163 -6.52 -4.11 37.36
C PRO B 163 -7.99 -3.96 37.70
N HIS B 164 -8.83 -3.41 36.82
CA HIS B 164 -10.25 -3.31 37.16
C HIS B 164 -10.86 -4.70 37.27
N PRO B 165 -11.66 -4.97 38.31
CA PRO B 165 -12.11 -6.36 38.54
C PRO B 165 -12.95 -6.91 37.40
N GLN B 166 -13.63 -6.07 36.62
CA GLN B 166 -14.45 -6.52 35.50
C GLN B 166 -13.77 -6.42 34.13
N MET B 167 -12.52 -5.97 34.09
CA MET B 167 -11.80 -5.96 32.79
C MET B 167 -11.19 -7.33 32.58
N VAL B 168 -11.55 -8.01 31.49
CA VAL B 168 -11.12 -9.39 31.26
C VAL B 168 -10.34 -9.58 29.97
N GLN B 169 -10.14 -8.51 29.20
CA GLN B 169 -9.69 -8.64 27.82
C GLN B 169 -9.00 -7.35 27.39
N VAL B 170 -7.80 -7.49 26.83
CA VAL B 170 -7.19 -6.43 26.04
C VAL B 170 -7.68 -6.57 24.62
N MET B 171 -8.16 -5.47 24.02
CA MET B 171 -8.77 -5.53 22.69
C MET B 171 -7.76 -5.11 21.62
N MET B 172 -7.28 -6.07 20.85
CA MET B 172 -6.39 -5.81 19.72
C MET B 172 -7.25 -5.78 18.46
N SER B 173 -7.81 -4.60 18.18
CA SER B 173 -8.59 -4.39 16.97
C SER B 173 -7.80 -4.82 15.75
N ILE B 174 -8.46 -5.55 14.85
CA ILE B 174 -7.79 -6.05 13.66
C ILE B 174 -7.81 -4.97 12.57
N GLY B 175 -6.63 -4.42 12.27
CA GLY B 175 -6.48 -3.57 11.10
C GLY B 175 -5.53 -4.13 10.06
N ASN B 176 -4.70 -3.25 9.50
CA ASN B 176 -3.82 -3.58 8.37
C ASN B 176 -2.41 -3.86 8.82
N PHE B 177 -2.27 -4.56 9.94
CA PHE B 177 -0.98 -4.97 10.46
C PHE B 177 -1.20 -6.22 11.33
N ALA B 178 -0.10 -6.93 11.56
CA ALA B 178 -0.13 -8.24 12.22
C ALA B 178 0.33 -8.07 13.66
N TRP B 179 -0.56 -8.37 14.60
CA TRP B 179 -0.25 -8.15 16.02
C TRP B 179 0.85 -9.06 16.56
N GLY B 180 1.18 -10.16 15.89
CA GLY B 180 2.27 -10.99 16.37
C GLY B 180 3.66 -10.45 16.10
N ASP B 181 3.78 -9.38 15.35
CA ASP B 181 5.09 -8.79 15.16
C ASP B 181 5.78 -8.59 16.51
N PRO B 182 7.04 -9.03 16.68
CA PRO B 182 7.70 -8.89 17.95
C PRO B 182 7.59 -7.47 18.52
N ARG B 183 7.24 -6.51 17.68
CA ARG B 183 7.09 -5.11 18.12
C ARG B 183 5.95 -5.01 19.12
N PHE B 184 5.01 -5.94 19.08
CA PHE B 184 3.80 -5.84 19.94
C PHE B 184 3.89 -6.79 21.13
N HIS B 185 5.00 -7.54 21.24
CA HIS B 185 5.08 -8.52 22.31
C HIS B 185 4.96 -7.92 23.71
N PRO B 186 5.52 -6.73 24.03
CA PRO B 186 5.27 -6.15 25.35
C PRO B 186 3.80 -6.07 25.73
N ILE B 187 2.89 -5.91 24.74
CA ILE B 187 1.47 -5.85 25.04
C ILE B 187 0.97 -7.21 25.51
N PHE B 188 1.33 -8.26 24.78
CA PHE B 188 1.01 -9.62 25.19
C PHE B 188 1.49 -9.89 26.62
N GLU B 189 2.79 -9.67 26.86
CA GLU B 189 3.34 -9.83 28.19
C GLU B 189 2.51 -9.09 29.24
N ALA B 190 2.19 -7.83 28.96
CA ALA B 190 1.40 -7.04 29.90
C ALA B 190 0.03 -7.66 30.15
N ALA B 191 -0.55 -8.30 29.14
CA ALA B 191 -1.85 -8.92 29.32
C ALA B 191 -1.75 -10.15 30.22
N GLU B 192 -0.82 -11.04 29.89
CA GLU B 192 -0.62 -12.24 30.72
C GLU B 192 -0.28 -11.84 32.14
N ARG B 193 0.63 -10.89 32.31
CA ARG B 193 1.03 -10.46 33.65
C ARG B 193 -0.17 -9.96 34.45
N HIS B 194 -1.10 -9.30 33.79
CA HIS B 194 -2.34 -8.91 34.45
C HIS B 194 -3.42 -9.98 34.45
N GLY B 195 -3.16 -11.17 33.91
CA GLY B 195 -4.20 -12.18 33.85
C GLY B 195 -5.34 -11.88 32.89
N LEU B 196 -5.08 -11.20 31.79
CA LEU B 196 -6.12 -10.88 30.82
C LEU B 196 -5.93 -11.68 29.54
N ALA B 197 -7.04 -11.98 28.87
CA ALA B 197 -6.98 -12.54 27.53
C ALA B 197 -6.89 -11.44 26.45
N ILE B 198 -6.48 -11.84 25.25
CA ILE B 198 -6.49 -10.96 24.09
C ILE B 198 -7.81 -11.13 23.36
N GLY B 199 -8.47 -10.01 23.07
CA GLY B 199 -9.57 -9.98 22.13
C GLY B 199 -9.11 -9.49 20.76
N MET B 200 -9.74 -10.01 19.72
CA MET B 200 -9.38 -9.64 18.36
C MET B 200 -10.65 -9.53 17.53
N HIS B 201 -11.05 -8.30 17.22
CA HIS B 201 -12.30 -8.04 16.52
C HIS B 201 -12.00 -7.18 15.30
N LEU B 202 -12.66 -7.47 14.16
CA LEU B 202 -12.45 -6.64 12.97
C LEU B 202 -12.68 -5.16 13.30
N SER B 203 -12.01 -4.28 12.56
CA SER B 203 -12.29 -2.84 12.51
C SER B 203 -12.92 -2.54 11.16
N ALA B 204 -13.24 -1.28 10.91
CA ALA B 204 -13.88 -0.97 9.63
C ALA B 204 -12.87 -0.72 8.52
N ASP B 205 -11.57 -0.81 8.81
CA ASP B 205 -10.55 -0.30 7.91
C ASP B 205 -9.74 -1.36 7.19
N ILE B 206 -10.05 -2.65 7.40
CA ILE B 206 -9.26 -3.70 6.80
C ILE B 206 -9.37 -3.64 5.28
N THR B 207 -8.23 -3.73 4.59
CA THR B 207 -8.17 -3.91 3.13
C THR B 207 -7.49 -5.25 2.79
N PHE B 208 -7.36 -5.55 1.51
CA PHE B 208 -6.83 -6.85 1.09
C PHE B 208 -5.65 -6.64 0.15
N GLN B 209 -5.35 -7.67 -0.64
CA GLN B 209 -4.17 -7.60 -1.54
C GLN B 209 -4.22 -6.31 -2.35
N GLY B 210 -3.13 -5.56 -2.34
CA GLY B 210 -3.11 -4.29 -3.02
C GLY B 210 -3.87 -3.22 -2.30
N GLY B 211 -4.39 -3.52 -1.11
CA GLY B 211 -5.12 -2.52 -0.39
C GLY B 211 -6.45 -2.13 -0.99
N GLU B 212 -7.02 -2.97 -1.85
CA GLU B 212 -8.33 -2.57 -2.32
C GLU B 212 -9.42 -3.06 -1.36
N PHE B 213 -10.58 -2.40 -1.46
CA PHE B 213 -11.72 -2.74 -0.63
C PHE B 213 -12.66 -3.74 -1.28
N LEU B 214 -12.46 -4.06 -2.56
CA LEU B 214 -13.26 -5.01 -3.32
C LEU B 214 -14.63 -4.47 -3.77
N ARG B 215 -14.80 -3.16 -3.88
CA ARG B 215 -15.86 -2.49 -4.65
C ARG B 215 -17.23 -2.43 -3.97
N TYR B 216 -17.61 -3.47 -3.25
CA TYR B 216 -18.95 -3.60 -2.67
C TYR B 216 -18.80 -4.10 -1.24
N TYR B 217 -19.67 -3.62 -0.34
CA TYR B 217 -19.59 -4.08 1.04
C TYR B 217 -19.80 -5.58 1.13
N VAL B 218 -20.61 -6.13 0.24
CA VAL B 218 -20.91 -7.55 0.34
C VAL B 218 -19.65 -8.37 0.09
N ALA B 219 -18.85 -7.98 -0.91
CA ALA B 219 -17.54 -8.61 -1.12
C ALA B 219 -16.61 -8.40 0.05
N TRP B 220 -16.55 -7.16 0.58
CA TRP B 220 -15.65 -6.89 1.69
C TRP B 220 -16.03 -7.74 2.91
N ARG B 221 -17.33 -7.87 3.19
CA ARG B 221 -17.81 -8.76 4.23
C ARG B 221 -17.33 -10.19 4.00
N ALA B 222 -17.38 -10.66 2.76
CA ALA B 222 -16.96 -12.03 2.50
C ALA B 222 -15.47 -12.20 2.68
N ALA B 223 -14.70 -11.12 2.56
CA ALA B 223 -13.25 -11.25 2.62
C ALA B 223 -12.70 -11.09 4.03
N HIS B 224 -13.39 -10.38 4.92
CA HIS B 224 -12.63 -9.98 6.08
C HIS B 224 -12.23 -11.11 7.03
N PRO B 225 -12.79 -12.32 6.98
CA PRO B 225 -12.18 -13.40 7.77
C PRO B 225 -10.71 -13.64 7.44
N GLN B 226 -10.27 -13.29 6.23
CA GLN B 226 -8.86 -13.45 5.87
C GLN B 226 -7.95 -12.75 6.86
N ALA B 227 -8.35 -11.58 7.35
CA ALA B 227 -7.51 -10.84 8.28
C ALA B 227 -7.41 -11.56 9.62
N TYR B 228 -8.45 -12.29 10.00
CA TYR B 228 -8.35 -13.15 11.19
C TYR B 228 -7.35 -14.26 10.96
N MET B 229 -7.38 -14.85 9.77
CA MET B 229 -6.44 -15.91 9.44
C MET B 229 -4.99 -15.43 9.52
N THR B 230 -4.75 -14.19 9.09
CA THR B 230 -3.38 -13.62 9.11
C THR B 230 -2.97 -13.43 10.56
N GLN B 231 -3.89 -12.94 11.39
CA GLN B 231 -3.57 -12.69 12.79
C GLN B 231 -3.14 -13.98 13.49
N VAL B 232 -3.83 -15.09 13.23
CA VAL B 232 -3.46 -16.30 13.98
C VAL B 232 -2.19 -16.90 13.42
N ILE B 233 -1.95 -16.76 12.10
CA ILE B 233 -0.64 -17.11 11.52
C ILE B 233 0.45 -16.29 12.17
N SER B 234 0.22 -14.99 12.36
CA SER B 234 1.23 -14.15 12.98
C SER B 234 1.47 -14.55 14.43
N LEU B 235 0.39 -14.78 15.17
CA LEU B 235 0.51 -15.18 16.57
C LEU B 235 1.40 -16.41 16.72
N ILE B 236 1.17 -17.44 15.89
CA ILE B 236 1.88 -18.70 16.05
C ILE B 236 3.33 -18.57 15.60
N THR B 237 3.55 -18.11 14.35
CA THR B 237 4.89 -18.09 13.78
C THR B 237 5.85 -17.17 14.53
N ASN B 238 5.36 -16.17 15.26
CA ASN B 238 6.24 -15.31 16.03
C ASN B 238 6.42 -15.81 17.46
N GLY B 239 5.92 -17.00 17.78
CA GLY B 239 6.15 -17.58 19.09
C GLY B 239 5.43 -16.88 20.22
N VAL B 240 4.29 -16.24 19.94
CA VAL B 240 3.60 -15.53 21.00
C VAL B 240 3.19 -16.48 22.11
N PHE B 241 2.77 -17.70 21.74
CA PHE B 241 2.29 -18.69 22.71
C PHE B 241 3.40 -19.55 23.30
N ASP B 242 4.54 -19.72 22.60
CA ASP B 242 5.74 -20.28 23.21
C ASP B 242 6.31 -19.34 24.28
N LYS B 243 6.20 -18.03 24.06
CA LYS B 243 6.64 -17.05 25.05
C LYS B 243 5.68 -16.98 26.23
N TYR B 244 4.37 -17.02 25.96
CA TYR B 244 3.34 -16.89 27.00
C TYR B 244 2.36 -18.02 26.80
N PRO B 245 2.62 -19.18 27.39
CA PRO B 245 1.81 -20.37 27.07
C PRO B 245 0.50 -20.44 27.85
N ASN B 246 0.26 -19.58 28.82
CA ASN B 246 -1.04 -19.44 29.45
C ASN B 246 -1.96 -18.44 28.75
N LEU B 247 -1.48 -17.77 27.71
CA LEU B 247 -2.21 -16.66 27.11
C LEU B 247 -3.18 -17.16 26.05
N LYS B 248 -4.42 -16.71 26.13
CA LYS B 248 -5.45 -17.10 25.19
C LYS B 248 -5.96 -15.90 24.40
N VAL B 249 -6.33 -16.15 23.13
CA VAL B 249 -6.84 -15.13 22.22
C VAL B 249 -8.25 -15.47 21.77
N ALA B 250 -9.12 -14.46 21.75
CA ALA B 250 -10.50 -14.60 21.32
C ALA B 250 -10.63 -13.97 19.94
N LEU B 251 -10.86 -14.80 18.95
CA LEU B 251 -11.10 -14.33 17.60
C LEU B 251 -12.59 -14.17 17.55
N ILE B 252 -13.04 -12.94 17.50
CA ILE B 252 -14.44 -12.58 17.59
C ILE B 252 -14.88 -11.97 16.27
N GLU B 253 -15.77 -12.70 15.57
CA GLU B 253 -16.57 -12.28 14.41
C GLU B 253 -15.84 -12.59 13.11
N GLY B 254 -14.74 -13.33 13.20
CA GLY B 254 -14.15 -13.85 11.99
C GLY B 254 -14.68 -15.19 11.54
N GLY B 255 -15.65 -15.76 12.27
CA GLY B 255 -16.16 -17.09 11.97
C GLY B 255 -15.26 -18.17 12.53
N PHE B 256 -15.52 -19.42 12.10
CA PHE B 256 -14.75 -20.56 12.60
C PHE B 256 -14.66 -21.69 11.57
N GLU B 257 -15.57 -21.71 10.60
CA GLU B 257 -15.61 -22.84 9.67
C GLU B 257 -14.31 -23.01 8.91
N TRP B 258 -13.45 -21.99 8.90
CA TRP B 258 -12.16 -22.02 8.22
C TRP B 258 -11.04 -22.56 9.10
N VAL B 259 -11.32 -22.79 10.38
CA VAL B 259 -10.29 -23.11 11.36
C VAL B 259 -9.65 -24.46 11.06
N PRO B 260 -10.41 -25.54 10.84
CA PRO B 260 -9.72 -26.80 10.52
C PRO B 260 -8.87 -26.72 9.27
N PHE B 261 -9.33 -26.03 8.23
CA PHE B 261 -8.48 -25.82 7.06
C PHE B 261 -7.15 -25.17 7.46
N MET B 262 -7.23 -24.06 8.20
CA MET B 262 -6.03 -23.34 8.60
C MET B 262 -5.13 -24.22 9.46
N MET B 263 -5.74 -25.00 10.38
CA MET B 263 -4.99 -25.91 11.25
C MET B 263 -4.18 -26.92 10.45
N ASN B 264 -4.79 -27.52 9.42
CA ASN B 264 -4.09 -28.49 8.59
C ASN B 264 -3.01 -27.83 7.76
N ARG B 265 -3.32 -26.69 7.13
CA ARG B 265 -2.32 -25.98 6.33
C ARG B 265 -1.09 -25.62 7.15
N MET B 266 -1.28 -25.08 8.36
CA MET B 266 -0.15 -24.71 9.18
C MET B 266 0.61 -25.92 9.71
N ASP B 267 -0.10 -27.03 10.02
CA ASP B 267 0.55 -28.27 10.46
C ASP B 267 1.43 -28.87 9.36
N ALA B 268 0.93 -28.89 8.12
CA ALA B 268 1.71 -29.37 6.99
C ALA B 268 2.97 -28.54 6.79
N ALA B 269 2.80 -27.22 6.75
CA ALA B 269 3.94 -26.35 6.52
C ALA B 269 5.02 -26.57 7.57
N TYR B 270 4.62 -26.82 8.81
CA TYR B 270 5.59 -26.89 9.88
C TYR B 270 6.31 -28.22 9.96
N LYS B 271 5.71 -29.29 9.42
CA LYS B 271 6.42 -30.56 9.41
C LYS B 271 7.78 -30.40 8.72
N GLY B 272 7.84 -29.57 7.67
CA GLY B 272 9.03 -29.45 6.84
C GLY B 272 9.86 -28.17 6.92
N LEU B 273 9.33 -27.08 7.48
CA LEU B 273 10.07 -25.81 7.48
C LEU B 273 10.21 -25.22 8.87
N ARG B 274 10.03 -26.01 9.94
CA ARG B 274 10.00 -25.45 11.29
C ARG B 274 11.31 -24.75 11.67
N GLN B 275 12.43 -25.12 11.02
CA GLN B 275 13.73 -24.55 11.39
C GLN B 275 13.82 -23.05 11.08
N GLU B 276 12.95 -22.51 10.21
CA GLU B 276 12.92 -21.06 9.96
C GLU B 276 12.43 -20.30 11.18
N THR B 277 11.54 -20.90 11.98
CA THR B 277 11.02 -20.31 13.21
C THR B 277 11.24 -21.30 14.35
N PRO B 278 12.51 -21.47 14.79
CA PRO B 278 12.81 -22.53 15.78
C PRO B 278 12.16 -22.32 17.13
N TRP B 279 11.69 -21.10 17.43
CA TRP B 279 11.03 -20.81 18.70
C TRP B 279 9.65 -21.45 18.79
N VAL B 280 9.08 -21.89 17.66
CA VAL B 280 7.78 -22.56 17.69
C VAL B 280 8.01 -24.02 18.03
N LYS B 281 7.67 -24.40 19.26
CA LYS B 281 8.00 -25.70 19.84
C LYS B 281 6.89 -26.72 19.71
N ARG B 282 5.63 -26.29 19.64
CA ARG B 282 4.52 -27.20 19.54
C ARG B 282 4.11 -27.37 18.10
N MET B 283 3.06 -28.18 17.87
CA MET B 283 2.55 -28.21 16.50
C MET B 283 1.45 -27.16 16.36
N PRO B 284 1.38 -26.43 15.21
CA PRO B 284 0.42 -25.33 15.08
C PRO B 284 -0.95 -25.63 15.66
N SER B 285 -1.58 -26.72 15.23
CA SER B 285 -2.93 -27.02 15.73
C SER B 285 -2.97 -27.18 17.24
N ASP B 286 -1.83 -27.36 17.92
CA ASP B 286 -1.86 -27.35 19.38
C ASP B 286 -2.17 -25.97 19.91
N TYR B 287 -1.63 -24.93 19.26
CA TYR B 287 -1.89 -23.57 19.70
C TYR B 287 -3.35 -23.20 19.48
N PHE B 288 -3.95 -23.72 18.41
CA PHE B 288 -5.39 -23.53 18.20
C PHE B 288 -6.18 -24.12 19.36
N ARG B 289 -5.83 -25.33 19.79
CA ARG B 289 -6.63 -25.99 20.80
C ARG B 289 -6.41 -25.38 22.18
N ASP B 290 -5.17 -25.00 22.48
CA ASP B 290 -4.87 -24.57 23.84
C ASP B 290 -4.85 -23.05 24.01
N ASN B 291 -4.68 -22.27 22.94
CA ASN B 291 -4.56 -20.83 23.11
C ASN B 291 -5.62 -20.02 22.38
N MET B 292 -6.36 -20.61 21.46
CA MET B 292 -7.28 -19.90 20.58
C MET B 292 -8.72 -20.23 20.93
N ARG B 293 -9.58 -19.22 20.98
CA ARG B 293 -11.02 -19.40 21.09
C ARG B 293 -11.69 -18.64 19.95
N PHE B 294 -12.85 -19.10 19.51
CA PHE B 294 -13.48 -18.48 18.36
C PHE B 294 -14.96 -18.31 18.63
N SER B 295 -15.51 -17.18 18.21
CA SER B 295 -16.92 -16.92 18.35
C SER B 295 -17.71 -17.63 17.24
N THR B 296 -18.99 -17.93 17.52
CA THR B 296 -19.85 -18.55 16.51
C THR B 296 -20.55 -17.54 15.61
N GLN B 297 -20.67 -16.25 16.05
CA GLN B 297 -21.37 -15.21 15.29
C GLN B 297 -20.47 -14.68 14.16
N PRO B 298 -21.05 -14.39 12.97
CA PRO B 298 -22.46 -14.60 12.65
C PRO B 298 -22.75 -16.05 12.28
N TRP B 299 -23.81 -16.61 12.86
CA TRP B 299 -24.19 -17.98 12.60
C TRP B 299 -24.92 -18.10 11.27
N HIS B 300 -24.49 -19.03 10.45
CA HIS B 300 -25.18 -19.38 9.23
C HIS B 300 -25.72 -20.79 9.40
N ASP B 301 -26.93 -21.04 8.89
CA ASP B 301 -27.54 -22.36 8.98
C ASP B 301 -26.52 -23.42 8.64
N ILE B 302 -26.37 -24.40 9.52
CA ILE B 302 -25.40 -25.47 9.25
C ILE B 302 -25.89 -26.71 9.97
N SER B 303 -25.92 -27.82 9.24
CA SER B 303 -26.57 -29.02 9.72
C SER B 303 -25.85 -29.57 10.93
N ALA B 304 -26.58 -30.30 11.76
CA ALA B 304 -25.96 -30.85 12.97
C ALA B 304 -24.71 -31.65 12.59
N LYS B 305 -24.83 -32.49 11.56
CA LYS B 305 -23.72 -33.37 11.23
C LYS B 305 -22.53 -32.57 10.70
N HIS B 306 -22.78 -31.50 9.96
CA HIS B 306 -21.69 -30.68 9.44
C HIS B 306 -21.00 -29.89 10.55
N PHE B 307 -21.78 -29.33 11.47
CA PHE B 307 -21.20 -28.75 12.67
C PHE B 307 -20.41 -29.77 13.47
N LEU B 308 -20.98 -30.95 13.72
CA LEU B 308 -20.25 -31.95 14.50
C LEU B 308 -19.03 -32.49 13.74
N ASP B 309 -19.05 -32.44 12.39
CA ASP B 309 -17.86 -32.74 11.61
C ASP B 309 -16.77 -31.68 11.81
N ILE B 310 -17.13 -30.41 11.83
CA ILE B 310 -16.12 -29.34 12.01
C ILE B 310 -15.51 -29.51 13.41
N ILE B 311 -16.34 -29.85 14.41
CA ILE B 311 -15.85 -29.99 15.78
C ILE B 311 -14.88 -31.15 15.88
N ASP B 312 -15.24 -32.27 15.24
CA ASP B 312 -14.35 -33.42 15.17
C ASP B 312 -13.02 -33.04 14.53
N MET B 313 -13.07 -32.21 13.47
CA MET B 313 -11.85 -31.84 12.74
C MET B 313 -10.98 -30.90 13.53
N MET B 314 -11.56 -30.15 14.47
CA MET B 314 -10.75 -29.35 15.37
C MET B 314 -10.03 -30.21 16.39
N GLY B 315 -10.59 -31.37 16.72
CA GLY B 315 -10.01 -32.23 17.73
C GLY B 315 -10.24 -31.78 19.15
N SER B 316 -11.24 -30.94 19.38
CA SER B 316 -11.50 -30.35 20.69
C SER B 316 -12.87 -29.68 20.68
N ASP B 317 -13.57 -29.75 21.80
CA ASP B 317 -14.83 -29.05 21.95
C ASP B 317 -14.66 -27.79 22.80
N LYS B 318 -13.42 -27.39 23.03
CA LYS B 318 -13.12 -26.29 23.94
C LYS B 318 -13.00 -24.95 23.23
N MET B 319 -13.13 -24.93 21.90
CA MET B 319 -12.62 -23.83 21.10
C MET B 319 -13.68 -22.80 20.70
N LEU B 320 -14.97 -23.12 20.78
CA LEU B 320 -16.02 -22.27 20.25
C LEU B 320 -16.80 -21.58 21.37
N MET B 321 -17.11 -20.30 21.15
CA MET B 321 -17.83 -19.50 22.13
C MET B 321 -19.01 -18.88 21.42
N PHE B 322 -19.93 -18.37 22.22
CA PHE B 322 -21.11 -17.73 21.68
C PHE B 322 -20.96 -16.23 21.83
N SER B 323 -21.52 -15.51 20.86
CA SER B 323 -21.75 -14.09 21.06
C SER B 323 -22.98 -13.69 20.27
N THR B 324 -23.61 -12.60 20.69
CA THR B 324 -24.77 -12.09 19.98
C THR B 324 -24.43 -11.02 18.94
N ASP B 325 -23.36 -10.24 19.13
CA ASP B 325 -23.04 -9.06 18.32
C ASP B 325 -24.10 -7.98 18.43
N TYR B 326 -24.80 -7.91 19.55
CA TYR B 326 -25.73 -6.82 19.80
C TYR B 326 -24.99 -5.47 19.72
N PRO B 327 -25.57 -4.45 19.07
CA PRO B 327 -26.88 -4.39 18.42
C PRO B 327 -26.81 -4.55 16.90
N HIS B 328 -25.87 -5.34 16.40
CA HIS B 328 -25.67 -5.31 14.97
C HIS B 328 -26.75 -6.10 14.23
N TRP B 329 -26.86 -5.83 12.94
CA TRP B 329 -28.00 -6.32 12.16
C TRP B 329 -28.00 -7.85 12.06
N ASP B 330 -26.84 -8.49 12.11
CA ASP B 330 -26.75 -9.95 12.12
C ASP B 330 -26.63 -10.52 13.54
N PHE B 331 -27.22 -9.82 14.52
CA PHE B 331 -27.45 -10.34 15.85
C PHE B 331 -27.90 -11.80 15.80
N ASP B 332 -27.45 -12.57 16.79
CA ASP B 332 -27.79 -13.97 16.98
C ASP B 332 -28.44 -14.13 18.35
N ALA B 333 -29.60 -14.82 18.39
CA ALA B 333 -30.19 -15.03 19.71
C ALA B 333 -29.70 -16.35 20.30
N PRO B 334 -29.33 -16.40 21.58
CA PRO B 334 -28.77 -17.66 22.12
C PRO B 334 -29.73 -18.85 22.02
N LYS B 335 -31.04 -18.63 22.17
CA LYS B 335 -32.02 -19.70 22.03
C LYS B 335 -32.28 -20.06 20.57
N ARG B 336 -31.53 -19.52 19.62
CA ARG B 336 -31.92 -19.68 18.23
C ARG B 336 -30.74 -19.89 17.28
N THR B 337 -29.54 -20.18 17.78
CA THR B 337 -28.43 -20.28 16.83
C THR B 337 -27.86 -21.69 16.67
N LEU B 338 -27.50 -22.36 17.76
CA LEU B 338 -26.85 -23.65 17.58
C LEU B 338 -27.81 -24.68 16.98
N PRO B 339 -27.32 -25.69 16.26
CA PRO B 339 -28.22 -26.72 15.69
C PRO B 339 -29.09 -27.35 16.77
N PRO B 340 -30.41 -27.41 16.54
CA PRO B 340 -31.29 -27.96 17.60
C PRO B 340 -30.91 -29.36 18.05
N LYS B 341 -30.13 -30.10 17.26
CA LYS B 341 -29.85 -31.51 17.45
C LYS B 341 -28.61 -31.80 18.30
N ILE B 342 -27.87 -30.79 18.75
CA ILE B 342 -26.63 -31.10 19.44
C ILE B 342 -26.93 -31.42 20.90
N SER B 343 -25.97 -32.08 21.54
CA SER B 343 -26.16 -32.52 22.92
C SER B 343 -26.17 -31.32 23.86
N ASP B 344 -26.91 -31.46 24.96
CA ASP B 344 -26.92 -30.40 25.97
C ASP B 344 -25.52 -30.13 26.50
N ASP B 345 -24.60 -31.09 26.38
CA ASP B 345 -23.24 -30.91 26.85
C ASP B 345 -22.46 -29.97 25.94
N LEU B 346 -22.49 -30.22 24.63
CA LEU B 346 -21.86 -29.28 23.70
C LEU B 346 -22.55 -27.90 23.72
N LYS B 347 -23.87 -27.86 23.89
CA LYS B 347 -24.57 -26.58 23.95
C LYS B 347 -24.07 -25.77 25.15
N ASN B 348 -23.86 -26.42 26.29
CA ASN B 348 -23.40 -25.67 27.45
C ASN B 348 -21.95 -25.21 27.27
N LYS B 349 -21.13 -26.00 26.60
CA LYS B 349 -19.73 -25.63 26.41
C LYS B 349 -19.60 -24.43 25.49
N ILE B 350 -20.40 -24.40 24.43
CA ILE B 350 -20.33 -23.30 23.49
C ILE B 350 -21.02 -22.06 24.06
N LEU B 351 -22.17 -22.25 24.69
CA LEU B 351 -22.90 -21.11 25.20
C LEU B 351 -22.29 -20.53 26.48
N TYR B 352 -21.48 -21.28 27.21
CA TYR B 352 -21.10 -20.80 28.53
C TYR B 352 -19.71 -21.23 28.97
N GLU B 353 -19.46 -22.54 28.98
CA GLU B 353 -18.30 -23.06 29.69
C GLU B 353 -16.99 -22.60 29.04
N ASN B 354 -16.90 -22.70 27.70
CA ASN B 354 -15.67 -22.37 27.01
C ASN B 354 -15.26 -20.94 27.27
N ALA B 355 -16.24 -20.03 27.24
CA ALA B 355 -15.99 -18.64 27.59
C ALA B 355 -15.67 -18.47 29.07
N ARG B 356 -16.33 -19.24 29.95
CA ARG B 356 -16.06 -19.13 31.38
C ARG B 356 -14.60 -19.50 31.71
N GLU B 357 -14.12 -20.63 31.16
CA GLU B 357 -12.70 -20.96 31.31
C GLU B 357 -11.82 -19.85 30.74
N LEU B 358 -12.18 -19.29 29.59
CA LEU B 358 -11.33 -18.29 28.94
C LEU B 358 -11.20 -17.02 29.79
N TYR B 359 -12.27 -16.61 30.43
CA TYR B 359 -12.28 -15.35 31.16
C TYR B 359 -12.18 -15.53 32.66
N ASN B 360 -11.84 -16.74 33.11
CA ASN B 360 -11.74 -17.09 34.53
C ASN B 360 -12.92 -16.54 35.32
N LEU B 361 -14.10 -16.99 34.91
CA LEU B 361 -15.37 -16.43 35.41
C LEU B 361 -16.10 -17.31 36.44
N LYS C 18 41.88 19.06 -0.88
CA LYS C 18 41.04 19.95 -1.66
C LYS C 18 39.65 19.34 -2.06
N VAL C 19 39.44 18.03 -2.04
CA VAL C 19 38.11 17.48 -2.35
C VAL C 19 37.78 16.28 -1.46
N ILE C 20 36.56 16.28 -0.91
CA ILE C 20 36.01 15.16 -0.16
C ILE C 20 34.81 14.63 -0.94
N ASP C 21 34.85 13.34 -1.31
CA ASP C 21 33.76 12.69 -2.03
C ASP C 21 32.80 12.03 -1.02
N THR C 22 31.53 12.47 -1.04
CA THR C 22 30.52 12.04 -0.08
C THR C 22 29.60 10.94 -0.61
N ASP C 23 29.86 10.38 -1.79
CA ASP C 23 29.03 9.32 -2.32
C ASP C 23 29.87 8.41 -3.22
N ILE C 24 30.33 7.29 -2.66
CA ILE C 24 31.06 6.27 -3.42
C ILE C 24 30.44 4.91 -3.15
N HIS C 25 30.15 4.16 -4.21
CA HIS C 25 29.43 2.90 -4.11
C HIS C 25 30.35 1.73 -4.37
N HIS C 26 31.18 1.42 -3.37
CA HIS C 26 31.83 0.14 -3.41
C HIS C 26 30.81 -0.96 -3.20
N ASP C 27 31.21 -2.18 -3.50
CA ASP C 27 30.25 -3.28 -3.57
C ASP C 27 30.96 -4.58 -3.21
N ILE C 28 30.16 -5.62 -3.04
CA ILE C 28 30.68 -6.99 -3.05
C ILE C 28 30.66 -7.46 -4.49
N ALA C 29 31.59 -8.36 -4.82
CA ALA C 29 31.63 -8.93 -6.20
C ALA C 29 30.77 -10.19 -6.22
N SER C 30 30.51 -10.76 -5.04
CA SER C 30 29.68 -12.00 -4.95
C SER C 30 29.02 -12.08 -3.58
N VAL C 31 27.78 -12.57 -3.52
CA VAL C 31 27.11 -12.75 -2.20
C VAL C 31 28.02 -13.61 -1.33
N ASP C 32 28.90 -14.40 -1.97
CA ASP C 32 29.84 -15.27 -1.22
C ASP C 32 30.84 -14.40 -0.44
N ASP C 33 31.06 -13.15 -0.85
CA ASP C 33 31.95 -12.31 -0.03
C ASP C 33 31.43 -12.14 1.39
N LEU C 34 30.17 -12.46 1.64
CA LEU C 34 29.58 -12.33 2.96
C LEU C 34 29.71 -13.59 3.82
N VAL C 35 29.81 -14.77 3.18
CA VAL C 35 29.93 -16.01 3.95
C VAL C 35 31.02 -15.90 5.01
N PRO C 36 32.25 -15.45 4.70
CA PRO C 36 33.29 -15.38 5.75
C PRO C 36 32.94 -14.52 6.95
N TYR C 37 31.91 -13.68 6.92
CA TYR C 37 31.58 -12.84 8.06
C TYR C 37 30.30 -13.24 8.78
N LEU C 38 29.51 -14.14 8.20
CA LEU C 38 28.27 -14.59 8.82
C LEU C 38 28.53 -15.74 9.78
N SER C 39 27.81 -15.73 10.90
CA SER C 39 27.77 -16.89 11.78
C SER C 39 27.37 -18.12 10.97
N ASP C 40 27.61 -19.32 11.50
CA ASP C 40 27.41 -20.50 10.68
C ASP C 40 25.93 -20.77 10.42
N HIS C 41 25.06 -20.40 11.35
CA HIS C 41 23.63 -20.41 11.06
C HIS C 41 23.34 -19.68 9.74
N TRP C 42 23.81 -18.44 9.63
CA TRP C 42 23.48 -17.63 8.45
C TRP C 42 24.31 -17.96 7.23
N LYS C 43 25.49 -18.57 7.40
CA LYS C 43 26.25 -18.97 6.22
C LYS C 43 25.41 -19.89 5.33
N ARG C 44 24.55 -20.71 5.94
CA ARG C 44 23.79 -21.68 5.18
C ARG C 44 22.84 -21.00 4.19
N TYR C 45 22.26 -19.86 4.58
CA TYR C 45 21.27 -19.21 3.72
C TYR C 45 21.86 -18.84 2.37
N ILE C 46 23.17 -18.63 2.32
CA ILE C 46 23.86 -18.39 1.05
C ILE C 46 24.36 -19.68 0.44
N THR C 47 25.09 -20.48 1.20
CA THR C 47 25.69 -21.68 0.65
C THR C 47 24.63 -22.69 0.23
N GLU C 48 23.66 -22.95 1.11
CA GLU C 48 22.69 -24.03 0.93
C GLU C 48 21.31 -23.57 0.50
N TYR C 49 20.81 -22.45 1.01
CA TYR C 49 19.45 -22.02 0.67
C TYR C 49 19.42 -21.01 -0.46
N ASN C 50 20.58 -20.63 -1.00
CA ASN C 50 20.69 -19.87 -2.24
C ASN C 50 20.10 -18.47 -2.10
N TRP C 51 20.31 -17.83 -0.97
CA TRP C 51 19.77 -16.49 -0.85
C TRP C 51 20.52 -15.52 -1.75
N LYS C 52 19.76 -14.74 -2.51
CA LYS C 52 20.23 -13.60 -3.30
C LYS C 52 19.44 -12.35 -2.89
N PRO C 53 20.05 -11.17 -2.98
CA PRO C 53 19.29 -9.95 -2.67
C PRO C 53 18.33 -9.62 -3.79
N ILE C 54 17.17 -9.11 -3.43
CA ILE C 54 16.15 -8.77 -4.40
C ILE C 54 16.05 -7.25 -4.45
N LYS C 55 15.85 -6.72 -5.66
CA LYS C 55 15.43 -5.33 -5.81
C LYS C 55 14.11 -5.33 -6.54
N THR C 56 13.20 -4.47 -6.09
CA THR C 56 11.85 -4.47 -6.61
C THR C 56 11.55 -3.52 -7.75
N THR C 57 12.52 -2.69 -8.08
CA THR C 57 12.36 -1.78 -9.18
C THR C 57 12.13 -2.54 -10.47
N PRO C 58 10.99 -2.30 -11.11
CA PRO C 58 10.67 -3.07 -12.30
C PRO C 58 11.36 -2.57 -13.56
N PHE C 59 12.28 -1.63 -13.42
CA PHE C 59 12.92 -1.02 -14.60
C PHE C 59 14.34 -0.54 -14.27
N HIS C 60 15.06 -0.05 -15.27
CA HIS C 60 16.43 0.50 -15.04
C HIS C 60 16.85 1.39 -16.22
N GLN C 61 18.06 1.91 -16.18
CA GLN C 61 18.57 2.77 -17.25
C GLN C 61 18.55 2.04 -18.58
N VAL C 62 17.99 2.70 -19.60
CA VAL C 62 17.82 2.09 -20.91
C VAL C 62 19.06 2.35 -21.77
N ARG C 63 20.17 1.70 -21.40
CA ARG C 63 21.48 1.94 -22.01
C ARG C 63 22.40 0.78 -21.67
N SER C 64 23.39 0.55 -22.53
CA SER C 64 24.40 -0.48 -22.22
C SER C 64 25.14 -0.03 -20.98
N GLY C 65 25.59 -0.97 -20.15
CA GLY C 65 26.25 -0.66 -18.90
C GLY C 65 25.30 -0.22 -17.80
N THR C 66 23.99 -0.27 -18.04
CA THR C 66 22.90 0.06 -17.11
C THR C 66 23.21 1.28 -16.22
N LYS C 67 23.37 1.13 -14.92
CA LYS C 67 23.55 2.28 -14.03
C LYS C 67 25.01 2.73 -13.88
N TYR C 68 25.94 2.17 -14.65
CA TYR C 68 27.37 2.34 -14.42
C TYR C 68 28.07 3.05 -15.59
N ARG C 69 29.25 3.62 -15.28
CA ARG C 69 30.15 4.07 -16.35
C ARG C 69 30.67 2.87 -17.13
N GLY C 70 30.84 3.04 -18.44
CA GLY C 70 31.30 1.93 -19.26
C GLY C 70 32.64 1.37 -18.83
N ASP C 71 33.51 2.20 -18.24
CA ASP C 71 34.88 1.85 -17.90
C ASP C 71 35.04 1.34 -16.47
N SER C 72 33.95 0.97 -15.79
CA SER C 72 34.02 0.57 -14.38
C SER C 72 33.97 -0.96 -14.18
N PHE C 73 33.75 -1.70 -15.24
CA PHE C 73 33.61 -3.13 -15.06
C PHE C 73 34.97 -3.79 -14.96
N GLY C 74 35.91 -3.36 -15.80
CA GLY C 74 37.23 -3.94 -15.77
C GLY C 74 37.40 -5.05 -16.79
N GLU C 75 38.30 -5.99 -16.52
CA GLU C 75 38.53 -7.10 -17.43
C GLU C 75 38.23 -8.46 -16.79
N SER C 76 38.00 -8.49 -15.48
CA SER C 76 37.74 -9.74 -14.78
C SER C 76 36.25 -9.97 -14.52
N LYS C 77 35.41 -9.51 -15.42
CA LYS C 77 33.96 -9.65 -15.28
C LYS C 77 33.50 -9.21 -13.88
N ARG C 78 34.17 -8.22 -13.29
CA ARG C 78 33.92 -7.93 -11.88
C ARG C 78 32.87 -6.84 -11.72
N PRO C 79 31.89 -7.01 -10.82
CA PRO C 79 30.90 -5.96 -10.58
C PRO C 79 31.55 -4.63 -10.27
N PRO C 80 31.16 -3.56 -10.97
CA PRO C 80 31.78 -2.25 -10.74
C PRO C 80 31.65 -1.81 -9.29
N GLY C 81 32.74 -1.29 -8.75
CA GLY C 81 32.80 -0.89 -7.38
C GLY C 81 33.28 -1.95 -6.42
N SER C 82 33.38 -3.21 -6.88
CA SER C 82 33.80 -4.29 -6.00
C SER C 82 35.31 -4.53 -6.03
N ASP C 83 36.02 -3.94 -7.00
CA ASP C 83 37.47 -4.07 -7.15
C ASP C 83 38.13 -2.87 -6.47
N PHE C 84 38.83 -3.13 -5.36
CA PHE C 84 39.53 -2.06 -4.65
C PHE C 84 40.54 -1.36 -5.55
N GLU C 85 41.30 -2.11 -6.34
CA GLU C 85 42.37 -1.48 -7.09
C GLU C 85 41.82 -0.58 -8.18
N LEU C 86 40.71 -0.99 -8.80
CA LEU C 86 40.12 -0.12 -9.81
C LEU C 86 39.57 1.17 -9.17
N LEU C 87 39.03 1.05 -7.96
CA LEU C 87 38.60 2.22 -7.20
C LEU C 87 39.76 3.19 -6.98
N LYS C 88 40.88 2.65 -6.51
CA LYS C 88 42.06 3.50 -6.25
C LYS C 88 42.46 4.22 -7.54
N LYS C 89 42.74 3.46 -8.60
CA LYS C 89 43.19 4.08 -9.84
C LYS C 89 42.14 5.04 -10.39
N GLN C 90 40.97 4.50 -10.75
CA GLN C 90 39.98 5.25 -11.52
C GLN C 90 39.42 6.45 -10.78
N LEU C 91 39.46 6.46 -9.45
CA LEU C 91 38.79 7.51 -8.70
C LEU C 91 39.71 8.19 -7.70
N LEU C 92 40.15 7.46 -6.69
CA LEU C 92 40.94 8.08 -5.62
C LEU C 92 42.18 8.79 -6.17
N ASP C 93 42.98 8.07 -6.97
CA ASP C 93 44.20 8.64 -7.54
C ASP C 93 43.88 9.59 -8.68
N GLU C 94 43.18 9.06 -9.69
CA GLU C 94 42.92 9.83 -10.91
C GLU C 94 42.31 11.19 -10.61
N HIS C 95 41.26 11.23 -9.79
CA HIS C 95 40.55 12.46 -9.51
C HIS C 95 41.00 13.14 -8.22
N GLU C 96 42.15 12.73 -7.66
CA GLU C 96 42.84 13.46 -6.60
C GLU C 96 41.94 13.65 -5.37
N ILE C 97 41.23 12.59 -5.00
CA ILE C 97 40.32 12.63 -3.85
C ILE C 97 41.10 12.68 -2.55
N THR C 98 40.79 13.68 -1.72
CA THR C 98 41.40 13.75 -0.39
C THR C 98 40.83 12.69 0.53
N TYR C 99 39.52 12.48 0.47
CA TYR C 99 38.78 11.60 1.37
C TYR C 99 37.52 11.17 0.66
N GLY C 100 37.26 9.86 0.63
CA GLY C 100 36.05 9.36 0.04
C GLY C 100 35.19 8.68 1.08
N VAL C 101 33.90 9.02 1.12
CA VAL C 101 32.94 8.39 2.03
C VAL C 101 32.23 7.29 1.28
N LEU C 102 32.56 6.06 1.61
CA LEU C 102 31.94 4.91 0.95
C LEU C 102 30.48 4.80 1.35
N GLY C 103 29.59 4.70 0.38
CA GLY C 103 28.19 4.53 0.65
C GLY C 103 27.75 3.08 0.74
N GLY C 104 28.48 2.20 0.06
CA GLY C 104 28.07 0.82 -0.09
C GLY C 104 27.04 0.68 -1.18
N TRP C 105 26.69 -0.59 -1.44
CA TRP C 105 25.53 -0.94 -2.25
C TRP C 105 24.73 -1.99 -1.53
N PHE C 106 24.48 -1.72 -0.25
CA PHE C 106 23.96 -2.70 0.68
C PHE C 106 22.61 -2.27 1.23
N HIS C 107 21.97 -1.30 0.59
CA HIS C 107 20.69 -0.79 1.09
C HIS C 107 19.67 -1.90 1.25
N GLU C 108 19.81 -2.99 0.48
CA GLU C 108 18.87 -4.12 0.54
C GLU C 108 18.64 -4.63 1.95
N ALA C 109 19.66 -4.57 2.81
CA ALA C 109 19.48 -5.12 4.15
C ALA C 109 18.63 -4.19 5.00
N THR C 110 18.69 -2.89 4.70
CA THR C 110 17.95 -1.91 5.49
C THR C 110 16.50 -1.84 5.05
N VAL C 111 16.23 -2.00 3.76
CA VAL C 111 14.87 -1.87 3.25
C VAL C 111 14.22 -3.24 3.06
N ALA C 112 14.77 -4.27 3.73
CA ALA C 112 14.27 -5.63 3.58
C ALA C 112 12.83 -5.72 4.08
N THR C 113 12.05 -6.60 3.43
CA THR C 113 10.61 -6.70 3.70
C THR C 113 10.23 -8.00 4.40
N GLY C 114 11.20 -8.85 4.72
CA GLY C 114 10.98 -10.04 5.52
C GLY C 114 12.35 -10.61 5.82
N TRP C 115 12.38 -11.66 6.62
CA TRP C 115 13.65 -12.20 7.10
C TRP C 115 14.51 -11.06 7.66
N PHE C 116 13.95 -10.40 8.68
CA PHE C 116 14.69 -9.30 9.29
C PHE C 116 15.83 -9.80 10.16
N GLU C 117 15.70 -11.00 10.74
CA GLU C 117 16.81 -11.56 11.54
C GLU C 117 18.05 -11.77 10.66
N PHE C 118 17.88 -12.48 9.55
CA PHE C 118 18.94 -12.58 8.54
C PHE C 118 19.44 -11.20 8.11
N ALA C 119 18.51 -10.27 7.86
CA ALA C 119 18.91 -8.95 7.38
C ALA C 119 19.85 -8.25 8.35
N ALA C 120 19.57 -8.36 9.65
CA ALA C 120 20.49 -7.80 10.62
C ALA C 120 21.86 -8.49 10.56
N ALA C 121 21.87 -9.80 10.31
CA ALA C 121 23.15 -10.50 10.20
C ALA C 121 23.96 -9.96 9.01
N ARG C 122 23.30 -9.72 7.89
CA ARG C 122 24.01 -9.18 6.75
C ARG C 122 24.51 -7.76 7.00
N ALA C 123 23.77 -6.95 7.76
CA ALA C 123 24.25 -5.62 8.09
C ALA C 123 25.64 -5.70 8.71
N ALA C 124 25.76 -6.43 9.82
CA ALA C 124 27.06 -6.64 10.44
C ALA C 124 28.06 -7.22 9.45
N ALA C 125 27.62 -8.19 8.65
CA ALA C 125 28.52 -8.78 7.65
C ALA C 125 29.01 -7.73 6.66
N TYR C 126 28.10 -6.88 6.15
CA TYR C 126 28.51 -5.81 5.23
C TYR C 126 29.55 -4.88 5.85
N ASN C 127 29.38 -4.53 7.13
CA ASN C 127 30.31 -3.61 7.78
C ASN C 127 31.68 -4.25 8.08
N ASP C 128 31.71 -5.55 8.42
CA ASP C 128 32.98 -6.25 8.52
C ASP C 128 33.73 -6.19 7.18
N TYR C 129 33.02 -6.45 6.09
CA TYR C 129 33.66 -6.44 4.77
C TYR C 129 34.19 -5.06 4.42
N THR C 130 33.49 -4.00 4.83
CA THR C 130 34.00 -2.65 4.56
C THR C 130 35.24 -2.38 5.40
N ILE C 131 35.20 -2.73 6.68
CA ILE C 131 36.34 -2.46 7.53
C ILE C 131 37.55 -3.22 7.04
N GLU C 132 37.40 -4.51 6.76
CA GLU C 132 38.55 -5.38 6.55
C GLU C 132 39.07 -5.31 5.12
N GLN C 133 38.18 -5.11 4.15
CA GLN C 133 38.59 -5.16 2.76
C GLN C 133 38.58 -3.82 2.07
N TRP C 134 38.20 -2.73 2.77
CA TRP C 134 38.22 -1.41 2.14
C TRP C 134 38.84 -0.36 3.06
N LEU C 135 38.26 -0.14 4.24
CA LEU C 135 38.78 0.89 5.14
C LEU C 135 40.22 0.61 5.55
N ASN C 136 40.51 -0.64 5.93
CA ASN C 136 41.84 -0.96 6.45
C ASN C 136 42.91 -0.95 5.36
N LYS C 137 42.54 -0.94 4.09
CA LYS C 137 43.49 -0.94 2.99
C LYS C 137 43.84 0.46 2.48
N ASP C 138 43.24 1.52 3.03
CA ASP C 138 43.53 2.86 2.52
C ASP C 138 43.06 3.91 3.51
N GLU C 139 43.90 4.93 3.72
CA GLU C 139 43.63 5.94 4.73
C GLU C 139 42.60 6.95 4.24
N ARG C 140 42.51 7.13 2.92
CA ARG C 140 41.58 8.08 2.31
C ARG C 140 40.13 7.60 2.33
N LEU C 141 39.88 6.37 2.74
CA LEU C 141 38.55 5.80 2.71
C LEU C 141 37.89 5.96 4.07
N LEU C 142 36.67 6.49 4.06
CA LEU C 142 35.83 6.55 5.24
C LEU C 142 34.60 5.69 5.00
N GLY C 143 33.98 5.25 6.09
CA GLY C 143 32.87 4.33 5.93
C GLY C 143 31.53 4.76 6.51
N SER C 144 30.45 4.14 6.01
CA SER C 144 29.12 4.25 6.58
C SER C 144 28.68 2.91 7.15
N ILE C 145 28.04 2.96 8.31
CA ILE C 145 27.51 1.76 8.97
C ILE C 145 26.24 1.34 8.28
N THR C 146 26.21 0.11 7.76
CA THR C 146 24.98 -0.50 7.31
C THR C 146 24.19 -1.00 8.52
N ILE C 147 22.91 -0.65 8.57
CA ILE C 147 22.06 -1.00 9.71
C ILE C 147 20.82 -1.71 9.19
N PRO C 148 20.28 -2.66 9.94
CA PRO C 148 18.90 -3.10 9.68
C PRO C 148 17.95 -2.02 10.18
N ALA C 149 16.70 -2.11 9.73
CA ALA C 149 15.77 -1.08 10.15
C ALA C 149 15.29 -1.28 11.58
N ASP C 150 15.34 -2.51 12.11
CA ASP C 150 14.96 -2.77 13.51
C ASP C 150 15.77 -1.85 14.42
N PRO C 151 15.14 -0.97 15.18
CA PRO C 151 15.93 -0.01 15.98
C PRO C 151 16.80 -0.67 17.03
N VAL C 152 16.37 -1.82 17.58
CA VAL C 152 17.17 -2.51 18.60
C VAL C 152 18.44 -3.09 17.99
N ALA C 153 18.30 -3.81 16.87
CA ALA C 153 19.46 -4.36 16.19
C ALA C 153 20.38 -3.26 15.62
N ALA C 154 19.81 -2.15 15.14
CA ALA C 154 20.64 -1.12 14.51
C ALA C 154 21.48 -0.38 15.54
N VAL C 155 20.91 -0.09 16.71
CA VAL C 155 21.71 0.43 17.81
C VAL C 155 22.81 -0.55 18.18
N ARG C 156 22.50 -1.85 18.15
CA ARG C 156 23.46 -2.89 18.48
C ARG C 156 24.58 -2.95 17.45
N GLU C 157 24.24 -2.77 16.18
CA GLU C 157 25.29 -2.71 15.16
C GLU C 157 26.08 -1.41 15.24
N ILE C 158 25.40 -0.28 15.48
CA ILE C 158 26.14 0.99 15.55
C ILE C 158 27.13 0.95 16.71
N ASP C 159 26.70 0.44 17.87
CA ASP C 159 27.62 0.31 18.99
C ASP C 159 28.81 -0.59 18.66
N ARG C 160 28.63 -1.55 17.74
CA ARG C 160 29.71 -2.49 17.45
C ARG C 160 30.81 -1.85 16.59
N VAL C 161 30.45 -1.30 15.44
CA VAL C 161 31.46 -0.82 14.50
C VAL C 161 31.61 0.70 14.49
N GLY C 162 30.75 1.43 15.19
CA GLY C 162 30.87 2.87 15.28
C GLY C 162 32.17 3.38 15.88
N PRO C 163 32.70 2.76 16.93
CA PRO C 163 33.98 3.22 17.49
C PRO C 163 35.12 3.22 16.49
N HIS C 164 34.98 2.52 15.37
CA HIS C 164 36.04 2.50 14.39
C HIS C 164 36.39 3.91 13.94
N PRO C 165 37.68 4.24 13.82
CA PRO C 165 38.07 5.64 13.52
C PRO C 165 37.69 6.12 12.13
N GLN C 166 37.66 5.26 11.12
CA GLN C 166 37.30 5.65 9.76
C GLN C 166 35.81 5.52 9.46
N MET C 167 34.98 5.31 10.49
CA MET C 167 33.53 5.17 10.35
C MET C 167 32.91 6.50 10.76
N VAL C 168 32.30 7.21 9.80
CA VAL C 168 31.83 8.58 10.03
C VAL C 168 30.32 8.72 9.97
N GLN C 169 29.59 7.69 9.54
CA GLN C 169 28.20 7.84 9.11
C GLN C 169 27.40 6.60 9.42
N VAL C 170 26.18 6.78 9.94
CA VAL C 170 25.19 5.72 9.89
C VAL C 170 24.36 5.94 8.63
N MET C 171 24.20 4.87 7.84
CA MET C 171 23.53 4.94 6.53
C MET C 171 22.05 4.55 6.73
N MET C 172 21.18 5.56 6.77
CA MET C 172 19.74 5.33 6.77
C MET C 172 19.28 5.31 5.32
N SER C 173 19.36 4.13 4.70
CA SER C 173 18.83 3.92 3.36
C SER C 173 17.39 4.41 3.27
N ILE C 174 17.07 5.14 2.20
CA ILE C 174 15.74 5.72 2.06
C ILE C 174 14.80 4.67 1.46
N GLY C 175 13.88 4.19 2.29
CA GLY C 175 12.90 3.25 1.82
C GLY C 175 11.50 3.83 1.79
N ASN C 176 10.51 2.97 1.98
CA ASN C 176 9.12 3.41 1.99
C ASN C 176 8.63 3.59 3.43
N PHE C 177 9.44 4.26 4.23
CA PHE C 177 9.08 4.66 5.58
C PHE C 177 9.92 5.87 5.97
N ALA C 178 9.54 6.51 7.08
CA ALA C 178 10.12 7.79 7.46
C ALA C 178 11.00 7.57 8.68
N TRP C 179 12.29 7.85 8.52
CA TRP C 179 13.25 7.60 9.59
C TRP C 179 12.96 8.45 10.82
N GLY C 180 12.42 9.65 10.63
CA GLY C 180 12.18 10.55 11.75
C GLY C 180 11.08 10.11 12.70
N ASP C 181 10.37 9.02 12.36
CA ASP C 181 9.34 8.50 13.24
C ASP C 181 9.93 8.17 14.62
N PRO C 182 9.21 8.46 15.72
CA PRO C 182 9.78 8.25 17.05
C PRO C 182 10.29 6.82 17.32
N ARG C 183 9.96 5.88 16.43
CA ARG C 183 10.37 4.47 16.65
C ARG C 183 11.86 4.34 16.38
N PHE C 184 12.40 5.21 15.54
CA PHE C 184 13.81 5.10 15.15
C PHE C 184 14.66 6.08 15.97
N HIS C 185 14.08 6.73 16.97
CA HIS C 185 14.88 7.70 17.68
C HIS C 185 16.07 7.12 18.45
N PRO C 186 16.05 5.88 18.94
CA PRO C 186 17.29 5.32 19.53
C PRO C 186 18.44 5.24 18.57
N ILE C 187 18.17 5.11 17.27
CA ILE C 187 19.24 5.04 16.29
C ILE C 187 19.94 6.39 16.15
N PHE C 188 19.18 7.49 16.12
CA PHE C 188 19.82 8.80 16.09
C PHE C 188 20.66 9.03 17.34
N GLU C 189 20.17 8.57 18.49
CA GLU C 189 20.88 8.82 19.75
C GLU C 189 22.19 8.03 19.79
N ALA C 190 22.16 6.78 19.33
CA ALA C 190 23.39 6.01 19.19
C ALA C 190 24.39 6.74 18.29
N ALA C 191 23.91 7.32 17.18
CA ALA C 191 24.82 7.99 16.25
C ALA C 191 25.39 9.26 16.85
N GLU C 192 24.58 10.00 17.61
CA GLU C 192 25.13 11.16 18.28
C GLU C 192 26.03 10.75 19.44
N ARG C 193 25.60 9.72 20.18
CA ARG C 193 26.43 9.18 21.26
C ARG C 193 27.77 8.66 20.75
N HIS C 194 27.91 8.42 19.45
CA HIS C 194 29.16 7.96 18.86
C HIS C 194 29.79 8.99 17.91
N GLY C 195 29.34 10.24 17.93
CA GLY C 195 29.96 11.27 17.10
C GLY C 195 29.78 11.12 15.60
N LEU C 196 28.78 10.35 15.16
CA LEU C 196 28.53 10.07 13.76
C LEU C 196 27.45 10.99 13.19
N ALA C 197 27.58 11.28 11.90
CA ALA C 197 26.52 11.88 11.12
C ALA C 197 25.54 10.81 10.65
N ILE C 198 24.39 11.26 10.14
CA ILE C 198 23.46 10.39 9.43
C ILE C 198 23.62 10.68 7.94
N GLY C 199 23.97 9.65 7.19
CA GLY C 199 23.83 9.70 5.75
C GLY C 199 22.46 9.19 5.35
N MET C 200 21.98 9.65 4.19
CA MET C 200 20.70 9.22 3.70
C MET C 200 20.77 9.14 2.18
N HIS C 201 20.57 7.95 1.63
CA HIS C 201 20.72 7.71 0.21
C HIS C 201 19.55 6.84 -0.25
N LEU C 202 18.96 7.15 -1.40
CA LEU C 202 17.86 6.36 -1.94
C LEU C 202 18.25 4.89 -2.06
N SER C 203 17.22 4.07 -2.08
CA SER C 203 17.39 2.66 -2.31
C SER C 203 16.63 2.53 -3.60
N ALA C 204 16.61 1.35 -4.16
CA ALA C 204 15.94 1.17 -5.43
C ALA C 204 14.51 0.72 -5.25
N ASP C 205 14.03 0.72 -4.02
CA ASP C 205 12.70 0.22 -3.78
C ASP C 205 11.67 1.34 -3.59
N ILE C 206 12.08 2.59 -3.78
CA ILE C 206 11.16 3.70 -3.53
C ILE C 206 9.94 3.59 -4.44
N THR C 207 8.76 3.77 -3.85
CA THR C 207 7.52 3.92 -4.59
C THR C 207 6.83 5.21 -4.17
N PHE C 208 5.74 5.54 -4.84
CA PHE C 208 5.10 6.83 -4.59
C PHE C 208 3.64 6.65 -4.25
N GLN C 209 2.77 7.63 -4.49
CA GLN C 209 1.40 7.53 -4.02
C GLN C 209 0.79 6.22 -4.48
N GLY C 210 0.03 5.58 -3.59
CA GLY C 210 -0.55 4.29 -3.92
C GLY C 210 0.46 3.22 -4.26
N GLY C 211 1.73 3.40 -3.89
CA GLY C 211 2.79 2.43 -4.12
C GLY C 211 3.13 2.14 -5.56
N GLU C 212 2.82 3.03 -6.49
CA GLU C 212 3.16 2.68 -7.86
C GLU C 212 4.55 3.20 -8.23
N PHE C 213 5.15 2.55 -9.22
CA PHE C 213 6.51 2.84 -9.65
C PHE C 213 6.60 3.89 -10.75
N LEU C 214 5.46 4.32 -11.30
CA LEU C 214 5.38 5.32 -12.36
C LEU C 214 5.86 4.82 -13.71
N ARG C 215 5.83 3.50 -13.96
CA ARG C 215 5.86 2.92 -15.31
C ARG C 215 7.21 2.94 -16.04
N TYR C 216 7.99 4.00 -15.89
CA TYR C 216 9.26 4.18 -16.60
C TYR C 216 10.36 4.57 -15.62
N TYR C 217 11.59 4.13 -15.89
CA TYR C 217 12.69 4.55 -15.04
C TYR C 217 12.88 6.05 -15.09
N VAL C 218 12.68 6.64 -16.27
CA VAL C 218 12.93 8.06 -16.37
C VAL C 218 11.96 8.85 -15.51
N ALA C 219 10.74 8.32 -15.29
CA ALA C 219 9.77 8.96 -14.41
C ALA C 219 10.09 8.68 -12.95
N TRP C 220 10.39 7.43 -12.61
CA TRP C 220 10.84 7.07 -11.26
C TRP C 220 12.02 7.92 -10.83
N ARG C 221 13.00 8.08 -11.71
CA ARG C 221 14.16 8.90 -11.40
C ARG C 221 13.77 10.36 -11.16
N ALA C 222 12.85 10.91 -11.96
CA ALA C 222 12.41 12.28 -11.69
C ALA C 222 11.63 12.38 -10.39
N ALA C 223 11.03 11.28 -9.92
CA ALA C 223 10.21 11.37 -8.73
C ALA C 223 10.98 11.16 -7.45
N HIS C 224 12.08 10.43 -7.47
CA HIS C 224 12.53 9.96 -6.15
C HIS C 224 13.04 11.04 -5.21
N PRO C 225 13.43 12.27 -5.66
CA PRO C 225 13.72 13.33 -4.68
C PRO C 225 12.58 13.59 -3.69
N GLN C 226 11.35 13.25 -4.08
CA GLN C 226 10.20 13.32 -3.16
C GLN C 226 10.45 12.54 -1.88
N ALA C 227 11.02 11.33 -1.99
CA ALA C 227 11.32 10.56 -0.78
C ALA C 227 12.34 11.29 0.10
N TYR C 228 13.35 11.93 -0.51
CA TYR C 228 14.27 12.78 0.27
C TYR C 228 13.49 13.87 0.99
N MET C 229 12.61 14.56 0.26
CA MET C 229 11.83 15.64 0.87
C MET C 229 11.00 15.14 2.04
N THR C 230 10.44 13.95 1.94
CA THR C 230 9.64 13.36 3.04
C THR C 230 10.55 13.16 4.27
N GLN C 231 11.80 12.77 4.06
CA GLN C 231 12.64 12.50 5.23
C GLN C 231 12.98 13.78 5.97
N VAL C 232 13.23 14.89 5.25
CA VAL C 232 13.54 16.13 5.96
C VAL C 232 12.32 16.63 6.74
N ILE C 233 11.14 16.53 6.14
CA ILE C 233 9.90 16.81 6.87
C ILE C 233 9.80 15.91 8.09
N SER C 234 10.12 14.63 7.92
CA SER C 234 9.95 13.69 9.02
C SER C 234 10.94 13.97 10.16
N LEU C 235 12.21 14.24 9.81
CA LEU C 235 13.18 14.60 10.85
C LEU C 235 12.76 15.87 11.59
N ILE C 236 12.27 16.88 10.86
CA ILE C 236 12.00 18.15 11.52
C ILE C 236 10.76 18.03 12.40
N THR C 237 9.64 17.54 11.85
CA THR C 237 8.38 17.55 12.59
C THR C 237 8.40 16.59 13.76
N ASN C 238 9.24 15.58 13.76
CA ASN C 238 9.31 14.70 14.92
C ASN C 238 10.33 15.16 15.93
N GLY C 239 10.89 16.36 15.78
CA GLY C 239 11.79 16.91 16.77
C GLY C 239 13.12 16.20 16.93
N VAL C 240 13.57 15.46 15.93
CA VAL C 240 14.85 14.77 16.01
C VAL C 240 15.98 15.75 16.28
N PHE C 241 15.93 16.91 15.63
CA PHE C 241 16.97 17.93 15.79
C PHE C 241 16.81 18.79 17.03
N ASP C 242 15.65 18.77 17.70
CA ASP C 242 15.54 19.41 18.99
C ASP C 242 16.05 18.51 20.11
N LYS C 243 15.85 17.19 19.96
CA LYS C 243 16.39 16.20 20.90
C LYS C 243 17.90 16.13 20.84
N TYR C 244 18.45 16.10 19.62
CA TYR C 244 19.88 15.98 19.36
C TYR C 244 20.25 17.13 18.45
N PRO C 245 20.45 18.32 19.00
CA PRO C 245 20.70 19.48 18.14
C PRO C 245 22.06 19.45 17.50
N ASN C 246 22.95 18.56 17.92
CA ASN C 246 24.27 18.50 17.32
C ASN C 246 24.34 17.44 16.23
N LEU C 247 23.26 16.74 15.98
CA LEU C 247 23.25 15.76 14.90
C LEU C 247 23.11 16.46 13.56
N LYS C 248 23.86 15.97 12.58
CA LYS C 248 23.75 16.44 11.21
C LYS C 248 23.31 15.27 10.33
N VAL C 249 22.58 15.57 9.26
CA VAL C 249 22.10 14.53 8.37
C VAL C 249 22.44 14.94 6.96
N ALA C 250 23.14 14.08 6.24
CA ALA C 250 23.55 14.32 4.87
C ALA C 250 22.55 13.64 3.96
N LEU C 251 21.97 14.41 3.06
CA LEU C 251 21.06 13.91 2.06
C LEU C 251 21.92 13.72 0.84
N ILE C 252 22.06 12.50 0.39
CA ILE C 252 23.00 12.12 -0.65
C ILE C 252 22.22 11.70 -1.87
N GLU C 253 22.31 12.48 -2.94
CA GLU C 253 21.79 12.17 -4.27
C GLU C 253 20.31 12.50 -4.41
N GLY C 254 19.75 13.27 -3.49
CA GLY C 254 18.42 13.76 -3.67
C GLY C 254 18.35 15.06 -4.45
N GLY C 255 19.49 15.65 -4.80
CA GLY C 255 19.50 16.96 -5.44
C GLY C 255 19.47 18.03 -4.38
N PHE C 256 19.34 19.30 -4.80
CA PHE C 256 19.32 20.39 -3.83
C PHE C 256 18.52 21.59 -4.34
N GLU C 257 18.16 21.56 -5.62
CA GLU C 257 17.46 22.71 -6.19
C GLU C 257 16.10 22.90 -5.55
N TRP C 258 15.51 21.84 -5.01
CA TRP C 258 14.23 21.90 -4.32
C TRP C 258 14.36 22.40 -2.89
N VAL C 259 15.56 22.65 -2.41
CA VAL C 259 15.73 22.88 -0.98
C VAL C 259 15.10 24.20 -0.58
N PRO C 260 15.34 25.32 -1.28
CA PRO C 260 14.67 26.57 -0.85
C PRO C 260 13.15 26.45 -0.82
N PHE C 261 12.58 25.69 -1.74
CA PHE C 261 11.13 25.50 -1.74
C PHE C 261 10.67 24.84 -0.45
N MET C 262 11.34 23.74 -0.03
CA MET C 262 10.96 23.04 1.20
C MET C 262 11.14 23.92 2.44
N MET C 263 12.22 24.69 2.45
CA MET C 263 12.47 25.62 3.58
C MET C 263 11.32 26.62 3.67
N ASN C 264 10.92 27.19 2.54
CA ASN C 264 9.86 28.21 2.58
C ASN C 264 8.52 27.57 2.96
N ARG C 265 8.22 26.41 2.39
CA ARG C 265 6.92 25.81 2.64
C ARG C 265 6.77 25.46 4.12
N MET C 266 7.80 24.83 4.70
CA MET C 266 7.72 24.40 6.09
C MET C 266 7.71 25.58 7.06
N ASP C 267 8.46 26.64 6.75
CA ASP C 267 8.39 27.86 7.56
C ASP C 267 6.97 28.40 7.60
N ALA C 268 6.32 28.50 6.43
CA ALA C 268 4.98 29.06 6.37
C ALA C 268 3.99 28.14 7.05
N ALA C 269 4.15 26.83 6.89
CA ALA C 269 3.29 25.88 7.57
C ALA C 269 3.39 26.02 9.08
N TYR C 270 4.60 26.23 9.60
CA TYR C 270 4.83 26.28 11.03
C TYR C 270 4.51 27.64 11.65
N LYS C 271 4.42 28.70 10.85
CA LYS C 271 4.05 29.98 11.45
C LYS C 271 2.61 29.94 11.96
N GLY C 272 1.75 29.13 11.33
CA GLY C 272 0.38 29.06 11.80
C GLY C 272 0.07 27.94 12.78
N LEU C 273 0.87 26.88 12.77
CA LEU C 273 0.39 25.62 13.33
C LEU C 273 1.41 24.92 14.22
N ARG C 274 2.41 25.63 14.74
CA ARG C 274 3.46 24.98 15.52
C ARG C 274 2.94 24.27 16.78
N GLN C 275 1.77 24.66 17.30
CA GLN C 275 1.26 24.02 18.52
C GLN C 275 0.96 22.55 18.32
N GLU C 276 0.89 22.07 17.08
CA GLU C 276 0.66 20.66 16.86
C GLU C 276 1.89 19.83 17.25
N THR C 277 3.07 20.40 17.08
CA THR C 277 4.34 19.72 17.38
C THR C 277 5.17 20.64 18.25
N PRO C 278 4.78 20.82 19.51
CA PRO C 278 5.38 21.89 20.32
C PRO C 278 6.85 21.66 20.64
N TRP C 279 7.32 20.43 20.46
CA TRP C 279 8.71 20.08 20.73
C TRP C 279 9.68 20.65 19.70
N VAL C 280 9.17 21.19 18.60
CA VAL C 280 9.99 21.82 17.58
C VAL C 280 10.13 23.30 17.96
N LYS C 281 11.32 23.69 18.40
CA LYS C 281 11.51 25.01 18.97
C LYS C 281 11.91 26.06 17.94
N ARG C 282 12.53 25.66 16.84
CA ARG C 282 13.09 26.61 15.89
C ARG C 282 12.24 26.69 14.64
N MET C 283 12.67 27.54 13.73
CA MET C 283 12.02 27.65 12.43
C MET C 283 12.58 26.58 11.52
N PRO C 284 11.74 25.85 10.80
CA PRO C 284 12.24 24.75 9.96
C PRO C 284 13.45 25.09 9.10
N SER C 285 13.50 26.28 8.49
CA SER C 285 14.68 26.66 7.71
C SER C 285 15.95 26.70 8.55
N ASP C 286 15.82 26.76 9.88
CA ASP C 286 16.99 26.74 10.74
C ASP C 286 17.63 25.35 10.73
N TYR C 287 16.79 24.32 10.85
CA TYR C 287 17.32 22.97 10.86
C TYR C 287 17.94 22.61 9.51
N PHE C 288 17.49 23.25 8.43
CA PHE C 288 18.11 23.07 7.13
C PHE C 288 19.53 23.61 7.12
N ARG C 289 19.73 24.82 7.64
CA ARG C 289 21.06 25.41 7.67
C ARG C 289 21.93 24.76 8.72
N ASP C 290 21.39 24.52 9.90
CA ASP C 290 22.21 24.05 11.01
C ASP C 290 22.37 22.53 11.07
N ASN C 291 21.47 21.73 10.50
CA ASN C 291 21.52 20.29 10.73
C ASN C 291 21.57 19.39 9.49
N MET C 292 21.59 19.96 8.28
CA MET C 292 21.44 19.15 7.07
C MET C 292 22.42 19.59 6.00
N ARG C 293 22.99 18.62 5.30
CA ARG C 293 23.85 18.86 4.15
C ARG C 293 23.29 18.10 2.96
N PHE C 294 23.52 18.62 1.76
CA PHE C 294 22.97 18.06 0.54
C PHE C 294 24.06 17.91 -0.48
N SER C 295 24.07 16.79 -1.19
CA SER C 295 25.04 16.57 -2.24
C SER C 295 24.65 17.33 -3.50
N THR C 296 25.66 17.64 -4.34
CA THR C 296 25.44 18.33 -5.61
C THR C 296 25.11 17.39 -6.75
N GLN C 297 25.42 16.09 -6.59
CA GLN C 297 25.22 15.06 -7.59
C GLN C 297 23.78 14.54 -7.55
N PRO C 298 23.16 14.30 -8.72
CA PRO C 298 23.69 14.55 -10.06
C PRO C 298 23.69 16.02 -10.45
N TRP C 299 24.82 16.53 -10.91
CA TRP C 299 24.88 17.90 -11.36
C TRP C 299 24.20 18.03 -12.71
N HIS C 300 23.40 19.08 -12.83
CA HIS C 300 22.76 19.38 -14.12
C HIS C 300 23.26 20.75 -14.54
N ASP C 301 23.30 21.04 -15.84
CA ASP C 301 23.86 22.33 -16.32
C ASP C 301 23.12 23.49 -15.65
N ILE C 302 23.71 24.06 -14.61
CA ILE C 302 23.09 25.25 -13.97
C ILE C 302 24.00 26.44 -14.19
N SER C 303 23.47 27.51 -14.80
CA SER C 303 24.25 28.72 -14.93
C SER C 303 24.79 29.16 -13.57
N ALA C 304 25.91 29.90 -13.60
CA ALA C 304 26.44 30.43 -12.36
C ALA C 304 25.55 31.52 -11.80
N LYS C 305 24.78 32.20 -12.65
CA LYS C 305 23.78 33.13 -12.13
C LYS C 305 22.71 32.36 -11.35
N HIS C 306 22.19 31.27 -11.93
CA HIS C 306 21.11 30.53 -11.28
C HIS C 306 21.60 29.78 -10.04
N PHE C 307 22.82 29.22 -10.09
CA PHE C 307 23.39 28.56 -8.91
C PHE C 307 23.50 29.53 -7.74
N LEU C 308 24.01 30.75 -8.00
CA LEU C 308 24.20 31.71 -6.91
C LEU C 308 22.88 32.21 -6.35
N ASP C 309 21.88 32.38 -7.22
CA ASP C 309 20.52 32.59 -6.74
C ASP C 309 20.12 31.53 -5.73
N ILE C 310 20.35 30.25 -6.07
CA ILE C 310 19.90 29.15 -5.23
C ILE C 310 20.62 29.16 -3.88
N ILE C 311 21.94 29.40 -3.89
CA ILE C 311 22.65 29.57 -2.63
C ILE C 311 22.04 30.72 -1.84
N ASP C 312 21.66 31.80 -2.52
CA ASP C 312 21.13 32.93 -1.80
C ASP C 312 19.76 32.62 -1.22
N MET C 313 18.92 31.88 -1.98
CA MET C 313 17.64 31.39 -1.45
C MET C 313 17.84 30.40 -0.32
N MET C 314 19.03 29.87 -0.18
CA MET C 314 19.32 28.90 0.86
C MET C 314 19.65 29.62 2.17
N GLY C 315 20.15 30.86 2.09
CA GLY C 315 20.62 31.58 3.27
C GLY C 315 21.88 31.05 3.92
N SER C 316 22.66 30.22 3.22
CA SER C 316 23.92 29.72 3.74
C SER C 316 24.74 29.16 2.58
N ASP C 317 26.07 29.21 2.72
CA ASP C 317 26.94 28.47 1.82
C ASP C 317 27.57 27.27 2.50
N LYS C 318 27.05 26.89 3.67
CA LYS C 318 27.56 25.75 4.43
C LYS C 318 26.80 24.45 4.15
N MET C 319 25.89 24.43 3.18
CA MET C 319 24.91 23.36 3.08
C MET C 319 25.17 22.39 1.95
N LEU C 320 25.95 22.77 0.94
CA LEU C 320 26.19 21.92 -0.21
C LEU C 320 27.50 21.17 -0.06
N MET C 321 27.55 19.96 -0.61
CA MET C 321 28.75 19.14 -0.57
C MET C 321 28.96 18.52 -1.92
N PHE C 322 30.18 18.06 -2.17
CA PHE C 322 30.45 17.43 -3.44
C PHE C 322 30.39 15.92 -3.32
N SER C 323 30.01 15.28 -4.42
CA SER C 323 30.10 13.83 -4.52
C SER C 323 30.22 13.49 -5.99
N THR C 324 30.83 12.34 -6.26
CA THR C 324 30.99 11.86 -7.62
C THR C 324 29.98 10.79 -8.02
N ASP C 325 29.47 10.05 -7.03
CA ASP C 325 28.65 8.87 -7.25
C ASP C 325 29.39 7.81 -8.05
N TYR C 326 30.70 7.74 -7.89
CA TYR C 326 31.43 6.67 -8.53
C TYR C 326 30.96 5.33 -7.97
N PRO C 327 30.71 4.31 -8.83
CA PRO C 327 30.92 4.33 -10.29
C PRO C 327 29.69 4.48 -11.16
N HIS C 328 28.73 5.32 -10.81
CA HIS C 328 27.45 5.33 -11.50
C HIS C 328 27.51 6.19 -12.77
N TRP C 329 26.52 5.96 -13.66
CA TRP C 329 26.58 6.52 -15.02
C TRP C 329 26.61 8.05 -14.99
N ASP C 330 25.84 8.66 -14.09
CA ASP C 330 25.86 10.10 -13.95
C ASP C 330 26.96 10.60 -13.01
N PHE C 331 28.06 9.85 -12.93
CA PHE C 331 29.29 10.27 -12.27
C PHE C 331 29.65 11.73 -12.60
N ASP C 332 30.04 12.49 -11.58
CA ASP C 332 30.35 13.91 -11.68
C ASP C 332 31.85 14.12 -11.45
N ALA C 333 32.56 14.69 -12.44
CA ALA C 333 33.98 14.80 -12.10
C ALA C 333 34.25 16.07 -11.30
N PRO C 334 35.10 16.02 -10.25
CA PRO C 334 35.19 17.16 -9.32
C PRO C 334 35.71 18.47 -9.91
N LYS C 335 36.49 18.45 -10.99
CA LYS C 335 36.95 19.69 -11.63
C LYS C 335 36.12 20.07 -12.86
N ARG C 336 35.05 19.33 -13.16
CA ARG C 336 34.25 19.62 -14.33
C ARG C 336 32.80 19.96 -14.00
N THR C 337 32.40 19.94 -12.73
CA THR C 337 30.98 20.11 -12.37
C THR C 337 30.63 21.55 -11.99
N LEU C 338 31.23 22.10 -10.94
CA LEU C 338 30.80 23.39 -10.44
C LEU C 338 30.95 24.48 -11.50
N PRO C 339 30.07 25.48 -11.51
CA PRO C 339 30.18 26.56 -12.50
C PRO C 339 31.49 27.31 -12.32
N PRO C 340 32.18 27.64 -13.42
CA PRO C 340 33.56 28.13 -13.29
C PRO C 340 33.62 29.52 -12.69
N LYS C 341 32.58 30.33 -12.88
CA LYS C 341 32.53 31.70 -12.45
C LYS C 341 32.24 31.87 -10.96
N ILE C 342 32.21 30.83 -10.16
CA ILE C 342 31.93 31.06 -8.74
C ILE C 342 33.24 31.29 -8.01
N SER C 343 33.16 32.07 -6.94
CA SER C 343 34.33 32.42 -6.14
C SER C 343 35.08 31.16 -5.70
N ASP C 344 36.40 31.26 -5.61
CA ASP C 344 37.18 30.14 -5.10
C ASP C 344 36.80 29.82 -3.67
N ASP C 345 36.32 30.81 -2.91
CA ASP C 345 35.88 30.57 -1.53
C ASP C 345 34.72 29.58 -1.50
N LEU C 346 33.68 29.86 -2.28
CA LEU C 346 32.57 28.93 -2.44
C LEU C 346 33.07 27.59 -2.95
N LYS C 347 33.80 27.59 -4.07
CA LYS C 347 34.33 26.36 -4.66
C LYS C 347 34.97 25.47 -3.60
N ASN C 348 35.74 26.06 -2.68
CA ASN C 348 36.42 25.22 -1.70
C ASN C 348 35.46 24.77 -0.60
N LYS C 349 34.40 25.52 -0.35
CA LYS C 349 33.46 25.12 0.69
C LYS C 349 32.66 23.91 0.24
N ILE C 350 32.24 23.91 -1.02
CA ILE C 350 31.45 22.82 -1.56
C ILE C 350 32.34 21.62 -1.83
N LEU C 351 33.56 21.85 -2.31
CA LEU C 351 34.43 20.74 -2.65
C LEU C 351 35.05 20.08 -1.42
N TYR C 352 35.13 20.77 -0.29
CA TYR C 352 35.93 20.26 0.82
C TYR C 352 35.43 20.68 2.20
N GLU C 353 35.18 21.97 2.40
CA GLU C 353 35.06 22.44 3.78
C GLU C 353 33.74 22.04 4.41
N ASN C 354 32.64 22.08 3.65
CA ASN C 354 31.36 21.73 4.23
C ASN C 354 31.34 20.28 4.69
N ALA C 355 31.87 19.37 3.84
CA ALA C 355 32.00 17.97 4.21
C ALA C 355 32.97 17.77 5.37
N ARG C 356 34.12 18.44 5.31
CA ARG C 356 35.14 18.27 6.35
C ARG C 356 34.60 18.64 7.71
N GLU C 357 33.82 19.71 7.78
CA GLU C 357 33.17 20.07 9.04
C GLU C 357 32.15 19.00 9.46
N LEU C 358 31.42 18.44 8.50
CA LEU C 358 30.38 17.44 8.79
C LEU C 358 30.98 16.19 9.43
N TYR C 359 32.13 15.75 8.95
CA TYR C 359 32.71 14.50 9.38
C TYR C 359 33.84 14.70 10.37
N ASN C 360 33.97 15.89 10.96
CA ASN C 360 35.03 16.20 11.93
C ASN C 360 36.40 15.85 11.35
N LEU C 361 36.60 16.17 10.08
CA LEU C 361 37.79 15.75 9.34
C LEU C 361 38.89 16.79 9.46
N LYS D 18 -6.35 -42.20 -17.40
CA LYS D 18 -6.54 -42.39 -15.97
C LYS D 18 -6.11 -41.18 -15.10
N VAL D 19 -5.34 -40.23 -15.61
CA VAL D 19 -4.96 -39.04 -14.80
C VAL D 19 -4.66 -37.83 -15.69
N ILE D 20 -5.27 -36.70 -15.37
CA ILE D 20 -4.99 -35.39 -15.98
C ILE D 20 -4.29 -34.52 -14.94
N ASP D 21 -3.07 -34.07 -15.24
CA ASP D 21 -2.31 -33.24 -14.29
C ASP D 21 -2.54 -31.76 -14.57
N THR D 22 -3.09 -31.05 -13.58
CA THR D 22 -3.58 -29.70 -13.77
C THR D 22 -2.59 -28.62 -13.33
N ASP D 23 -1.44 -29.00 -12.78
CA ASP D 23 -0.40 -28.02 -12.46
C ASP D 23 0.98 -28.60 -12.77
N ILE D 24 1.57 -28.16 -13.89
CA ILE D 24 2.96 -28.44 -14.19
C ILE D 24 3.69 -27.14 -14.50
N HIS D 25 4.89 -26.99 -13.93
CA HIS D 25 5.68 -25.77 -14.08
C HIS D 25 6.91 -26.06 -14.93
N HIS D 26 6.71 -26.05 -16.24
CA HIS D 26 7.84 -25.94 -17.15
C HIS D 26 8.36 -24.51 -17.14
N ASP D 27 9.63 -24.38 -17.53
CA ASP D 27 10.25 -23.04 -17.46
C ASP D 27 11.35 -22.86 -18.48
N ILE D 28 11.75 -21.61 -18.69
CA ILE D 28 12.89 -21.28 -19.52
C ILE D 28 14.16 -21.53 -18.71
N ALA D 29 15.22 -21.97 -19.40
CA ALA D 29 16.50 -22.21 -18.73
C ALA D 29 17.25 -20.92 -18.42
N SER D 30 16.98 -19.86 -19.18
CA SER D 30 17.63 -18.57 -19.00
C SER D 30 16.74 -17.51 -19.67
N VAL D 31 17.02 -16.25 -19.34
CA VAL D 31 16.31 -15.15 -20.00
C VAL D 31 16.57 -15.19 -21.51
N ASP D 32 17.71 -15.75 -21.92
CA ASP D 32 18.05 -15.82 -23.34
C ASP D 32 17.01 -16.60 -24.16
N ASP D 33 16.35 -17.61 -23.56
CA ASP D 33 15.36 -18.37 -24.34
C ASP D 33 14.27 -17.48 -24.89
N LEU D 34 14.07 -16.29 -24.32
CA LEU D 34 13.07 -15.39 -24.84
C LEU D 34 13.54 -14.66 -26.10
N VAL D 35 14.85 -14.44 -26.23
CA VAL D 35 15.34 -13.50 -27.25
C VAL D 35 14.89 -13.87 -28.65
N PRO D 36 14.91 -15.13 -29.10
CA PRO D 36 14.40 -15.46 -30.45
C PRO D 36 12.98 -15.01 -30.71
N TYR D 37 12.11 -15.03 -29.70
CA TYR D 37 10.69 -14.74 -29.91
C TYR D 37 10.37 -13.27 -29.77
N LEU D 38 11.27 -12.49 -29.17
CA LEU D 38 11.06 -11.06 -29.04
C LEU D 38 11.40 -10.33 -30.34
N SER D 39 10.71 -9.22 -30.57
CA SER D 39 11.06 -8.36 -31.67
C SER D 39 12.40 -7.69 -31.40
N ASP D 40 12.92 -7.02 -32.43
CA ASP D 40 14.26 -6.44 -32.33
C ASP D 40 14.32 -5.37 -31.25
N HIS D 41 13.28 -4.52 -31.16
CA HIS D 41 13.23 -3.53 -30.09
C HIS D 41 13.38 -4.19 -28.73
N TRP D 42 12.70 -5.31 -28.51
CA TRP D 42 12.69 -5.88 -27.18
C TRP D 42 13.86 -6.83 -26.94
N LYS D 43 14.59 -7.20 -27.99
CA LYS D 43 15.74 -8.07 -27.77
C LYS D 43 16.82 -7.34 -26.98
N ARG D 44 16.99 -6.05 -27.24
CA ARG D 44 18.04 -5.31 -26.56
C ARG D 44 17.86 -5.33 -25.05
N TYR D 45 16.61 -5.42 -24.58
CA TYR D 45 16.36 -5.38 -23.14
C TYR D 45 17.01 -6.55 -22.43
N ILE D 46 17.07 -7.71 -23.07
CA ILE D 46 17.84 -8.84 -22.52
C ILE D 46 19.27 -8.82 -23.05
N THR D 47 19.44 -8.52 -24.33
CA THR D 47 20.75 -8.55 -24.97
C THR D 47 21.72 -7.56 -24.33
N GLU D 48 21.34 -6.28 -24.28
CA GLU D 48 22.28 -5.24 -23.89
C GLU D 48 21.83 -4.41 -22.70
N TYR D 49 20.55 -4.43 -22.30
CA TYR D 49 20.15 -3.73 -21.09
C TYR D 49 20.13 -4.66 -19.87
N ASN D 50 20.38 -5.95 -20.07
CA ASN D 50 20.59 -6.89 -18.99
C ASN D 50 19.34 -7.02 -18.12
N TRP D 51 18.19 -7.11 -18.75
CA TRP D 51 16.96 -7.27 -17.99
C TRP D 51 16.86 -8.67 -17.41
N LYS D 52 16.51 -8.75 -16.15
CA LYS D 52 16.22 -9.99 -15.47
C LYS D 52 14.89 -9.85 -14.75
N PRO D 53 14.12 -10.93 -14.65
CA PRO D 53 12.81 -10.85 -13.98
C PRO D 53 12.98 -10.79 -12.47
N ILE D 54 12.22 -9.88 -11.85
CA ILE D 54 12.35 -9.63 -10.42
C ILE D 54 11.29 -10.43 -9.69
N LYS D 55 11.63 -10.93 -8.51
CA LYS D 55 10.63 -11.40 -7.57
C LYS D 55 10.83 -10.62 -6.27
N THR D 56 9.73 -10.38 -5.57
CA THR D 56 9.73 -9.48 -4.44
C THR D 56 9.61 -10.19 -3.10
N THR D 57 9.31 -11.49 -3.10
CA THR D 57 9.31 -12.32 -1.90
C THR D 57 10.64 -12.26 -1.18
N PRO D 58 10.69 -11.80 0.06
CA PRO D 58 11.98 -11.65 0.76
C PRO D 58 12.46 -12.93 1.40
N PHE D 59 11.90 -14.06 0.99
CA PHE D 59 12.21 -15.31 1.67
C PHE D 59 11.75 -16.47 0.81
N HIS D 60 12.15 -17.68 1.19
CA HIS D 60 11.76 -18.89 0.47
C HIS D 60 12.06 -20.10 1.35
N GLN D 61 11.98 -21.30 0.76
CA GLN D 61 12.04 -22.55 1.50
C GLN D 61 13.42 -22.75 2.11
N VAL D 62 13.46 -22.82 3.45
CA VAL D 62 14.75 -22.98 4.18
C VAL D 62 15.22 -24.43 4.06
N ARG D 63 15.30 -24.93 2.82
CA ARG D 63 15.69 -26.33 2.59
C ARG D 63 16.66 -26.40 1.41
N SER D 64 17.61 -27.32 1.44
CA SER D 64 18.52 -27.49 0.28
C SER D 64 17.64 -27.80 -0.94
N GLY D 65 17.94 -27.19 -2.09
CA GLY D 65 17.10 -27.34 -3.25
C GLY D 65 15.92 -26.39 -3.31
N THR D 66 15.76 -25.52 -2.30
CA THR D 66 14.69 -24.52 -2.13
C THR D 66 13.31 -25.08 -2.49
N LYS D 67 12.69 -24.57 -3.56
CA LYS D 67 11.29 -24.90 -3.87
C LYS D 67 11.13 -26.12 -4.80
N TYR D 68 12.12 -27.02 -4.84
CA TYR D 68 12.16 -28.05 -5.87
C TYR D 68 12.36 -29.43 -5.26
N ARG D 69 11.90 -30.43 -6.01
CA ARG D 69 12.31 -31.80 -5.73
C ARG D 69 13.81 -31.91 -5.96
N GLY D 70 14.48 -32.68 -5.10
CA GLY D 70 15.92 -32.87 -5.26
C GLY D 70 16.28 -33.48 -6.61
N ASP D 71 15.53 -34.47 -7.05
CA ASP D 71 15.79 -35.22 -8.28
C ASP D 71 15.42 -34.48 -9.55
N SER D 72 15.12 -33.17 -9.48
CA SER D 72 14.63 -32.45 -10.65
C SER D 72 15.68 -31.58 -11.33
N PHE D 73 16.87 -31.43 -10.73
CA PHE D 73 17.84 -30.53 -11.32
C PHE D 73 18.53 -31.14 -12.53
N GLY D 74 18.86 -32.43 -12.45
CA GLY D 74 19.64 -33.05 -13.51
C GLY D 74 21.11 -33.11 -13.15
N GLU D 75 21.98 -33.16 -14.17
CA GLU D 75 23.42 -33.30 -13.95
C GLU D 75 24.24 -32.22 -14.65
N SER D 76 23.60 -31.20 -15.22
CA SER D 76 24.31 -30.12 -15.92
C SER D 76 23.65 -28.77 -15.66
N LYS D 77 23.13 -28.60 -14.44
CA LYS D 77 22.75 -27.30 -13.88
C LYS D 77 21.59 -26.62 -14.61
N ARG D 78 20.81 -27.37 -15.41
CA ARG D 78 19.62 -26.78 -16.00
C ARG D 78 18.56 -26.54 -14.93
N PRO D 79 17.78 -25.46 -15.04
CA PRO D 79 16.71 -25.20 -14.05
C PRO D 79 15.62 -26.26 -14.15
N PRO D 80 15.17 -26.79 -13.01
CA PRO D 80 14.10 -27.80 -13.04
C PRO D 80 12.86 -27.28 -13.76
N GLY D 81 12.30 -28.12 -14.62
CA GLY D 81 11.19 -27.73 -15.47
C GLY D 81 11.57 -27.17 -16.82
N SER D 82 12.86 -26.89 -17.06
CA SER D 82 13.30 -26.34 -18.34
C SER D 82 13.74 -27.41 -19.35
N ASP D 83 14.16 -28.58 -18.87
CA ASP D 83 14.53 -29.70 -19.73
C ASP D 83 13.29 -30.49 -20.10
N PHE D 84 13.00 -30.56 -21.41
CA PHE D 84 11.81 -31.27 -21.87
C PHE D 84 11.88 -32.76 -21.54
N GLU D 85 13.03 -33.39 -21.76
CA GLU D 85 13.09 -34.84 -21.67
C GLU D 85 13.01 -35.31 -20.23
N LEU D 86 13.65 -34.58 -19.30
CA LEU D 86 13.47 -34.89 -17.89
C LEU D 86 12.01 -34.80 -17.49
N LEU D 87 11.26 -33.87 -18.10
CA LEU D 87 9.82 -33.79 -17.89
C LEU D 87 9.13 -35.04 -18.42
N LYS D 88 9.44 -35.44 -19.66
CA LYS D 88 8.83 -36.63 -20.25
C LYS D 88 9.19 -37.87 -19.46
N LYS D 89 10.43 -37.97 -19.00
CA LYS D 89 10.84 -39.16 -18.24
C LYS D 89 10.25 -39.12 -16.83
N GLN D 90 10.66 -38.16 -16.01
CA GLN D 90 10.28 -38.16 -14.56
C GLN D 90 8.77 -38.01 -14.31
N LEU D 91 8.07 -37.27 -15.15
CA LEU D 91 6.66 -36.99 -14.90
C LEU D 91 5.78 -37.75 -15.88
N LEU D 92 5.76 -37.34 -17.15
CA LEU D 92 4.78 -37.84 -18.11
C LEU D 92 4.79 -39.37 -18.19
N ASP D 93 5.97 -39.95 -18.39
CA ASP D 93 6.08 -41.41 -18.53
C ASP D 93 6.02 -42.09 -17.17
N GLU D 94 6.92 -41.72 -16.26
CA GLU D 94 7.10 -42.44 -15.01
C GLU D 94 5.83 -42.47 -14.16
N HIS D 95 5.06 -41.39 -14.15
CA HIS D 95 3.84 -41.37 -13.36
C HIS D 95 2.58 -41.53 -14.21
N GLU D 96 2.75 -41.78 -15.51
CA GLU D 96 1.66 -42.26 -16.37
C GLU D 96 0.59 -41.19 -16.56
N ILE D 97 1.03 -39.98 -16.87
CA ILE D 97 0.11 -38.86 -17.07
C ILE D 97 -0.62 -39.02 -18.40
N THR D 98 -1.94 -38.87 -18.38
CA THR D 98 -2.74 -38.88 -19.60
C THR D 98 -2.59 -37.57 -20.35
N TYR D 99 -2.83 -36.46 -19.65
CA TYR D 99 -2.72 -35.11 -20.18
C TYR D 99 -2.16 -34.22 -19.09
N GLY D 100 -1.12 -33.45 -19.42
CA GLY D 100 -0.57 -32.46 -18.51
C GLY D 100 -0.96 -31.05 -18.94
N VAL D 101 -1.33 -30.23 -17.97
CA VAL D 101 -1.66 -28.83 -18.22
C VAL D 101 -0.50 -27.98 -17.71
N LEU D 102 0.21 -27.33 -18.63
CA LEU D 102 1.42 -26.61 -18.29
C LEU D 102 1.08 -25.23 -17.73
N GLY D 103 1.59 -24.93 -16.53
CA GLY D 103 1.32 -23.65 -15.90
C GLY D 103 2.37 -22.59 -16.18
N GLY D 104 3.60 -23.05 -16.43
CA GLY D 104 4.72 -22.17 -16.64
C GLY D 104 5.25 -21.65 -15.33
N TRP D 105 6.26 -20.79 -15.45
CA TRP D 105 6.78 -20.03 -14.33
C TRP D 105 7.01 -18.60 -14.77
N PHE D 106 6.03 -18.06 -15.49
CA PHE D 106 6.15 -16.78 -16.15
C PHE D 106 5.23 -15.74 -15.52
N HIS D 107 4.74 -15.99 -14.30
CA HIS D 107 3.81 -15.06 -13.69
C HIS D 107 4.40 -13.68 -13.55
N GLU D 108 5.74 -13.56 -13.55
CA GLU D 108 6.38 -12.25 -13.47
C GLU D 108 5.83 -11.27 -14.50
N ALA D 109 5.49 -11.75 -15.69
CA ALA D 109 5.00 -10.84 -16.71
C ALA D 109 3.59 -10.35 -16.39
N THR D 110 2.78 -11.17 -15.73
CA THR D 110 1.42 -10.76 -15.44
C THR D 110 1.38 -9.79 -14.28
N VAL D 111 2.20 -10.02 -13.26
CA VAL D 111 2.18 -9.21 -12.05
C VAL D 111 3.26 -8.13 -12.08
N ALA D 112 3.74 -7.80 -13.27
CA ALA D 112 4.77 -6.79 -13.39
C ALA D 112 4.24 -5.45 -12.89
N THR D 113 5.14 -4.67 -12.27
CA THR D 113 4.77 -3.39 -11.65
C THR D 113 5.33 -2.18 -12.40
N GLY D 114 5.89 -2.38 -13.59
CA GLY D 114 6.43 -1.31 -14.41
C GLY D 114 6.95 -1.95 -15.68
N TRP D 115 7.28 -1.10 -16.66
CA TRP D 115 7.58 -1.58 -18.01
C TRP D 115 6.48 -2.53 -18.48
N PHE D 116 5.29 -1.96 -18.67
CA PHE D 116 4.17 -2.78 -19.07
C PHE D 116 4.21 -3.09 -20.55
N GLU D 117 4.83 -2.23 -21.36
CA GLU D 117 4.93 -2.55 -22.78
C GLU D 117 5.86 -3.76 -22.99
N PHE D 118 7.02 -3.74 -22.34
CA PHE D 118 7.91 -4.89 -22.40
C PHE D 118 7.24 -6.14 -21.87
N ALA D 119 6.38 -6.00 -20.85
CA ALA D 119 5.75 -7.17 -20.23
C ALA D 119 4.82 -7.88 -21.21
N ALA D 120 4.03 -7.11 -21.96
CA ALA D 120 3.21 -7.71 -23.01
C ALA D 120 4.08 -8.41 -24.06
N ALA D 121 5.22 -7.81 -24.43
CA ALA D 121 6.16 -8.48 -25.32
C ALA D 121 6.58 -9.83 -24.75
N ARG D 122 7.00 -9.85 -23.48
CA ARG D 122 7.45 -11.10 -22.87
C ARG D 122 6.32 -12.13 -22.82
N ALA D 123 5.09 -11.67 -22.56
CA ALA D 123 3.96 -12.58 -22.52
C ALA D 123 3.90 -13.40 -23.79
N ALA D 124 3.70 -12.74 -24.93
CA ALA D 124 3.67 -13.43 -26.22
C ALA D 124 4.89 -14.31 -26.43
N ALA D 125 6.07 -13.84 -26.01
CA ALA D 125 7.27 -14.65 -26.15
C ALA D 125 7.20 -15.94 -25.32
N TYR D 126 6.71 -15.86 -24.08
CA TYR D 126 6.52 -17.08 -23.28
C TYR D 126 5.59 -18.06 -24.00
N ASN D 127 4.45 -17.57 -24.47
CA ASN D 127 3.53 -18.43 -25.21
C ASN D 127 4.19 -19.03 -26.44
N ASP D 128 4.99 -18.24 -27.18
CA ASP D 128 5.72 -18.78 -28.33
C ASP D 128 6.63 -19.93 -27.91
N TYR D 129 7.35 -19.77 -26.80
CA TYR D 129 8.29 -20.79 -26.36
C TYR D 129 7.56 -22.04 -25.90
N THR D 130 6.42 -21.89 -25.20
CA THR D 130 5.70 -23.07 -24.77
C THR D 130 5.07 -23.79 -25.96
N ILE D 131 4.60 -23.04 -26.96
CA ILE D 131 4.05 -23.66 -28.16
C ILE D 131 5.14 -24.40 -28.91
N GLU D 132 6.23 -23.70 -29.24
CA GLU D 132 7.26 -24.28 -30.10
C GLU D 132 7.98 -25.42 -29.40
N GLN D 133 8.46 -25.18 -28.19
CA GLN D 133 9.44 -26.06 -27.59
C GLN D 133 8.86 -27.05 -26.59
N TRP D 134 7.53 -27.04 -26.36
CA TRP D 134 6.91 -27.99 -25.43
C TRP D 134 5.63 -28.61 -26.01
N LEU D 135 4.69 -27.77 -26.43
CA LEU D 135 3.40 -28.26 -26.89
C LEU D 135 3.56 -29.15 -28.12
N ASN D 136 4.38 -28.73 -29.08
CA ASN D 136 4.52 -29.47 -30.32
C ASN D 136 5.47 -30.65 -30.21
N LYS D 137 6.10 -30.85 -29.05
CA LYS D 137 7.00 -31.97 -28.83
C LYS D 137 6.34 -33.11 -28.04
N ASP D 138 5.06 -33.03 -27.73
CA ASP D 138 4.37 -34.11 -27.03
C ASP D 138 2.87 -33.88 -27.04
N GLU D 139 2.12 -34.95 -27.19
CA GLU D 139 0.67 -34.81 -27.39
C GLU D 139 -0.07 -34.68 -26.08
N ARG D 140 0.49 -35.22 -25.01
CA ARG D 140 -0.12 -35.21 -23.69
C ARG D 140 -0.04 -33.84 -23.01
N LEU D 141 0.66 -32.87 -23.61
CA LEU D 141 0.88 -31.57 -23.01
C LEU D 141 -0.15 -30.59 -23.54
N LEU D 142 -0.77 -29.84 -22.62
CA LEU D 142 -1.68 -28.77 -22.96
C LEU D 142 -1.12 -27.44 -22.47
N GLY D 143 -1.66 -26.35 -23.01
CA GLY D 143 -1.06 -25.06 -22.72
C GLY D 143 -1.91 -24.08 -21.94
N SER D 144 -1.24 -23.10 -21.35
CA SER D 144 -1.88 -21.96 -20.69
C SER D 144 -1.30 -20.67 -21.28
N ILE D 145 -2.18 -19.76 -21.68
CA ILE D 145 -1.77 -18.48 -22.22
C ILE D 145 -1.26 -17.58 -21.10
N THR D 146 -0.03 -17.08 -21.25
CA THR D 146 0.52 -16.06 -20.38
C THR D 146 0.03 -14.70 -20.87
N ILE D 147 -0.65 -13.95 -20.01
CA ILE D 147 -1.14 -12.64 -20.40
C ILE D 147 -0.48 -11.52 -19.61
N PRO D 148 -0.33 -10.32 -20.18
CA PRO D 148 -0.10 -9.14 -19.35
C PRO D 148 -1.39 -8.78 -18.61
N ALA D 149 -1.26 -7.91 -17.62
CA ALA D 149 -2.45 -7.55 -16.84
C ALA D 149 -3.37 -6.63 -17.65
N ASP D 150 -2.79 -5.72 -18.45
CA ASP D 150 -3.53 -4.75 -19.25
C ASP D 150 -4.61 -5.43 -20.08
N PRO D 151 -5.87 -5.03 -19.97
CA PRO D 151 -6.94 -5.76 -20.70
C PRO D 151 -6.75 -5.77 -22.21
N VAL D 152 -6.39 -4.64 -22.81
CA VAL D 152 -6.30 -4.57 -24.27
C VAL D 152 -5.21 -5.51 -24.80
N ALA D 153 -3.99 -5.41 -24.24
CA ALA D 153 -2.92 -6.33 -24.64
C ALA D 153 -3.32 -7.79 -24.42
N ALA D 154 -4.02 -8.08 -23.32
CA ALA D 154 -4.33 -9.47 -22.97
C ALA D 154 -5.27 -10.09 -23.99
N VAL D 155 -6.35 -9.38 -24.34
CA VAL D 155 -7.28 -9.88 -25.36
C VAL D 155 -6.52 -10.14 -26.67
N ARG D 156 -5.61 -9.22 -27.02
CA ARG D 156 -4.83 -9.38 -28.25
C ARG D 156 -4.00 -10.65 -28.22
N GLU D 157 -3.39 -10.95 -27.08
CA GLU D 157 -2.58 -12.15 -26.98
C GLU D 157 -3.44 -13.41 -26.90
N ILE D 158 -4.64 -13.32 -26.33
CA ILE D 158 -5.54 -14.46 -26.31
C ILE D 158 -6.05 -14.76 -27.72
N ASP D 159 -6.45 -13.72 -28.47
CA ASP D 159 -6.88 -13.96 -29.85
C ASP D 159 -5.75 -14.56 -30.68
N ARG D 160 -4.51 -14.22 -30.35
CA ARG D 160 -3.37 -14.65 -31.17
C ARG D 160 -3.12 -16.15 -31.02
N VAL D 161 -3.03 -16.62 -29.79
CA VAL D 161 -2.55 -17.98 -29.54
C VAL D 161 -3.61 -18.89 -28.91
N GLY D 162 -4.78 -18.36 -28.53
CA GLY D 162 -5.87 -19.18 -28.06
C GLY D 162 -6.42 -20.17 -29.05
N PRO D 163 -6.52 -19.81 -30.35
CA PRO D 163 -6.96 -20.80 -31.34
C PRO D 163 -6.05 -22.00 -31.50
N HIS D 164 -4.89 -22.04 -30.85
CA HIS D 164 -4.06 -23.23 -30.92
C HIS D 164 -4.79 -24.42 -30.28
N PRO D 165 -4.64 -25.63 -30.82
CA PRO D 165 -5.42 -26.77 -30.29
C PRO D 165 -5.11 -27.10 -28.85
N GLN D 166 -3.83 -27.30 -28.50
CA GLN D 166 -3.44 -27.73 -27.16
C GLN D 166 -3.48 -26.59 -26.14
N MET D 167 -3.90 -25.39 -26.53
CA MET D 167 -4.10 -24.28 -25.60
C MET D 167 -5.50 -24.37 -25.00
N VAL D 168 -5.58 -24.52 -23.68
CA VAL D 168 -6.86 -24.74 -23.02
C VAL D 168 -7.21 -23.66 -21.99
N GLN D 169 -6.25 -22.89 -21.48
CA GLN D 169 -6.43 -22.05 -20.30
C GLN D 169 -5.80 -20.68 -20.47
N VAL D 170 -6.50 -19.65 -20.02
CA VAL D 170 -5.86 -18.35 -19.83
C VAL D 170 -5.38 -18.26 -18.39
N MET D 171 -4.11 -17.89 -18.20
CA MET D 171 -3.48 -17.88 -16.87
C MET D 171 -3.56 -16.47 -16.27
N MET D 172 -4.53 -16.28 -15.39
CA MET D 172 -4.61 -15.08 -14.56
C MET D 172 -3.79 -15.33 -13.30
N SER D 173 -2.50 -15.04 -13.38
CA SER D 173 -1.64 -15.14 -12.21
C SER D 173 -2.24 -14.32 -11.08
N ILE D 174 -2.17 -14.85 -9.85
CA ILE D 174 -2.77 -14.17 -8.71
C ILE D 174 -1.73 -13.23 -8.12
N GLY D 175 -1.91 -11.93 -8.34
CA GLY D 175 -1.07 -10.93 -7.74
C GLY D 175 -1.77 -10.12 -6.67
N ASN D 176 -1.44 -8.84 -6.58
CA ASN D 176 -2.02 -7.98 -5.55
C ASN D 176 -3.17 -7.16 -6.09
N PHE D 177 -3.97 -7.75 -6.98
CA PHE D 177 -5.17 -7.13 -7.49
C PHE D 177 -6.19 -8.23 -7.78
N ALA D 178 -7.41 -7.83 -8.07
CA ALA D 178 -8.54 -8.76 -8.17
C ALA D 178 -8.98 -8.82 -9.62
N TRP D 179 -8.93 -10.02 -10.19
CA TRP D 179 -9.23 -10.19 -11.61
C TRP D 179 -10.69 -9.93 -11.92
N GLY D 180 -11.60 -10.20 -10.98
CA GLY D 180 -13.00 -10.02 -11.32
C GLY D 180 -13.43 -8.58 -11.47
N ASP D 181 -12.57 -7.61 -11.18
CA ASP D 181 -12.92 -6.20 -11.37
C ASP D 181 -13.34 -5.95 -12.82
N PRO D 182 -14.40 -5.15 -13.04
CA PRO D 182 -14.87 -4.91 -14.42
C PRO D 182 -13.80 -4.49 -15.41
N ARG D 183 -12.72 -3.87 -14.91
CA ARG D 183 -11.59 -3.51 -15.77
C ARG D 183 -11.11 -4.69 -16.63
N PHE D 184 -11.23 -5.91 -16.12
CA PHE D 184 -10.67 -7.10 -16.73
C PHE D 184 -11.70 -7.96 -17.46
N HIS D 185 -12.94 -7.52 -17.54
CA HIS D 185 -13.96 -8.41 -18.09
C HIS D 185 -13.80 -8.66 -19.59
N PRO D 186 -13.17 -7.75 -20.37
CA PRO D 186 -12.77 -8.14 -21.74
C PRO D 186 -11.95 -9.41 -21.81
N ILE D 187 -11.07 -9.63 -20.85
CA ILE D 187 -10.23 -10.83 -20.86
C ILE D 187 -11.07 -12.08 -20.66
N PHE D 188 -12.07 -12.03 -19.76
CA PHE D 188 -12.98 -13.18 -19.60
C PHE D 188 -13.78 -13.42 -20.86
N GLU D 189 -14.29 -12.34 -21.48
CA GLU D 189 -15.05 -12.47 -22.72
C GLU D 189 -14.19 -13.08 -23.83
N ALA D 190 -12.94 -12.64 -23.95
CA ALA D 190 -12.04 -13.23 -24.94
C ALA D 190 -11.83 -14.71 -24.69
N ALA D 191 -11.86 -15.15 -23.42
CA ALA D 191 -11.59 -16.54 -23.09
C ALA D 191 -12.78 -17.43 -23.35
N GLU D 192 -13.99 -16.88 -23.21
CA GLU D 192 -15.19 -17.62 -23.56
C GLU D 192 -15.37 -17.64 -25.08
N ARG D 193 -15.25 -16.49 -25.72
CA ARG D 193 -15.26 -16.41 -27.18
C ARG D 193 -14.23 -17.36 -27.81
N HIS D 194 -13.32 -17.96 -27.03
CA HIS D 194 -12.36 -18.93 -27.56
C HIS D 194 -12.46 -20.29 -26.87
N GLY D 195 -13.54 -20.55 -26.15
CA GLY D 195 -13.72 -21.87 -25.55
C GLY D 195 -12.60 -22.30 -24.61
N LEU D 196 -11.94 -21.36 -23.97
CA LEU D 196 -10.93 -21.65 -22.96
C LEU D 196 -11.48 -21.44 -21.57
N ALA D 197 -10.84 -22.12 -20.62
CA ALA D 197 -11.08 -21.91 -19.20
C ALA D 197 -10.18 -20.81 -18.68
N ILE D 198 -10.39 -20.43 -17.43
CA ILE D 198 -9.52 -19.52 -16.71
C ILE D 198 -8.80 -20.33 -15.64
N GLY D 199 -7.49 -20.27 -15.66
CA GLY D 199 -6.67 -20.80 -14.59
C GLY D 199 -6.16 -19.66 -13.72
N MET D 200 -5.81 -20.00 -12.50
CA MET D 200 -5.44 -18.99 -11.53
C MET D 200 -4.45 -19.66 -10.58
N HIS D 201 -3.23 -19.16 -10.56
CA HIS D 201 -2.15 -19.75 -9.79
C HIS D 201 -1.37 -18.63 -9.12
N LEU D 202 -0.92 -18.87 -7.88
CA LEU D 202 -0.29 -17.82 -7.10
C LEU D 202 0.99 -17.32 -7.79
N SER D 203 1.27 -16.02 -7.62
CA SER D 203 2.58 -15.42 -7.85
C SER D 203 3.42 -15.56 -6.61
N ALA D 204 4.71 -15.29 -6.74
CA ALA D 204 5.52 -15.13 -5.55
C ALA D 204 5.41 -13.73 -4.96
N ASP D 205 4.52 -12.88 -5.48
CA ASP D 205 4.45 -11.48 -5.07
C ASP D 205 3.27 -11.17 -4.17
N ILE D 206 2.44 -12.17 -3.83
CA ILE D 206 1.26 -11.93 -3.00
C ILE D 206 1.67 -11.35 -1.66
N THR D 207 1.00 -10.26 -1.26
CA THR D 207 1.13 -9.65 0.05
C THR D 207 -0.25 -9.53 0.67
N PHE D 208 -0.27 -9.23 1.98
CA PHE D 208 -1.54 -9.21 2.70
C PHE D 208 -1.78 -7.86 3.36
N GLN D 209 -2.53 -7.80 4.46
CA GLN D 209 -3.04 -6.52 4.93
C GLN D 209 -1.92 -5.51 5.11
N GLY D 210 -2.10 -4.34 4.49
CA GLY D 210 -1.05 -3.33 4.50
C GLY D 210 0.21 -3.72 3.75
N GLY D 211 0.12 -4.63 2.78
CA GLY D 211 1.27 -5.00 1.97
C GLY D 211 2.44 -5.67 2.68
N GLU D 212 2.23 -6.26 3.85
CA GLU D 212 3.36 -6.90 4.50
C GLU D 212 3.43 -8.38 4.12
N PHE D 213 4.62 -8.95 4.30
CA PHE D 213 4.89 -10.30 3.83
C PHE D 213 4.76 -11.37 4.92
N LEU D 214 4.60 -10.96 6.19
CA LEU D 214 4.43 -11.81 7.36
C LEU D 214 5.72 -12.46 7.83
N ARG D 215 6.89 -11.87 7.49
CA ARG D 215 8.18 -12.12 8.12
C ARG D 215 8.88 -13.44 7.77
N TYR D 216 8.12 -14.51 7.60
CA TYR D 216 8.68 -15.84 7.41
C TYR D 216 7.98 -16.53 6.24
N TYR D 217 8.75 -17.26 5.43
CA TYR D 217 8.11 -17.99 4.34
C TYR D 217 7.02 -18.93 4.88
N VAL D 218 7.26 -19.57 6.03
CA VAL D 218 6.27 -20.52 6.53
C VAL D 218 4.98 -19.80 6.85
N ALA D 219 5.07 -18.53 7.24
CA ALA D 219 3.88 -17.73 7.49
C ALA D 219 3.23 -17.29 6.18
N TRP D 220 4.04 -16.82 5.22
CA TRP D 220 3.51 -16.43 3.92
C TRP D 220 2.78 -17.60 3.24
N ARG D 221 3.39 -18.78 3.25
CA ARG D 221 2.76 -19.97 2.67
C ARG D 221 1.41 -20.23 3.33
N ALA D 222 1.35 -20.15 4.67
CA ALA D 222 0.08 -20.36 5.34
C ALA D 222 -0.95 -19.31 4.93
N ALA D 223 -0.51 -18.13 4.48
CA ALA D 223 -1.42 -17.02 4.21
C ALA D 223 -1.94 -16.97 2.77
N HIS D 224 -1.19 -17.43 1.78
CA HIS D 224 -1.63 -17.03 0.44
C HIS D 224 -2.94 -17.62 -0.08
N PRO D 225 -3.52 -18.70 0.48
CA PRO D 225 -4.89 -19.05 0.07
C PRO D 225 -5.88 -17.91 0.23
N GLN D 226 -5.56 -16.92 1.08
CA GLN D 226 -6.38 -15.71 1.20
C GLN D 226 -6.55 -15.02 -0.15
N ALA D 227 -5.47 -14.90 -0.92
CA ALA D 227 -5.60 -14.29 -2.24
C ALA D 227 -6.51 -15.08 -3.17
N TYR D 228 -6.50 -16.42 -3.07
CA TYR D 228 -7.46 -17.23 -3.83
C TYR D 228 -8.89 -16.90 -3.42
N MET D 229 -9.14 -16.89 -2.11
CA MET D 229 -10.47 -16.54 -1.61
C MET D 229 -10.94 -15.19 -2.13
N THR D 230 -10.03 -14.24 -2.23
CA THR D 230 -10.40 -12.90 -2.75
C THR D 230 -10.73 -13.02 -4.25
N GLN D 231 -10.08 -13.92 -4.96
CA GLN D 231 -10.41 -14.03 -6.39
C GLN D 231 -11.83 -14.59 -6.60
N VAL D 232 -12.24 -15.60 -5.81
CA VAL D 232 -13.61 -16.14 -6.00
C VAL D 232 -14.63 -15.11 -5.55
N ILE D 233 -14.35 -14.37 -4.47
CA ILE D 233 -15.24 -13.28 -4.07
C ILE D 233 -15.39 -12.29 -5.20
N SER D 234 -14.28 -11.93 -5.84
CA SER D 234 -14.29 -10.88 -6.84
C SER D 234 -14.93 -11.36 -8.14
N LEU D 235 -14.70 -12.62 -8.51
CA LEU D 235 -15.40 -13.19 -9.67
C LEU D 235 -16.92 -13.16 -9.48
N ILE D 236 -17.40 -13.51 -8.29
CA ILE D 236 -18.84 -13.63 -8.09
C ILE D 236 -19.50 -12.25 -7.98
N THR D 237 -19.02 -11.40 -7.07
CA THR D 237 -19.73 -10.16 -6.81
C THR D 237 -19.71 -9.23 -7.99
N ASN D 238 -18.74 -9.39 -8.89
CA ASN D 238 -18.67 -8.58 -10.07
C ASN D 238 -19.44 -9.18 -11.24
N GLY D 239 -20.17 -10.26 -11.00
CA GLY D 239 -21.07 -10.84 -11.98
C GLY D 239 -20.39 -11.49 -13.15
N VAL D 240 -19.11 -11.83 -13.02
CA VAL D 240 -18.39 -12.47 -14.12
C VAL D 240 -19.14 -13.69 -14.62
N PHE D 241 -19.57 -14.55 -13.69
CA PHE D 241 -20.28 -15.79 -14.05
C PHE D 241 -21.72 -15.57 -14.48
N ASP D 242 -22.35 -14.45 -14.12
CA ASP D 242 -23.66 -14.13 -14.69
C ASP D 242 -23.54 -13.61 -16.11
N LYS D 243 -22.43 -12.97 -16.47
CA LYS D 243 -22.21 -12.47 -17.82
C LYS D 243 -21.85 -13.61 -18.77
N TYR D 244 -20.88 -14.44 -18.36
CA TYR D 244 -20.43 -15.61 -19.11
C TYR D 244 -20.69 -16.85 -18.26
N PRO D 245 -21.91 -17.37 -18.28
CA PRO D 245 -22.24 -18.47 -17.35
C PRO D 245 -21.61 -19.78 -17.75
N ASN D 246 -21.01 -19.88 -18.93
CA ASN D 246 -20.30 -21.06 -19.36
C ASN D 246 -18.84 -21.05 -18.95
N LEU D 247 -18.35 -19.93 -18.44
CA LEU D 247 -16.95 -19.83 -18.12
C LEU D 247 -16.66 -20.57 -16.82
N LYS D 248 -15.53 -21.28 -16.80
CA LYS D 248 -15.07 -22.01 -15.63
C LYS D 248 -13.70 -21.49 -15.23
N VAL D 249 -13.44 -21.44 -13.92
CA VAL D 249 -12.19 -20.93 -13.38
C VAL D 249 -11.57 -22.01 -12.50
N ALA D 250 -10.38 -22.43 -12.87
CA ALA D 250 -9.63 -23.40 -12.08
C ALA D 250 -8.79 -22.66 -11.07
N LEU D 251 -8.89 -23.05 -9.81
CA LEU D 251 -8.06 -22.50 -8.76
C LEU D 251 -7.01 -23.57 -8.57
N ILE D 252 -5.76 -23.20 -8.52
CA ILE D 252 -4.66 -24.15 -8.58
C ILE D 252 -3.66 -23.79 -7.50
N GLU D 253 -3.59 -24.62 -6.46
CA GLU D 253 -2.60 -24.54 -5.39
C GLU D 253 -3.03 -23.58 -4.28
N GLY D 254 -4.32 -23.23 -4.28
CA GLY D 254 -4.91 -22.57 -3.14
C GLY D 254 -5.46 -23.51 -2.12
N GLY D 255 -5.52 -24.80 -2.45
CA GLY D 255 -6.15 -25.77 -1.60
C GLY D 255 -7.65 -25.74 -1.78
N PHE D 256 -8.33 -26.58 -0.99
CA PHE D 256 -9.79 -26.68 -1.12
C PHE D 256 -10.52 -26.76 0.21
N GLU D 257 -9.86 -27.08 1.31
CA GLU D 257 -10.55 -27.31 2.58
C GLU D 257 -11.31 -26.07 3.04
N TRP D 258 -10.97 -24.91 2.51
CA TRP D 258 -11.63 -23.66 2.86
C TRP D 258 -12.81 -23.36 1.97
N VAL D 259 -13.05 -24.15 0.91
CA VAL D 259 -14.17 -23.87 0.03
C VAL D 259 -15.51 -23.91 0.77
N PRO D 260 -15.85 -24.95 1.54
CA PRO D 260 -17.15 -24.91 2.23
C PRO D 260 -17.32 -23.68 3.11
N PHE D 261 -16.30 -23.28 3.85
CA PHE D 261 -16.41 -22.07 4.66
C PHE D 261 -16.83 -20.87 3.81
N MET D 262 -16.24 -20.74 2.63
CA MET D 262 -16.50 -19.59 1.76
C MET D 262 -17.87 -19.66 1.09
N MET D 263 -18.32 -20.86 0.72
CA MET D 263 -19.65 -21.03 0.13
C MET D 263 -20.72 -20.58 1.11
N ASN D 264 -20.61 -21.01 2.37
CA ASN D 264 -21.62 -20.64 3.37
C ASN D 264 -21.58 -19.16 3.68
N ARG D 265 -20.37 -18.58 3.78
CA ARG D 265 -20.26 -17.19 4.19
C ARG D 265 -20.76 -16.27 3.09
N MET D 266 -20.53 -16.62 1.84
CA MET D 266 -21.02 -15.77 0.77
C MET D 266 -22.52 -15.95 0.58
N ASP D 267 -23.05 -17.15 0.85
CA ASP D 267 -24.49 -17.39 0.77
C ASP D 267 -25.24 -16.58 1.82
N ALA D 268 -24.77 -16.65 3.06
CA ALA D 268 -25.35 -15.84 4.13
C ALA D 268 -25.26 -14.35 3.80
N ALA D 269 -24.08 -13.87 3.40
CA ALA D 269 -23.89 -12.46 3.11
C ALA D 269 -24.87 -11.96 2.06
N TYR D 270 -25.14 -12.79 1.05
CA TYR D 270 -26.00 -12.39 -0.06
C TYR D 270 -27.48 -12.49 0.26
N LYS D 271 -27.87 -13.24 1.30
CA LYS D 271 -29.28 -13.38 1.58
C LYS D 271 -29.92 -12.02 1.87
N GLY D 272 -29.25 -11.18 2.64
CA GLY D 272 -29.84 -9.91 2.99
C GLY D 272 -29.31 -8.70 2.25
N LEU D 273 -28.31 -8.87 1.37
CA LEU D 273 -27.63 -7.75 0.77
C LEU D 273 -27.55 -7.83 -0.75
N ARG D 274 -28.26 -8.76 -1.39
CA ARG D 274 -28.08 -8.99 -2.83
C ARG D 274 -28.37 -7.75 -3.68
N GLN D 275 -29.17 -6.79 -3.18
CA GLN D 275 -29.52 -5.59 -3.94
C GLN D 275 -28.32 -4.65 -4.17
N GLU D 276 -27.21 -4.83 -3.45
CA GLU D 276 -26.02 -4.05 -3.76
C GLU D 276 -25.42 -4.46 -5.10
N THR D 277 -25.56 -5.73 -5.49
CA THR D 277 -25.04 -6.25 -6.75
C THR D 277 -26.16 -7.01 -7.45
N PRO D 278 -27.14 -6.29 -8.02
CA PRO D 278 -28.33 -6.98 -8.55
C PRO D 278 -28.04 -7.81 -9.79
N TRP D 279 -26.87 -7.64 -10.39
CA TRP D 279 -26.52 -8.42 -11.57
C TRP D 279 -26.17 -9.87 -11.23
N VAL D 280 -25.92 -10.16 -9.95
CA VAL D 280 -25.67 -11.51 -9.48
C VAL D 280 -27.02 -12.20 -9.35
N LYS D 281 -27.27 -13.22 -10.17
CA LYS D 281 -28.60 -13.82 -10.21
C LYS D 281 -28.74 -15.06 -9.33
N ARG D 282 -27.65 -15.79 -9.06
CA ARG D 282 -27.74 -17.06 -8.37
C ARG D 282 -27.23 -16.94 -6.94
N MET D 283 -27.34 -18.05 -6.22
CA MET D 283 -26.76 -18.18 -4.89
C MET D 283 -25.25 -18.35 -5.05
N PRO D 284 -24.44 -17.60 -4.30
CA PRO D 284 -22.98 -17.73 -4.47
C PRO D 284 -22.47 -19.16 -4.51
N SER D 285 -22.98 -20.04 -3.64
CA SER D 285 -22.52 -21.43 -3.68
C SER D 285 -22.83 -22.10 -5.01
N ASP D 286 -23.75 -21.54 -5.80
CA ASP D 286 -24.03 -22.11 -7.11
C ASP D 286 -22.87 -21.87 -8.07
N TYR D 287 -22.28 -20.68 -8.06
CA TYR D 287 -21.15 -20.43 -8.95
C TYR D 287 -19.92 -21.23 -8.55
N PHE D 288 -19.80 -21.60 -7.27
CA PHE D 288 -18.75 -22.52 -6.85
C PHE D 288 -18.93 -23.89 -7.50
N ARG D 289 -20.16 -24.43 -7.45
CA ARG D 289 -20.40 -25.77 -7.97
C ARG D 289 -20.35 -25.80 -9.50
N ASP D 290 -20.95 -24.81 -10.14
CA ASP D 290 -21.05 -24.81 -11.59
C ASP D 290 -19.80 -24.23 -12.28
N ASN D 291 -19.26 -23.11 -11.79
CA ASN D 291 -18.25 -22.38 -12.56
C ASN D 291 -16.82 -22.45 -12.00
N MET D 292 -16.54 -23.31 -11.03
CA MET D 292 -15.28 -23.21 -10.28
C MET D 292 -14.67 -24.59 -10.08
N ARG D 293 -13.35 -24.70 -10.24
CA ARG D 293 -12.65 -25.97 -9.99
C ARG D 293 -11.43 -25.75 -9.10
N PHE D 294 -11.03 -26.78 -8.37
CA PHE D 294 -9.99 -26.61 -7.34
C PHE D 294 -9.04 -27.79 -7.36
N SER D 295 -7.75 -27.49 -7.39
CA SER D 295 -6.73 -28.52 -7.37
C SER D 295 -6.51 -29.01 -5.94
N THR D 296 -6.12 -30.28 -5.83
CA THR D 296 -5.93 -30.97 -4.55
C THR D 296 -4.55 -30.69 -3.95
N GLN D 297 -3.57 -30.29 -4.80
CA GLN D 297 -2.20 -30.02 -4.35
C GLN D 297 -2.11 -28.65 -3.69
N PRO D 298 -1.36 -28.52 -2.58
CA PRO D 298 -0.69 -29.60 -1.84
C PRO D 298 -1.66 -30.46 -1.05
N TRP D 299 -1.38 -31.76 -1.05
CA TRP D 299 -2.17 -32.69 -0.27
C TRP D 299 -1.60 -32.77 1.14
N HIS D 300 -2.39 -32.35 2.11
CA HIS D 300 -2.06 -32.57 3.52
C HIS D 300 -2.82 -33.81 3.95
N ASP D 301 -2.20 -34.63 4.81
CA ASP D 301 -2.80 -35.91 5.11
C ASP D 301 -4.17 -35.74 5.76
N ILE D 302 -5.21 -36.11 5.01
CA ILE D 302 -6.60 -36.00 5.46
C ILE D 302 -7.19 -37.39 5.47
N SER D 303 -7.77 -37.78 6.59
CA SER D 303 -8.49 -39.05 6.69
C SER D 303 -9.63 -39.11 5.68
N ALA D 304 -10.01 -40.32 5.28
CA ALA D 304 -11.07 -40.46 4.30
C ALA D 304 -12.41 -39.98 4.84
N LYS D 305 -12.68 -40.20 6.13
CA LYS D 305 -13.89 -39.63 6.74
C LYS D 305 -13.93 -38.13 6.50
N HIS D 306 -12.85 -37.44 6.90
CA HIS D 306 -12.85 -35.99 6.84
C HIS D 306 -12.90 -35.50 5.42
N PHE D 307 -12.16 -36.14 4.52
CA PHE D 307 -12.24 -35.80 3.10
C PHE D 307 -13.66 -35.95 2.57
N LEU D 308 -14.33 -37.03 2.95
CA LEU D 308 -15.71 -37.25 2.53
C LEU D 308 -16.66 -36.25 3.18
N ASP D 309 -16.39 -35.86 4.43
CA ASP D 309 -17.12 -34.75 5.01
C ASP D 309 -16.98 -33.50 4.13
N ILE D 310 -15.76 -33.16 3.74
CA ILE D 310 -15.54 -31.90 2.95
C ILE D 310 -16.34 -31.95 1.65
N ILE D 311 -16.31 -33.09 0.95
CA ILE D 311 -17.08 -33.22 -0.32
C ILE D 311 -18.56 -33.00 -0.02
N ASP D 312 -19.07 -33.61 1.04
CA ASP D 312 -20.49 -33.45 1.40
C ASP D 312 -20.75 -31.98 1.65
N MET D 313 -19.78 -31.31 2.26
CA MET D 313 -19.91 -29.87 2.56
C MET D 313 -19.92 -29.01 1.31
N MET D 314 -19.40 -29.51 0.19
CA MET D 314 -19.48 -28.75 -1.06
C MET D 314 -20.72 -29.08 -1.88
N GLY D 315 -21.39 -30.19 -1.58
CA GLY D 315 -22.56 -30.58 -2.35
C GLY D 315 -22.26 -30.96 -3.79
N SER D 316 -21.02 -31.35 -4.10
CA SER D 316 -20.66 -31.77 -5.44
C SER D 316 -19.37 -32.58 -5.38
N ASP D 317 -19.25 -33.57 -6.28
CA ASP D 317 -17.99 -34.26 -6.51
C ASP D 317 -17.34 -33.83 -7.82
N LYS D 318 -17.92 -32.83 -8.50
CA LYS D 318 -17.40 -32.31 -9.75
C LYS D 318 -16.34 -31.24 -9.56
N MET D 319 -16.01 -30.86 -8.33
CA MET D 319 -15.28 -29.63 -8.09
C MET D 319 -13.79 -29.82 -7.85
N LEU D 320 -13.32 -31.04 -7.63
CA LEU D 320 -11.94 -31.27 -7.26
C LEU D 320 -11.19 -31.92 -8.41
N MET D 321 -10.02 -31.40 -8.73
CA MET D 321 -9.14 -31.93 -9.77
C MET D 321 -7.80 -32.33 -9.19
N PHE D 322 -7.00 -33.02 -9.99
CA PHE D 322 -5.70 -33.46 -9.51
C PHE D 322 -4.57 -32.67 -10.13
N SER D 323 -3.48 -32.54 -9.37
CA SER D 323 -2.27 -31.93 -9.86
C SER D 323 -1.09 -32.44 -9.03
N THR D 324 0.06 -32.55 -9.70
CA THR D 324 1.28 -32.97 -9.03
C THR D 324 2.10 -31.80 -8.50
N ASP D 325 2.01 -30.65 -9.19
CA ASP D 325 2.90 -29.51 -8.98
C ASP D 325 4.35 -29.89 -9.28
N TYR D 326 4.55 -30.68 -10.32
CA TYR D 326 5.91 -30.98 -10.74
C TYR D 326 6.48 -29.73 -11.38
N PRO D 327 7.72 -29.31 -11.03
CA PRO D 327 8.73 -30.00 -10.20
C PRO D 327 8.93 -29.54 -8.75
N HIS D 328 7.90 -29.07 -8.05
CA HIS D 328 8.16 -28.44 -6.77
C HIS D 328 8.27 -29.48 -5.65
N TRP D 329 8.77 -29.04 -4.50
CA TRP D 329 9.13 -29.96 -3.43
C TRP D 329 7.92 -30.66 -2.83
N ASP D 330 6.78 -29.98 -2.75
CA ASP D 330 5.56 -30.62 -2.25
C ASP D 330 4.81 -31.31 -3.38
N PHE D 331 5.55 -31.71 -4.42
CA PHE D 331 5.06 -32.59 -5.47
C PHE D 331 4.19 -33.69 -4.89
N ASP D 332 3.11 -34.03 -5.61
CA ASP D 332 2.11 -35.00 -5.14
C ASP D 332 1.99 -36.12 -6.18
N ALA D 333 2.46 -37.34 -5.84
CA ALA D 333 2.42 -38.46 -6.79
C ALA D 333 0.99 -38.94 -7.00
N PRO D 334 0.56 -39.19 -8.25
CA PRO D 334 -0.88 -39.44 -8.49
C PRO D 334 -1.42 -40.74 -7.88
N LYS D 335 -0.58 -41.67 -7.46
CA LYS D 335 -1.05 -42.91 -6.84
C LYS D 335 -0.89 -42.90 -5.33
N ARG D 336 -0.26 -41.88 -4.76
CA ARG D 336 0.08 -41.86 -3.35
C ARG D 336 -0.71 -40.83 -2.55
N THR D 337 -1.53 -40.00 -3.18
CA THR D 337 -2.09 -38.84 -2.50
C THR D 337 -3.51 -39.05 -1.98
N LEU D 338 -4.44 -39.47 -2.83
CA LEU D 338 -5.82 -39.59 -2.41
C LEU D 338 -5.96 -40.65 -1.32
N PRO D 339 -6.92 -40.50 -0.42
CA PRO D 339 -7.08 -41.47 0.66
C PRO D 339 -7.58 -42.80 0.10
N PRO D 340 -7.01 -43.94 0.55
CA PRO D 340 -7.34 -45.21 -0.10
C PRO D 340 -8.81 -45.63 0.03
N LYS D 341 -9.44 -45.34 1.17
CA LYS D 341 -10.78 -45.83 1.47
C LYS D 341 -11.90 -45.18 0.64
N ILE D 342 -11.62 -44.49 -0.46
CA ILE D 342 -12.66 -43.72 -1.15
C ILE D 342 -13.02 -44.42 -2.44
N SER D 343 -14.27 -44.22 -2.88
CA SER D 343 -14.83 -44.98 -3.99
C SER D 343 -13.96 -44.82 -5.25
N ASP D 344 -13.93 -45.87 -6.06
CA ASP D 344 -13.21 -45.76 -7.33
C ASP D 344 -13.79 -44.67 -8.20
N ASP D 345 -15.10 -44.41 -8.03
CA ASP D 345 -15.76 -43.39 -8.83
C ASP D 345 -15.27 -41.99 -8.45
N LEU D 346 -15.10 -41.73 -7.15
CA LEU D 346 -14.49 -40.49 -6.71
C LEU D 346 -13.06 -40.39 -7.20
N LYS D 347 -12.29 -41.48 -7.07
CA LYS D 347 -10.92 -41.46 -7.57
C LYS D 347 -10.86 -41.04 -9.04
N ASN D 348 -11.78 -41.55 -9.86
CA ASN D 348 -11.70 -41.22 -11.29
C ASN D 348 -12.16 -39.80 -11.55
N LYS D 349 -13.16 -39.32 -10.80
CA LYS D 349 -13.64 -37.96 -11.04
C LYS D 349 -12.56 -36.94 -10.67
N ILE D 350 -11.80 -37.22 -9.62
CA ILE D 350 -10.80 -36.25 -9.20
C ILE D 350 -9.54 -36.39 -10.04
N LEU D 351 -9.17 -37.61 -10.41
CA LEU D 351 -7.93 -37.79 -11.16
C LEU D 351 -8.08 -37.47 -12.64
N TYR D 352 -9.30 -37.33 -13.14
CA TYR D 352 -9.46 -37.31 -14.59
C TYR D 352 -10.74 -36.62 -15.00
N GLU D 353 -11.88 -37.13 -14.53
CA GLU D 353 -13.15 -36.72 -15.12
C GLU D 353 -13.41 -35.24 -14.93
N ASN D 354 -13.29 -34.72 -13.71
CA ASN D 354 -13.57 -33.30 -13.48
C ASN D 354 -12.68 -32.45 -14.37
N ALA D 355 -11.36 -32.68 -14.30
CA ALA D 355 -10.43 -32.06 -15.22
C ALA D 355 -10.91 -32.15 -16.66
N ARG D 356 -11.30 -33.34 -17.09
CA ARG D 356 -11.60 -33.59 -18.50
C ARG D 356 -12.84 -32.83 -18.94
N GLU D 357 -13.91 -32.78 -18.12
CA GLU D 357 -15.04 -31.92 -18.45
C GLU D 357 -14.60 -30.47 -18.57
N LEU D 358 -13.73 -30.03 -17.64
CA LEU D 358 -13.25 -28.64 -17.62
C LEU D 358 -12.57 -28.26 -18.93
N TYR D 359 -11.75 -29.15 -19.47
CA TYR D 359 -10.90 -28.78 -20.60
C TYR D 359 -11.42 -29.31 -21.93
N ASN D 360 -12.66 -29.81 -21.97
CA ASN D 360 -13.27 -30.32 -23.19
C ASN D 360 -12.39 -31.39 -23.82
N LEU D 361 -11.96 -32.32 -22.97
CA LEU D 361 -10.89 -33.23 -23.32
C LEU D 361 -11.41 -34.62 -23.65
#